data_5NG4
# 
_entry.id   5NG4 
# 
_audit_conform.dict_name       mmcif_pdbx.dic 
_audit_conform.dict_version    5.399 
_audit_conform.dict_location   http://mmcif.pdb.org/dictionaries/ascii/mmcif_pdbx.dic 
# 
loop_
_database_2.database_id 
_database_2.database_code 
_database_2.pdbx_database_accession 
_database_2.pdbx_DOI 
PDB   5NG4         pdb_00005ng4 10.2210/pdb5ng4/pdb 
WWPDB D_1200003938 ?            ?                   
# 
loop_
_pdbx_audit_revision_history.ordinal 
_pdbx_audit_revision_history.data_content_type 
_pdbx_audit_revision_history.major_revision 
_pdbx_audit_revision_history.minor_revision 
_pdbx_audit_revision_history.revision_date 
1 'Structure model' 1 0 2018-05-02 
2 'Structure model' 1 1 2018-09-05 
3 'Structure model' 1 2 2018-10-03 
4 'Structure model' 1 3 2024-11-20 
# 
_pdbx_audit_revision_details.ordinal             1 
_pdbx_audit_revision_details.revision_ordinal    1 
_pdbx_audit_revision_details.data_content_type   'Structure model' 
_pdbx_audit_revision_details.provider            repository 
_pdbx_audit_revision_details.type                'Initial release' 
_pdbx_audit_revision_details.description         ? 
_pdbx_audit_revision_details.details             ? 
# 
loop_
_pdbx_audit_revision_group.ordinal 
_pdbx_audit_revision_group.revision_ordinal 
_pdbx_audit_revision_group.data_content_type 
_pdbx_audit_revision_group.group 
1 2 'Structure model' 'Data collection'     
2 2 'Structure model' 'Database references' 
3 3 'Structure model' 'Data collection'     
4 3 'Structure model' 'Database references' 
5 4 'Structure model' 'Data collection'     
6 4 'Structure model' 'Database references' 
7 4 'Structure model' 'Structure summary'   
# 
loop_
_pdbx_audit_revision_category.ordinal 
_pdbx_audit_revision_category.revision_ordinal 
_pdbx_audit_revision_category.data_content_type 
_pdbx_audit_revision_category.category 
1 2 'Structure model' citation                  
2 3 'Structure model' citation                  
3 4 'Structure model' chem_comp_atom            
4 4 'Structure model' chem_comp_bond            
5 4 'Structure model' database_2                
6 4 'Structure model' pdbx_entry_details        
7 4 'Structure model' pdbx_modification_feature 
# 
loop_
_pdbx_audit_revision_item.ordinal 
_pdbx_audit_revision_item.revision_ordinal 
_pdbx_audit_revision_item.data_content_type 
_pdbx_audit_revision_item.item 
1  2 'Structure model' '_citation.country'                   
2  2 'Structure model' '_citation.journal_abbrev'            
3  2 'Structure model' '_citation.journal_id_CSD'            
4  2 'Structure model' '_citation.journal_id_ISSN'           
5  2 'Structure model' '_citation.pdbx_database_id_DOI'      
6  2 'Structure model' '_citation.pdbx_database_id_PubMed'   
7  2 'Structure model' '_citation.title'                     
8  2 'Structure model' '_citation.year'                      
9  3 'Structure model' '_citation.journal_volume'            
10 4 'Structure model' '_database_2.pdbx_DOI'                
11 4 'Structure model' '_database_2.pdbx_database_accession' 
# 
_pdbx_database_status.status_code                     REL 
_pdbx_database_status.status_code_sf                  REL 
_pdbx_database_status.status_code_mr                  ? 
_pdbx_database_status.entry_id                        5NG4 
_pdbx_database_status.recvd_initial_deposition_date   2017-03-16 
_pdbx_database_status.SG_entry                        N 
_pdbx_database_status.deposit_site                    PDBE 
_pdbx_database_status.process_site                    PDBE 
_pdbx_database_status.status_code_cs                  ? 
_pdbx_database_status.methods_development_category    ? 
_pdbx_database_status.pdb_format_compatible           Y 
_pdbx_database_status.status_code_nmr_data            ? 
# 
loop_
_audit_author.name 
_audit_author.pdbx_ordinal 
_audit_author.identifier_ORCID 
'Kraatz, S.H.W.'  1 ? 
'Bianchi, S.'     2 ? 
'Steinmetz, M.O.' 3 ? 
# 
_citation.abstract                  ? 
_citation.abstract_id_CAS           ? 
_citation.book_id_ISBN              ? 
_citation.book_publisher            ? 
_citation.book_publisher_city       ? 
_citation.book_title                ? 
_citation.coordinate_linkage        ? 
_citation.country                   US 
_citation.database_id_Medline       ? 
_citation.details                   ? 
_citation.id                        primary 
_citation.journal_abbrev            'Biosci. Rep.' 
_citation.journal_id_ASTM           ? 
_citation.journal_id_CSD            ? 
_citation.journal_id_ISSN           1573-4935 
_citation.journal_full              ? 
_citation.journal_issue             ? 
_citation.journal_volume            38 
_citation.language                  ? 
_citation.page_first                ? 
_citation.page_last                 ? 
_citation.title                     
'Combinatorial use of disulfide bridges and native sulfur-SAD phasing for rapid structure determination of coiled-coils.' 
_citation.year                      2018 
_citation.database_id_CSD           ? 
_citation.pdbx_database_id_DOI      10.1042/BSR20181073 
_citation.pdbx_database_id_PubMed   30135143 
_citation.unpublished_flag          ? 
# 
loop_
_citation_author.citation_id 
_citation_author.name 
_citation_author.ordinal 
_citation_author.identifier_ORCID 
primary 'Kraatz, S.H.W.'  1 ? 
primary 'Bianchi, S.'     2 ? 
primary 'Steinmetz, M.O.' 3 ? 
# 
loop_
_entity.id 
_entity.type 
_entity.src_method 
_entity.pdbx_description 
_entity.formula_weight 
_entity.pdbx_number_of_molecules 
_entity.pdbx_ec 
_entity.pdbx_mutation 
_entity.pdbx_fragment 
_entity.details 
1 polymer man 'Centrosomal protein of 135 kDa' 7727.894 2  ? ? ? ? 
2 water   nat water                            18.015   96 ? ? ? ? 
# 
_entity_name_com.entity_id   1 
_entity_name_com.name        'Cep135,Centrosomal protein 4' 
# 
_entity_poly.entity_id                      1 
_entity_poly.type                           'polypeptide(L)' 
_entity_poly.nstd_linkage                   no 
_entity_poly.nstd_monomer                   no 
_entity_poly.pdbx_seq_one_letter_code       GSNNELYLELMKLREHSDQHVKELKTSLKKCARETADLKFLNNQYAHKLKLLEKESKAKNERIQQ 
_entity_poly.pdbx_seq_one_letter_code_can   GSNNELYLELMKLREHSDQHVKELKTSLKKCARETADLKFLNNQYAHKLKLLEKESKAKNERIQQ 
_entity_poly.pdbx_strand_id                 A,B 
_entity_poly.pdbx_target_identifier         ? 
# 
_pdbx_entity_nonpoly.entity_id   2 
_pdbx_entity_nonpoly.name        water 
_pdbx_entity_nonpoly.comp_id     HOH 
# 
loop_
_entity_poly_seq.entity_id 
_entity_poly_seq.num 
_entity_poly_seq.mon_id 
_entity_poly_seq.hetero 
1 1  GLY n 
1 2  SER n 
1 3  ASN n 
1 4  ASN n 
1 5  GLU n 
1 6  LEU n 
1 7  TYR n 
1 8  LEU n 
1 9  GLU n 
1 10 LEU n 
1 11 MET n 
1 12 LYS n 
1 13 LEU n 
1 14 ARG n 
1 15 GLU n 
1 16 HIS n 
1 17 SER n 
1 18 ASP n 
1 19 GLN n 
1 20 HIS n 
1 21 VAL n 
1 22 LYS n 
1 23 GLU n 
1 24 LEU n 
1 25 LYS n 
1 26 THR n 
1 27 SER n 
1 28 LEU n 
1 29 LYS n 
1 30 LYS n 
1 31 CYS n 
1 32 ALA n 
1 33 ARG n 
1 34 GLU n 
1 35 THR n 
1 36 ALA n 
1 37 ASP n 
1 38 LEU n 
1 39 LYS n 
1 40 PHE n 
1 41 LEU n 
1 42 ASN n 
1 43 ASN n 
1 44 GLN n 
1 45 TYR n 
1 46 ALA n 
1 47 HIS n 
1 48 LYS n 
1 49 LEU n 
1 50 LYS n 
1 51 LEU n 
1 52 LEU n 
1 53 GLU n 
1 54 LYS n 
1 55 GLU n 
1 56 SER n 
1 57 LYS n 
1 58 ALA n 
1 59 LYS n 
1 60 ASN n 
1 61 GLU n 
1 62 ARG n 
1 63 ILE n 
1 64 GLN n 
1 65 GLN n 
# 
_entity_src_gen.entity_id                          1 
_entity_src_gen.pdbx_src_id                        1 
_entity_src_gen.pdbx_alt_source_flag               sample 
_entity_src_gen.pdbx_seq_type                      'Biological sequence' 
_entity_src_gen.pdbx_beg_seq_num                   1 
_entity_src_gen.pdbx_end_seq_num                   65 
_entity_src_gen.gene_src_common_name               Human 
_entity_src_gen.gene_src_genus                     ? 
_entity_src_gen.pdbx_gene_src_gene                 'CEP135, CEP4, KIAA0635' 
_entity_src_gen.gene_src_species                   ? 
_entity_src_gen.gene_src_strain                    ? 
_entity_src_gen.gene_src_tissue                    ? 
_entity_src_gen.gene_src_tissue_fraction           ? 
_entity_src_gen.gene_src_details                   ? 
_entity_src_gen.pdbx_gene_src_fragment             ? 
_entity_src_gen.pdbx_gene_src_scientific_name      'Homo sapiens' 
_entity_src_gen.pdbx_gene_src_ncbi_taxonomy_id     9606 
_entity_src_gen.pdbx_gene_src_variant              ? 
_entity_src_gen.pdbx_gene_src_cell_line            ? 
_entity_src_gen.pdbx_gene_src_atcc                 ? 
_entity_src_gen.pdbx_gene_src_organ                ? 
_entity_src_gen.pdbx_gene_src_organelle            ? 
_entity_src_gen.pdbx_gene_src_cell                 ? 
_entity_src_gen.pdbx_gene_src_cellular_location    ? 
_entity_src_gen.host_org_common_name               ? 
_entity_src_gen.pdbx_host_org_scientific_name      'Escherichia coli BL21(DE3)' 
_entity_src_gen.pdbx_host_org_ncbi_taxonomy_id     469008 
_entity_src_gen.host_org_genus                     ? 
_entity_src_gen.pdbx_host_org_gene                 ? 
_entity_src_gen.pdbx_host_org_organ                ? 
_entity_src_gen.host_org_species                   ? 
_entity_src_gen.pdbx_host_org_tissue               ? 
_entity_src_gen.pdbx_host_org_tissue_fraction      ? 
_entity_src_gen.pdbx_host_org_strain               ? 
_entity_src_gen.pdbx_host_org_variant              ? 
_entity_src_gen.pdbx_host_org_cell_line            ? 
_entity_src_gen.pdbx_host_org_atcc                 ? 
_entity_src_gen.pdbx_host_org_culture_collection   ? 
_entity_src_gen.pdbx_host_org_cell                 ? 
_entity_src_gen.pdbx_host_org_organelle            ? 
_entity_src_gen.pdbx_host_org_cellular_location    ? 
_entity_src_gen.pdbx_host_org_vector_type          ? 
_entity_src_gen.pdbx_host_org_vector               ? 
_entity_src_gen.host_org_details                   ? 
_entity_src_gen.expression_system_id               ? 
_entity_src_gen.plasmid_name                       ? 
_entity_src_gen.plasmid_details                    ? 
_entity_src_gen.pdbx_description                   ? 
# 
loop_
_chem_comp.id 
_chem_comp.type 
_chem_comp.mon_nstd_flag 
_chem_comp.name 
_chem_comp.pdbx_synonyms 
_chem_comp.formula 
_chem_comp.formula_weight 
ALA 'L-peptide linking' y ALANINE         ? 'C3 H7 N O2'     89.093  
ARG 'L-peptide linking' y ARGININE        ? 'C6 H15 N4 O2 1' 175.209 
ASN 'L-peptide linking' y ASPARAGINE      ? 'C4 H8 N2 O3'    132.118 
ASP 'L-peptide linking' y 'ASPARTIC ACID' ? 'C4 H7 N O4'     133.103 
CYS 'L-peptide linking' y CYSTEINE        ? 'C3 H7 N O2 S'   121.158 
GLN 'L-peptide linking' y GLUTAMINE       ? 'C5 H10 N2 O3'   146.144 
GLU 'L-peptide linking' y 'GLUTAMIC ACID' ? 'C5 H9 N O4'     147.129 
GLY 'peptide linking'   y GLYCINE         ? 'C2 H5 N O2'     75.067  
HIS 'L-peptide linking' y HISTIDINE       ? 'C6 H10 N3 O2 1' 156.162 
HOH non-polymer         . WATER           ? 'H2 O'           18.015  
ILE 'L-peptide linking' y ISOLEUCINE      ? 'C6 H13 N O2'    131.173 
LEU 'L-peptide linking' y LEUCINE         ? 'C6 H13 N O2'    131.173 
LYS 'L-peptide linking' y LYSINE          ? 'C6 H15 N2 O2 1' 147.195 
MET 'L-peptide linking' y METHIONINE      ? 'C5 H11 N O2 S'  149.211 
PHE 'L-peptide linking' y PHENYLALANINE   ? 'C9 H11 N O2'    165.189 
SER 'L-peptide linking' y SERINE          ? 'C3 H7 N O3'     105.093 
THR 'L-peptide linking' y THREONINE       ? 'C4 H9 N O3'     119.119 
TYR 'L-peptide linking' y TYROSINE        ? 'C9 H11 N O3'    181.189 
VAL 'L-peptide linking' y VALINE          ? 'C5 H11 N O2'    117.146 
# 
loop_
_pdbx_poly_seq_scheme.asym_id 
_pdbx_poly_seq_scheme.entity_id 
_pdbx_poly_seq_scheme.seq_id 
_pdbx_poly_seq_scheme.mon_id 
_pdbx_poly_seq_scheme.ndb_seq_num 
_pdbx_poly_seq_scheme.pdb_seq_num 
_pdbx_poly_seq_scheme.auth_seq_num 
_pdbx_poly_seq_scheme.pdb_mon_id 
_pdbx_poly_seq_scheme.auth_mon_id 
_pdbx_poly_seq_scheme.pdb_strand_id 
_pdbx_poly_seq_scheme.pdb_ins_code 
_pdbx_poly_seq_scheme.hetero 
A 1 1  GLY 1  1  ?  ?   ?   A . n 
A 1 2  SER 2  2  2  SER SER A . n 
A 1 3  ASN 3  3  3  ASN ASN A . n 
A 1 4  ASN 4  4  4  ASN ASN A . n 
A 1 5  GLU 5  5  5  GLU GLU A . n 
A 1 6  LEU 6  6  6  LEU LEU A . n 
A 1 7  TYR 7  7  7  TYR TYR A . n 
A 1 8  LEU 8  8  8  LEU LEU A . n 
A 1 9  GLU 9  9  9  GLU GLU A . n 
A 1 10 LEU 10 10 10 LEU LEU A . n 
A 1 11 MET 11 11 11 MET MET A . n 
A 1 12 LYS 12 12 12 LYS LYS A . n 
A 1 13 LEU 13 13 13 LEU LEU A . n 
A 1 14 ARG 14 14 14 ARG ARG A . n 
A 1 15 GLU 15 15 15 GLU GLU A . n 
A 1 16 HIS 16 16 16 HIS HIS A . n 
A 1 17 SER 17 17 17 SER SER A . n 
A 1 18 ASP 18 18 18 ASP ASP A . n 
A 1 19 GLN 19 19 19 GLN GLN A . n 
A 1 20 HIS 20 20 20 HIS HIS A . n 
A 1 21 VAL 21 21 21 VAL VAL A . n 
A 1 22 LYS 22 22 22 LYS LYS A . n 
A 1 23 GLU 23 23 23 GLU GLU A . n 
A 1 24 LEU 24 24 24 LEU LEU A . n 
A 1 25 LYS 25 25 25 LYS LYS A . n 
A 1 26 THR 26 26 26 THR THR A . n 
A 1 27 SER 27 27 27 SER SER A . n 
A 1 28 LEU 28 28 28 LEU LEU A . n 
A 1 29 LYS 29 29 29 LYS LYS A . n 
A 1 30 LYS 30 30 30 LYS LYS A . n 
A 1 31 CYS 31 31 31 CYS CYS A . n 
A 1 32 ALA 32 32 32 ALA ALA A . n 
A 1 33 ARG 33 33 33 ARG ARG A . n 
A 1 34 GLU 34 34 34 GLU GLU A . n 
A 1 35 THR 35 35 35 THR THR A . n 
A 1 36 ALA 36 36 36 ALA ALA A . n 
A 1 37 ASP 37 37 37 ASP ASP A . n 
A 1 38 LEU 38 38 38 LEU LEU A . n 
A 1 39 LYS 39 39 39 LYS LYS A . n 
A 1 40 PHE 40 40 40 PHE PHE A . n 
A 1 41 LEU 41 41 41 LEU LEU A . n 
A 1 42 ASN 42 42 42 ASN ASN A . n 
A 1 43 ASN 43 43 43 ASN ASN A . n 
A 1 44 GLN 44 44 44 GLN GLN A . n 
A 1 45 TYR 45 45 45 TYR TYR A . n 
A 1 46 ALA 46 46 46 ALA ALA A . n 
A 1 47 HIS 47 47 47 HIS HIS A . n 
A 1 48 LYS 48 48 48 LYS LYS A . n 
A 1 49 LEU 49 49 49 LEU LEU A . n 
A 1 50 LYS 50 50 50 LYS LYS A . n 
A 1 51 LEU 51 51 51 LEU LEU A . n 
A 1 52 LEU 52 52 52 LEU LEU A . n 
A 1 53 GLU 53 53 53 GLU GLU A . n 
A 1 54 LYS 54 54 54 LYS LYS A . n 
A 1 55 GLU 55 55 55 GLU GLU A . n 
A 1 56 SER 56 56 ?  ?   ?   A . n 
A 1 57 LYS 57 57 ?  ?   ?   A . n 
A 1 58 ALA 58 58 ?  ?   ?   A . n 
A 1 59 LYS 59 59 ?  ?   ?   A . n 
A 1 60 ASN 60 60 ?  ?   ?   A . n 
A 1 61 GLU 61 61 ?  ?   ?   A . n 
A 1 62 ARG 62 62 ?  ?   ?   A . n 
A 1 63 ILE 63 63 ?  ?   ?   A . n 
A 1 64 GLN 64 64 ?  ?   ?   A . n 
A 1 65 GLN 65 65 ?  ?   ?   A . n 
B 1 1  GLY 1  1  1  GLY GLY B . n 
B 1 2  SER 2  2  2  SER SER B . n 
B 1 3  ASN 3  3  3  ASN ASN B . n 
B 1 4  ASN 4  4  4  ASN ASN B . n 
B 1 5  GLU 5  5  5  GLU GLU B . n 
B 1 6  LEU 6  6  6  LEU LEU B . n 
B 1 7  TYR 7  7  7  TYR TYR B . n 
B 1 8  LEU 8  8  8  LEU LEU B . n 
B 1 9  GLU 9  9  9  GLU GLU B . n 
B 1 10 LEU 10 10 10 LEU LEU B . n 
B 1 11 MET 11 11 11 MET MET B . n 
B 1 12 LYS 12 12 12 LYS LYS B . n 
B 1 13 LEU 13 13 13 LEU LEU B . n 
B 1 14 ARG 14 14 14 ARG ARG B . n 
B 1 15 GLU 15 15 15 GLU GLU B . n 
B 1 16 HIS 16 16 16 HIS HIS B . n 
B 1 17 SER 17 17 17 SER SER B . n 
B 1 18 ASP 18 18 18 ASP ASP B . n 
B 1 19 GLN 19 19 19 GLN GLN B . n 
B 1 20 HIS 20 20 20 HIS HIS B . n 
B 1 21 VAL 21 21 21 VAL VAL B . n 
B 1 22 LYS 22 22 22 LYS LYS B . n 
B 1 23 GLU 23 23 23 GLU GLU B . n 
B 1 24 LEU 24 24 24 LEU LEU B . n 
B 1 25 LYS 25 25 25 LYS LYS B . n 
B 1 26 THR 26 26 26 THR THR B . n 
B 1 27 SER 27 27 27 SER SER B . n 
B 1 28 LEU 28 28 28 LEU LEU B . n 
B 1 29 LYS 29 29 29 LYS LYS B . n 
B 1 30 LYS 30 30 30 LYS LYS B . n 
B 1 31 CYS 31 31 31 CYS CYS B . n 
B 1 32 ALA 32 32 32 ALA ALA B . n 
B 1 33 ARG 33 33 33 ARG ARG B . n 
B 1 34 GLU 34 34 34 GLU GLU B . n 
B 1 35 THR 35 35 35 THR THR B . n 
B 1 36 ALA 36 36 36 ALA ALA B . n 
B 1 37 ASP 37 37 37 ASP ASP B . n 
B 1 38 LEU 38 38 38 LEU LEU B . n 
B 1 39 LYS 39 39 39 LYS LYS B . n 
B 1 40 PHE 40 40 40 PHE PHE B . n 
B 1 41 LEU 41 41 41 LEU LEU B . n 
B 1 42 ASN 42 42 42 ASN ASN B . n 
B 1 43 ASN 43 43 43 ASN ASN B . n 
B 1 44 GLN 44 44 44 GLN GLN B . n 
B 1 45 TYR 45 45 45 TYR TYR B . n 
B 1 46 ALA 46 46 46 ALA ALA B . n 
B 1 47 HIS 47 47 47 HIS HIS B . n 
B 1 48 LYS 48 48 48 LYS LYS B . n 
B 1 49 LEU 49 49 ?  ?   ?   B . n 
B 1 50 LYS 50 50 ?  ?   ?   B . n 
B 1 51 LEU 51 51 ?  ?   ?   B . n 
B 1 52 LEU 52 52 ?  ?   ?   B . n 
B 1 53 GLU 53 53 ?  ?   ?   B . n 
B 1 54 LYS 54 54 ?  ?   ?   B . n 
B 1 55 GLU 55 55 ?  ?   ?   B . n 
B 1 56 SER 56 56 ?  ?   ?   B . n 
B 1 57 LYS 57 57 ?  ?   ?   B . n 
B 1 58 ALA 58 58 ?  ?   ?   B . n 
B 1 59 LYS 59 59 ?  ?   ?   B . n 
B 1 60 ASN 60 60 ?  ?   ?   B . n 
B 1 61 GLU 61 61 ?  ?   ?   B . n 
B 1 62 ARG 62 62 ?  ?   ?   B . n 
B 1 63 ILE 63 63 ?  ?   ?   B . n 
B 1 64 GLN 64 64 ?  ?   ?   B . n 
B 1 65 GLN 65 65 ?  ?   ?   B . n 
# 
loop_
_pdbx_nonpoly_scheme.asym_id 
_pdbx_nonpoly_scheme.entity_id 
_pdbx_nonpoly_scheme.mon_id 
_pdbx_nonpoly_scheme.ndb_seq_num 
_pdbx_nonpoly_scheme.pdb_seq_num 
_pdbx_nonpoly_scheme.auth_seq_num 
_pdbx_nonpoly_scheme.pdb_mon_id 
_pdbx_nonpoly_scheme.auth_mon_id 
_pdbx_nonpoly_scheme.pdb_strand_id 
_pdbx_nonpoly_scheme.pdb_ins_code 
C 2 HOH 1  101 28  HOH HOH A . 
C 2 HOH 2  102 79  HOH HOH A . 
C 2 HOH 3  103 31  HOH HOH A . 
C 2 HOH 4  104 24  HOH HOH A . 
C 2 HOH 5  105 104 HOH HOH A . 
C 2 HOH 6  106 16  HOH HOH A . 
C 2 HOH 7  107 2   HOH HOH A . 
C 2 HOH 8  108 12  HOH HOH A . 
C 2 HOH 9  109 82  HOH HOH A . 
C 2 HOH 10 110 38  HOH HOH A . 
C 2 HOH 11 111 60  HOH HOH A . 
C 2 HOH 12 112 23  HOH HOH A . 
C 2 HOH 13 113 5   HOH HOH A . 
C 2 HOH 14 114 85  HOH HOH A . 
C 2 HOH 15 115 43  HOH HOH A . 
C 2 HOH 16 116 17  HOH HOH A . 
C 2 HOH 17 117 102 HOH HOH A . 
C 2 HOH 18 118 37  HOH HOH A . 
C 2 HOH 19 119 6   HOH HOH A . 
C 2 HOH 20 120 25  HOH HOH A . 
C 2 HOH 21 121 67  HOH HOH A . 
C 2 HOH 22 122 55  HOH HOH A . 
C 2 HOH 23 123 32  HOH HOH A . 
C 2 HOH 24 124 96  HOH HOH A . 
C 2 HOH 25 125 20  HOH HOH A . 
C 2 HOH 26 126 56  HOH HOH A . 
C 2 HOH 27 127 63  HOH HOH A . 
C 2 HOH 28 128 35  HOH HOH A . 
C 2 HOH 29 129 59  HOH HOH A . 
C 2 HOH 30 130 57  HOH HOH A . 
C 2 HOH 31 131 80  HOH HOH A . 
C 2 HOH 32 132 84  HOH HOH A . 
C 2 HOH 33 133 68  HOH HOH A . 
C 2 HOH 34 134 76  HOH HOH A . 
C 2 HOH 35 135 70  HOH HOH A . 
C 2 HOH 36 136 75  HOH HOH A . 
C 2 HOH 37 137 88  HOH HOH A . 
C 2 HOH 38 138 69  HOH HOH A . 
C 2 HOH 39 139 78  HOH HOH A . 
C 2 HOH 40 140 64  HOH HOH A . 
C 2 HOH 41 141 71  HOH HOH A . 
C 2 HOH 42 142 98  HOH HOH A . 
C 2 HOH 43 143 92  HOH HOH A . 
C 2 HOH 44 144 93  HOH HOH A . 
C 2 HOH 45 145 73  HOH HOH A . 
C 2 HOH 46 146 44  HOH HOH A . 
C 2 HOH 47 147 99  HOH HOH A . 
D 2 HOH 1  101 94  HOH HOH B . 
D 2 HOH 2  102 101 HOH HOH B . 
D 2 HOH 3  103 95  HOH HOH B . 
D 2 HOH 4  104 26  HOH HOH B . 
D 2 HOH 5  105 51  HOH HOH B . 
D 2 HOH 6  106 106 HOH HOH B . 
D 2 HOH 7  107 1   HOH HOH B . 
D 2 HOH 8  108 108 HOH HOH B . 
D 2 HOH 9  109 50  HOH HOH B . 
D 2 HOH 10 110 107 HOH HOH B . 
D 2 HOH 11 111 18  HOH HOH B . 
D 2 HOH 12 112 33  HOH HOH B . 
D 2 HOH 13 113 61  HOH HOH B . 
D 2 HOH 14 114 8   HOH HOH B . 
D 2 HOH 15 115 4   HOH HOH B . 
D 2 HOH 16 116 29  HOH HOH B . 
D 2 HOH 17 117 41  HOH HOH B . 
D 2 HOH 18 118 3   HOH HOH B . 
D 2 HOH 19 119 10  HOH HOH B . 
D 2 HOH 20 120 15  HOH HOH B . 
D 2 HOH 21 121 54  HOH HOH B . 
D 2 HOH 22 122 14  HOH HOH B . 
D 2 HOH 23 123 27  HOH HOH B . 
D 2 HOH 24 124 48  HOH HOH B . 
D 2 HOH 25 125 34  HOH HOH B . 
D 2 HOH 26 126 7   HOH HOH B . 
D 2 HOH 27 127 100 HOH HOH B . 
D 2 HOH 28 128 65  HOH HOH B . 
D 2 HOH 29 129 42  HOH HOH B . 
D 2 HOH 30 130 89  HOH HOH B . 
D 2 HOH 31 131 13  HOH HOH B . 
D 2 HOH 32 132 39  HOH HOH B . 
D 2 HOH 33 133 11  HOH HOH B . 
D 2 HOH 34 134 66  HOH HOH B . 
D 2 HOH 35 135 105 HOH HOH B . 
D 2 HOH 36 136 58  HOH HOH B . 
D 2 HOH 37 137 45  HOH HOH B . 
D 2 HOH 38 138 30  HOH HOH B . 
D 2 HOH 39 139 53  HOH HOH B . 
D 2 HOH 40 140 21  HOH HOH B . 
D 2 HOH 41 141 19  HOH HOH B . 
D 2 HOH 42 142 40  HOH HOH B . 
D 2 HOH 43 143 9   HOH HOH B . 
D 2 HOH 44 144 49  HOH HOH B . 
D 2 HOH 45 145 46  HOH HOH B . 
D 2 HOH 46 146 47  HOH HOH B . 
D 2 HOH 47 147 87  HOH HOH B . 
D 2 HOH 48 148 83  HOH HOH B . 
D 2 HOH 49 149 36  HOH HOH B . 
# 
loop_
_software.citation_id 
_software.classification 
_software.compiler_name 
_software.compiler_version 
_software.contact_author 
_software.contact_author_email 
_software.date 
_software.description 
_software.dependencies 
_software.hardware 
_software.language 
_software.location 
_software.mods 
_software.name 
_software.os 
_software.os_version 
_software.type 
_software.version 
_software.pdbx_ordinal 
? refinement       ? ? ? ? ? ? ? ? ? ? ? PHENIX  ? ? ? dev_1965 1 
? 'data reduction' ? ? ? ? ? ? ? ? ? ? ? XDS     ? ? ? .        2 
? 'data scaling'   ? ? ? ? ? ? ? ? ? ? ? XSCALE  ? ? ? .        3 
? phasing          ? ? ? ? ? ? ? ? ? ? ? SHELXCD ? ? ? .        4 
# 
_cell.angle_alpha                  90.00 
_cell.angle_alpha_esd              ? 
_cell.angle_beta                   90.00 
_cell.angle_beta_esd               ? 
_cell.angle_gamma                  90.00 
_cell.angle_gamma_esd              ? 
_cell.entry_id                     5NG4 
_cell.details                      ? 
_cell.formula_units_Z              ? 
_cell.length_a                     79.000 
_cell.length_a_esd                 ? 
_cell.length_b                     79.000 
_cell.length_b_esd                 ? 
_cell.length_c                     95.420 
_cell.length_c_esd                 ? 
_cell.volume                       ? 
_cell.volume_esd                   ? 
_cell.Z_PDB                        32 
_cell.reciprocal_angle_alpha       ? 
_cell.reciprocal_angle_beta        ? 
_cell.reciprocal_angle_gamma       ? 
_cell.reciprocal_angle_alpha_esd   ? 
_cell.reciprocal_angle_beta_esd    ? 
_cell.reciprocal_angle_gamma_esd   ? 
_cell.reciprocal_length_a          ? 
_cell.reciprocal_length_b          ? 
_cell.reciprocal_length_c          ? 
_cell.reciprocal_length_a_esd      ? 
_cell.reciprocal_length_b_esd      ? 
_cell.reciprocal_length_c_esd      ? 
_cell.pdbx_unique_axis             ? 
# 
_symmetry.entry_id                         5NG4 
_symmetry.cell_setting                     ? 
_symmetry.Int_Tables_number                98 
_symmetry.space_group_name_Hall            ? 
_symmetry.space_group_name_H-M             'I 41 2 2' 
_symmetry.pdbx_full_space_group_name_H-M   ? 
# 
_exptl.absorpt_coefficient_mu     ? 
_exptl.absorpt_correction_T_max   ? 
_exptl.absorpt_correction_T_min   ? 
_exptl.absorpt_correction_type    ? 
_exptl.absorpt_process_details    ? 
_exptl.entry_id                   5NG4 
_exptl.crystals_number            1 
_exptl.details                    ? 
_exptl.method                     'X-RAY DIFFRACTION' 
_exptl.method_details             ? 
# 
_exptl_crystal.colour                      ? 
_exptl_crystal.density_diffrn              ? 
_exptl_crystal.density_Matthews            2.41 
_exptl_crystal.density_method              ? 
_exptl_crystal.density_percent_sol         48.92 
_exptl_crystal.description                 ? 
_exptl_crystal.F_000                       ? 
_exptl_crystal.id                          1 
_exptl_crystal.preparation                 ? 
_exptl_crystal.size_max                    ? 
_exptl_crystal.size_mid                    ? 
_exptl_crystal.size_min                    ? 
_exptl_crystal.size_rad                    ? 
_exptl_crystal.colour_lustre               ? 
_exptl_crystal.colour_modifier             ? 
_exptl_crystal.colour_primary              ? 
_exptl_crystal.density_meas                ? 
_exptl_crystal.density_meas_esd            ? 
_exptl_crystal.density_meas_gt             ? 
_exptl_crystal.density_meas_lt             ? 
_exptl_crystal.density_meas_temp           ? 
_exptl_crystal.density_meas_temp_esd       ? 
_exptl_crystal.density_meas_temp_gt        ? 
_exptl_crystal.density_meas_temp_lt        ? 
_exptl_crystal.pdbx_crystal_image_url      ? 
_exptl_crystal.pdbx_crystal_image_format   ? 
_exptl_crystal.pdbx_mosaicity              ? 
_exptl_crystal.pdbx_mosaicity_esd          ? 
# 
_exptl_crystal_grow.apparatus       ? 
_exptl_crystal_grow.atmosphere      ? 
_exptl_crystal_grow.crystal_id      1 
_exptl_crystal_grow.details         ? 
_exptl_crystal_grow.method          'VAPOR DIFFUSION, SITTING DROP' 
_exptl_crystal_grow.method_ref      ? 
_exptl_crystal_grow.pH              ? 
_exptl_crystal_grow.pressure        ? 
_exptl_crystal_grow.pressure_esd    ? 
_exptl_crystal_grow.seeding         ? 
_exptl_crystal_grow.seeding_ref     ? 
_exptl_crystal_grow.temp            293.15 
_exptl_crystal_grow.temp_details    ? 
_exptl_crystal_grow.temp_esd        ? 
_exptl_crystal_grow.time            ? 
_exptl_crystal_grow.pdbx_details    '25% PEG 1500, SPG buffer, pH 6.0' 
_exptl_crystal_grow.pdbx_pH_range   ? 
# 
_diffrn.ambient_environment    ? 
_diffrn.ambient_temp           100 
_diffrn.ambient_temp_details   ? 
_diffrn.ambient_temp_esd       ? 
_diffrn.crystal_id             1 
_diffrn.crystal_support        ? 
_diffrn.crystal_treatment      ? 
_diffrn.details                ? 
_diffrn.id                     1 
_diffrn.ambient_pressure       ? 
_diffrn.ambient_pressure_esd   ? 
_diffrn.ambient_pressure_gt    ? 
_diffrn.ambient_pressure_lt    ? 
_diffrn.ambient_temp_gt        ? 
_diffrn.ambient_temp_lt        ? 
# 
_diffrn_detector.details                      ? 
_diffrn_detector.detector                     PIXEL 
_diffrn_detector.diffrn_id                    1 
_diffrn_detector.type                         'DECTRIS PILATUS 2M' 
_diffrn_detector.area_resol_mean              ? 
_diffrn_detector.dtime                        ? 
_diffrn_detector.pdbx_frames_total            ? 
_diffrn_detector.pdbx_collection_time_total   ? 
_diffrn_detector.pdbx_collection_date         2015-03-20 
# 
_diffrn_radiation.collimation                      ? 
_diffrn_radiation.diffrn_id                        1 
_diffrn_radiation.filter_edge                      ? 
_diffrn_radiation.inhomogeneity                    ? 
_diffrn_radiation.monochromator                    ? 
_diffrn_radiation.polarisn_norm                    ? 
_diffrn_radiation.polarisn_ratio                   ? 
_diffrn_radiation.probe                            ? 
_diffrn_radiation.type                             ? 
_diffrn_radiation.xray_symbol                      ? 
_diffrn_radiation.wavelength_id                    1 
_diffrn_radiation.pdbx_monochromatic_or_laue_m_l   M 
_diffrn_radiation.pdbx_wavelength_list             ? 
_diffrn_radiation.pdbx_wavelength                  ? 
_diffrn_radiation.pdbx_diffrn_protocol             'SINGLE WAVELENGTH' 
_diffrn_radiation.pdbx_analyzer                    ? 
_diffrn_radiation.pdbx_scattering_type             x-ray 
# 
_diffrn_radiation_wavelength.id           1 
_diffrn_radiation_wavelength.wavelength   2.0664 
_diffrn_radiation_wavelength.wt           1.0 
# 
_diffrn_source.current                     ? 
_diffrn_source.details                     ? 
_diffrn_source.diffrn_id                   1 
_diffrn_source.power                       ? 
_diffrn_source.size                        ? 
_diffrn_source.source                      SYNCHROTRON 
_diffrn_source.target                      ? 
_diffrn_source.type                        'SLS BEAMLINE X06DA' 
_diffrn_source.voltage                     ? 
_diffrn_source.take-off_angle              ? 
_diffrn_source.pdbx_wavelength_list        2.0664 
_diffrn_source.pdbx_wavelength             ? 
_diffrn_source.pdbx_synchrotron_beamline   X06DA 
_diffrn_source.pdbx_synchrotron_site       SLS 
# 
_reflns.B_iso_Wilson_estimate            ? 
_reflns.entry_id                         5NG4 
_reflns.data_reduction_details           ? 
_reflns.data_reduction_method            ? 
_reflns.d_resolution_high                2.14 
_reflns.d_resolution_low                 39.5 
_reflns.details                          ? 
_reflns.limit_h_max                      ? 
_reflns.limit_h_min                      ? 
_reflns.limit_k_max                      ? 
_reflns.limit_k_min                      ? 
_reflns.limit_l_max                      ? 
_reflns.limit_l_min                      ? 
_reflns.number_all                       ? 
_reflns.number_obs                       7467 
_reflns.observed_criterion               ? 
_reflns.observed_criterion_F_max         ? 
_reflns.observed_criterion_F_min         ? 
_reflns.observed_criterion_I_max         ? 
_reflns.observed_criterion_I_min         ? 
_reflns.observed_criterion_sigma_F       ? 
_reflns.observed_criterion_sigma_I       ? 
_reflns.percent_possible_obs             86 
_reflns.R_free_details                   ? 
_reflns.Rmerge_F_all                     ? 
_reflns.Rmerge_F_obs                     ? 
_reflns.Friedel_coverage                 ? 
_reflns.number_gt                        ? 
_reflns.threshold_expression             ? 
_reflns.pdbx_redundancy                  41.5 
_reflns.pdbx_Rmerge_I_obs                0.089 
_reflns.pdbx_Rmerge_I_all                ? 
_reflns.pdbx_Rsym_value                  ? 
_reflns.pdbx_netI_over_av_sigmaI         ? 
_reflns.pdbx_netI_over_sigmaI            31.3 
_reflns.pdbx_res_netI_over_av_sigmaI_2   ? 
_reflns.pdbx_res_netI_over_sigmaI_2      ? 
_reflns.pdbx_chi_squared                 ? 
_reflns.pdbx_scaling_rejects             ? 
_reflns.pdbx_d_res_high_opt              ? 
_reflns.pdbx_d_res_low_opt               ? 
_reflns.pdbx_d_res_opt_method            ? 
_reflns.phase_calculation_details        ? 
_reflns.pdbx_Rrim_I_all                  ? 
_reflns.pdbx_Rpim_I_all                  ? 
_reflns.pdbx_d_opt                       ? 
_reflns.pdbx_number_measured_all         ? 
_reflns.pdbx_diffrn_id                   1 
_reflns.pdbx_ordinal                     1 
_reflns.pdbx_CC_half                     0.999 
_reflns.pdbx_R_split                     ? 
# 
_reflns_shell.d_res_high                  2.14 
_reflns_shell.d_res_low                   2.21 
_reflns_shell.meanI_over_sigI_all         ? 
_reflns_shell.meanI_over_sigI_obs         ? 
_reflns_shell.number_measured_all         ? 
_reflns_shell.number_measured_obs         ? 
_reflns_shell.number_possible             ? 
_reflns_shell.number_unique_all           ? 
_reflns_shell.number_unique_obs           356 
_reflns_shell.percent_possible_all        43 
_reflns_shell.percent_possible_obs        ? 
_reflns_shell.Rmerge_F_all                ? 
_reflns_shell.Rmerge_F_obs                ? 
_reflns_shell.Rmerge_I_all                ? 
_reflns_shell.Rmerge_I_obs                0.178 
_reflns_shell.meanI_over_sigI_gt          ? 
_reflns_shell.meanI_over_uI_all           ? 
_reflns_shell.meanI_over_uI_gt            ? 
_reflns_shell.number_measured_gt          ? 
_reflns_shell.number_unique_gt            ? 
_reflns_shell.percent_possible_gt         ? 
_reflns_shell.Rmerge_F_gt                 ? 
_reflns_shell.Rmerge_I_gt                 ? 
_reflns_shell.pdbx_redundancy             6.2 
_reflns_shell.pdbx_Rsym_value             ? 
_reflns_shell.pdbx_chi_squared            ? 
_reflns_shell.pdbx_netI_over_sigmaI_all   ? 
_reflns_shell.pdbx_netI_over_sigmaI_obs   ? 
_reflns_shell.pdbx_Rrim_I_all             ? 
_reflns_shell.pdbx_Rpim_I_all             ? 
_reflns_shell.pdbx_rejects                ? 
_reflns_shell.pdbx_ordinal                1 
_reflns_shell.pdbx_diffrn_id              1 
_reflns_shell.pdbx_CC_half                0.973 
_reflns_shell.pdbx_R_split                ? 
# 
_refine.aniso_B[1][1]                            ? 
_refine.aniso_B[1][2]                            ? 
_refine.aniso_B[1][3]                            ? 
_refine.aniso_B[2][2]                            ? 
_refine.aniso_B[2][3]                            ? 
_refine.aniso_B[3][3]                            ? 
_refine.B_iso_max                                ? 
_refine.B_iso_mean                               ? 
_refine.B_iso_min                                ? 
_refine.correlation_coeff_Fo_to_Fc               ? 
_refine.correlation_coeff_Fo_to_Fc_free          ? 
_refine.details                                  ? 
_refine.diff_density_max                         ? 
_refine.diff_density_max_esd                     ? 
_refine.diff_density_min                         ? 
_refine.diff_density_min_esd                     ? 
_refine.diff_density_rms                         ? 
_refine.diff_density_rms_esd                     ? 
_refine.entry_id                                 5NG4 
_refine.pdbx_refine_id                           'X-RAY DIFFRACTION' 
_refine.ls_abs_structure_details                 ? 
_refine.ls_abs_structure_Flack                   ? 
_refine.ls_abs_structure_Flack_esd               ? 
_refine.ls_abs_structure_Rogers                  ? 
_refine.ls_abs_structure_Rogers_esd              ? 
_refine.ls_d_res_high                            2.14 
_refine.ls_d_res_low                             39.500 
_refine.ls_extinction_coef                       ? 
_refine.ls_extinction_coef_esd                   ? 
_refine.ls_extinction_expression                 ? 
_refine.ls_extinction_method                     ? 
_refine.ls_goodness_of_fit_all                   ? 
_refine.ls_goodness_of_fit_all_esd               ? 
_refine.ls_goodness_of_fit_obs                   ? 
_refine.ls_goodness_of_fit_obs_esd               ? 
_refine.ls_hydrogen_treatment                    ? 
_refine.ls_matrix_type                           ? 
_refine.ls_number_constraints                    ? 
_refine.ls_number_parameters                     ? 
_refine.ls_number_reflns_all                     ? 
_refine.ls_number_reflns_obs                     7466 
_refine.ls_number_reflns_R_free                  1377 
_refine.ls_number_reflns_R_work                  ? 
_refine.ls_number_restraints                     ? 
_refine.ls_percent_reflns_obs                    85.71 
_refine.ls_percent_reflns_R_free                 10.04 
_refine.ls_R_factor_all                          ? 
_refine.ls_R_factor_obs                          0.2267 
_refine.ls_R_factor_R_free                       0.2577 
_refine.ls_R_factor_R_free_error                 ? 
_refine.ls_R_factor_R_free_error_details         ? 
_refine.ls_R_factor_R_work                       0.2231 
_refine.ls_R_Fsqd_factor_obs                     ? 
_refine.ls_R_I_factor_obs                        ? 
_refine.ls_redundancy_reflns_all                 ? 
_refine.ls_redundancy_reflns_obs                 ? 
_refine.ls_restrained_S_all                      ? 
_refine.ls_restrained_S_obs                      ? 
_refine.ls_shift_over_esd_max                    ? 
_refine.ls_shift_over_esd_mean                   ? 
_refine.ls_structure_factor_coef                 ? 
_refine.ls_weighting_details                     ? 
_refine.ls_weighting_scheme                      ? 
_refine.ls_wR_factor_all                         ? 
_refine.ls_wR_factor_obs                         ? 
_refine.ls_wR_factor_R_free                      ? 
_refine.ls_wR_factor_R_work                      ? 
_refine.occupancy_max                            ? 
_refine.occupancy_min                            ? 
_refine.solvent_model_details                    ? 
_refine.solvent_model_param_bsol                 ? 
_refine.solvent_model_param_ksol                 ? 
_refine.ls_R_factor_gt                           ? 
_refine.ls_goodness_of_fit_gt                    ? 
_refine.ls_goodness_of_fit_ref                   ? 
_refine.ls_shift_over_su_max                     ? 
_refine.ls_shift_over_su_max_lt                  ? 
_refine.ls_shift_over_su_mean                    ? 
_refine.ls_shift_over_su_mean_lt                 ? 
_refine.pdbx_ls_sigma_I                          ? 
_refine.pdbx_ls_sigma_F                          1.44 
_refine.pdbx_ls_sigma_Fsqd                       ? 
_refine.pdbx_data_cutoff_high_absF               ? 
_refine.pdbx_data_cutoff_high_rms_absF           ? 
_refine.pdbx_data_cutoff_low_absF                ? 
_refine.pdbx_isotropic_thermal_model             ? 
_refine.pdbx_ls_cross_valid_method               'FREE R-VALUE' 
_refine.pdbx_method_to_determine_struct          SAD 
_refine.pdbx_starting_model                      ? 
_refine.pdbx_stereochemistry_target_values       ? 
_refine.pdbx_R_Free_selection_details            ? 
_refine.pdbx_stereochem_target_val_spec_case     ? 
_refine.pdbx_overall_ESU_R                       ? 
_refine.pdbx_overall_ESU_R_Free                  ? 
_refine.pdbx_solvent_vdw_probe_radii             1.11 
_refine.pdbx_solvent_ion_probe_radii             ? 
_refine.pdbx_solvent_shrinkage_radii             0.90 
_refine.pdbx_real_space_R                        ? 
_refine.pdbx_density_correlation                 ? 
_refine.pdbx_pd_number_of_powder_patterns        ? 
_refine.pdbx_pd_number_of_points                 ? 
_refine.pdbx_pd_meas_number_of_points            ? 
_refine.pdbx_pd_proc_ls_prof_R_factor            ? 
_refine.pdbx_pd_proc_ls_prof_wR_factor           ? 
_refine.pdbx_pd_Marquardt_correlation_coeff      ? 
_refine.pdbx_pd_Fsqrd_R_factor                   ? 
_refine.pdbx_pd_ls_matrix_band_width             ? 
_refine.pdbx_overall_phase_error                 29.06 
_refine.pdbx_overall_SU_R_free_Cruickshank_DPI   ? 
_refine.pdbx_overall_SU_R_free_Blow_DPI          ? 
_refine.pdbx_overall_SU_R_Blow_DPI               ? 
_refine.pdbx_TLS_residual_ADP_flag               ? 
_refine.pdbx_diffrn_id                           1 
_refine.overall_SU_B                             ? 
_refine.overall_SU_ML                            0.28 
_refine.overall_SU_R_Cruickshank_DPI             ? 
_refine.overall_SU_R_free                        ? 
_refine.overall_FOM_free_R_set                   ? 
_refine.overall_FOM_work_R_set                   ? 
_refine.pdbx_average_fsc_overall                 ? 
_refine.pdbx_average_fsc_work                    ? 
_refine.pdbx_average_fsc_free                    ? 
# 
_refine_hist.pdbx_refine_id                   'X-RAY DIFFRACTION' 
_refine_hist.cycle_id                         LAST 
_refine_hist.pdbx_number_atoms_protein        850 
_refine_hist.pdbx_number_atoms_nucleic_acid   0 
_refine_hist.pdbx_number_atoms_ligand         0 
_refine_hist.number_atoms_solvent             96 
_refine_hist.number_atoms_total               946 
_refine_hist.d_res_high                       2.14 
_refine_hist.d_res_low                        39.500 
# 
loop_
_refine_ls_restr.pdbx_refine_id 
_refine_ls_restr.criterion 
_refine_ls_restr.dev_ideal 
_refine_ls_restr.dev_ideal_target 
_refine_ls_restr.number 
_refine_ls_restr.rejects 
_refine_ls_restr.type 
_refine_ls_restr.weight 
_refine_ls_restr.pdbx_restraint_function 
'X-RAY DIFFRACTION' ? 0.001  ? 861  ? f_bond_d           ? ? 
'X-RAY DIFFRACTION' ? 0.310  ? 1146 ? f_angle_d          ? ? 
'X-RAY DIFFRACTION' ? 11.013 ? 345  ? f_dihedral_angle_d ? ? 
'X-RAY DIFFRACTION' ? 0.014  ? 126  ? f_chiral_restr     ? ? 
'X-RAY DIFFRACTION' ? 0.001  ? 144  ? f_plane_restr      ? ? 
# 
loop_
_refine_ls_shell.pdbx_refine_id 
_refine_ls_shell.d_res_high 
_refine_ls_shell.d_res_low 
_refine_ls_shell.number_reflns_all 
_refine_ls_shell.number_reflns_obs 
_refine_ls_shell.number_reflns_R_free 
_refine_ls_shell.number_reflns_R_work 
_refine_ls_shell.percent_reflns_obs 
_refine_ls_shell.percent_reflns_R_free 
_refine_ls_shell.R_factor_all 
_refine_ls_shell.R_factor_obs 
_refine_ls_shell.R_factor_R_free 
_refine_ls_shell.R_factor_R_free_error 
_refine_ls_shell.R_factor_R_work 
_refine_ls_shell.redundancy_reflns_all 
_refine_ls_shell.redundancy_reflns_obs 
_refine_ls_shell.wR_factor_all 
_refine_ls_shell.wR_factor_obs 
_refine_ls_shell.wR_factor_R_free 
_refine_ls_shell.wR_factor_R_work 
_refine_ls_shell.pdbx_total_number_of_bins_used 
_refine_ls_shell.pdbx_phase_error 
_refine_ls_shell.pdbx_fsc_work 
_refine_ls_shell.pdbx_fsc_free 
'X-RAY DIFFRACTION' 2.1364 2.2128  . . 64  571  40.00  . . . 0.2612 . 0.2232 . . . . . . . . . . 
'X-RAY DIFFRACTION' 2.2128 2.3013  . . 96  892  61.00  . . . 0.2527 . 0.2251 . . . . . . . . . . 
'X-RAY DIFFRACTION' 2.3013 2.4061  . . 127 1116 78.00  . . . 0.2587 . 0.2329 . . . . . . . . . . 
'X-RAY DIFFRACTION' 2.4061 2.5329  . . 146 1304 90.00  . . . 0.3386 . 0.2328 . . . . . . . . . . 
'X-RAY DIFFRACTION' 2.5329 2.6916  . . 146 1315 92.00  . . . 0.2815 . 0.2511 . . . . . . . . . . 
'X-RAY DIFFRACTION' 2.6916 2.8993  . . 152 1399 97.00  . . . 0.3331 . 0.2555 . . . . . . . . . . 
'X-RAY DIFFRACTION' 2.8993 3.1910  . . 158 1426 98.00  . . . 0.3005 . 0.2502 . . . . . . . . . . 
'X-RAY DIFFRACTION' 3.1910 3.6524  . . 161 1434 100.00 . . . 0.3157 . 0.2279 . . . . . . . . . . 
'X-RAY DIFFRACTION' 3.6524 4.6006  . . 167 1435 100.00 . . . 0.1896 . 0.1835 . . . . . . . . . . 
'X-RAY DIFFRACTION' 4.6006 39.5067 . . 160 1446 100.00 . . . 0.2245 . 0.2215 . . . . . . . . . . 
# 
_struct.entry_id                     5NG4 
_struct.title                        'Human CEP135 parallel dimeric coiled coil 82-144' 
_struct.pdbx_model_details           ? 
_struct.pdbx_formula_weight          ? 
_struct.pdbx_formula_weight_method   ? 
_struct.pdbx_model_type_details      ? 
_struct.pdbx_CASP_flag               N 
# 
_struct_keywords.entry_id        5NG4 
_struct_keywords.text            'coiled coil, CEP135, centrosome, disulfide bridges, microtubule-binding protein' 
_struct_keywords.pdbx_keywords   'MICROTUBULE-BINDING PROTEIN' 
# 
loop_
_struct_asym.id 
_struct_asym.pdbx_blank_PDB_chainid_flag 
_struct_asym.pdbx_modified 
_struct_asym.entity_id 
_struct_asym.details 
A N N 1 ? 
B N N 1 ? 
C N N 2 ? 
D N N 2 ? 
# 
_struct_ref.id                         1 
_struct_ref.db_name                    UNP 
_struct_ref.db_code                    CP135_HUMAN 
_struct_ref.pdbx_db_accession          Q66GS9 
_struct_ref.pdbx_db_isoform            ? 
_struct_ref.entity_id                  1 
_struct_ref.pdbx_seq_one_letter_code   NNELYLELMKLREHSDQHVKELKTSLKKCARETADLKFLNNQYAHKLKLLEKESKAKNERIQQ 
_struct_ref.pdbx_align_begin           82 
# 
loop_
_struct_ref_seq.align_id 
_struct_ref_seq.ref_id 
_struct_ref_seq.pdbx_PDB_id_code 
_struct_ref_seq.pdbx_strand_id 
_struct_ref_seq.seq_align_beg 
_struct_ref_seq.pdbx_seq_align_beg_ins_code 
_struct_ref_seq.seq_align_end 
_struct_ref_seq.pdbx_seq_align_end_ins_code 
_struct_ref_seq.pdbx_db_accession 
_struct_ref_seq.db_align_beg 
_struct_ref_seq.pdbx_db_align_beg_ins_code 
_struct_ref_seq.db_align_end 
_struct_ref_seq.pdbx_db_align_end_ins_code 
_struct_ref_seq.pdbx_auth_seq_align_beg 
_struct_ref_seq.pdbx_auth_seq_align_end 
1 1 5NG4 A 3 ? 65 ? Q66GS9 82 ? 144 ? 3 65 
2 1 5NG4 B 3 ? 65 ? Q66GS9 82 ? 144 ? 3 65 
# 
loop_
_struct_ref_seq_dif.align_id 
_struct_ref_seq_dif.pdbx_pdb_id_code 
_struct_ref_seq_dif.mon_id 
_struct_ref_seq_dif.pdbx_pdb_strand_id 
_struct_ref_seq_dif.seq_num 
_struct_ref_seq_dif.pdbx_pdb_ins_code 
_struct_ref_seq_dif.pdbx_seq_db_name 
_struct_ref_seq_dif.pdbx_seq_db_accession_code 
_struct_ref_seq_dif.db_mon_id 
_struct_ref_seq_dif.pdbx_seq_db_seq_num 
_struct_ref_seq_dif.details 
_struct_ref_seq_dif.pdbx_auth_seq_num 
_struct_ref_seq_dif.pdbx_ordinal 
1 5NG4 GLY A 1 ? UNP Q66GS9 ? ? 'expression tag' 1 1 
1 5NG4 SER A 2 ? UNP Q66GS9 ? ? 'expression tag' 2 2 
2 5NG4 GLY B 1 ? UNP Q66GS9 ? ? 'expression tag' 1 3 
2 5NG4 SER B 2 ? UNP Q66GS9 ? ? 'expression tag' 2 4 
# 
_pdbx_struct_assembly.id                   1 
_pdbx_struct_assembly.details              author_and_software_defined_assembly 
_pdbx_struct_assembly.method_details       PISA 
_pdbx_struct_assembly.oligomeric_details   dimeric 
_pdbx_struct_assembly.oligomeric_count     2 
# 
loop_
_pdbx_struct_assembly_prop.biol_id 
_pdbx_struct_assembly_prop.type 
_pdbx_struct_assembly_prop.value 
_pdbx_struct_assembly_prop.details 
1 'ABSA (A^2)' 2370 ? 
1 MORE         -25  ? 
1 'SSA (A^2)'  8210 ? 
# 
_pdbx_struct_assembly_gen.assembly_id       1 
_pdbx_struct_assembly_gen.oper_expression   1 
_pdbx_struct_assembly_gen.asym_id_list      A,B,C,D 
# 
_pdbx_struct_assembly_auth_evidence.id                     1 
_pdbx_struct_assembly_auth_evidence.assembly_id            1 
_pdbx_struct_assembly_auth_evidence.experimental_support   'light scattering' 
_pdbx_struct_assembly_auth_evidence.details                ? 
# 
_pdbx_struct_oper_list.id                   1 
_pdbx_struct_oper_list.type                 'identity operation' 
_pdbx_struct_oper_list.name                 1_555 
_pdbx_struct_oper_list.symmetry_operation   x,y,z 
_pdbx_struct_oper_list.matrix[1][1]         1.0000000000 
_pdbx_struct_oper_list.matrix[1][2]         0.0000000000 
_pdbx_struct_oper_list.matrix[1][3]         0.0000000000 
_pdbx_struct_oper_list.vector[1]            0.0000000000 
_pdbx_struct_oper_list.matrix[2][1]         0.0000000000 
_pdbx_struct_oper_list.matrix[2][2]         1.0000000000 
_pdbx_struct_oper_list.matrix[2][3]         0.0000000000 
_pdbx_struct_oper_list.vector[2]            0.0000000000 
_pdbx_struct_oper_list.matrix[3][1]         0.0000000000 
_pdbx_struct_oper_list.matrix[3][2]         0.0000000000 
_pdbx_struct_oper_list.matrix[3][3]         1.0000000000 
_pdbx_struct_oper_list.vector[3]            0.0000000000 
# 
loop_
_struct_conf.conf_type_id 
_struct_conf.id 
_struct_conf.pdbx_PDB_helix_id 
_struct_conf.beg_label_comp_id 
_struct_conf.beg_label_asym_id 
_struct_conf.beg_label_seq_id 
_struct_conf.pdbx_beg_PDB_ins_code 
_struct_conf.end_label_comp_id 
_struct_conf.end_label_asym_id 
_struct_conf.end_label_seq_id 
_struct_conf.pdbx_end_PDB_ins_code 
_struct_conf.beg_auth_comp_id 
_struct_conf.beg_auth_asym_id 
_struct_conf.beg_auth_seq_id 
_struct_conf.end_auth_comp_id 
_struct_conf.end_auth_asym_id 
_struct_conf.end_auth_seq_id 
_struct_conf.pdbx_PDB_helix_class 
_struct_conf.details 
_struct_conf.pdbx_PDB_helix_length 
HELX_P HELX_P1 AA1 SER A 2 ? LYS A 54 ? SER A 2 LYS A 54 1 ? 53 
HELX_P HELX_P2 AA2 SER B 2 ? HIS B 47 ? SER B 2 HIS B 47 1 ? 46 
# 
_struct_conf_type.id          HELX_P 
_struct_conf_type.criteria    ? 
_struct_conf_type.reference   ? 
# 
_struct_conn.id                            disulf1 
_struct_conn.conn_type_id                  disulf 
_struct_conn.pdbx_leaving_atom_flag        ? 
_struct_conn.pdbx_PDB_id                   ? 
_struct_conn.ptnr1_label_asym_id           A 
_struct_conn.ptnr1_label_comp_id           CYS 
_struct_conn.ptnr1_label_seq_id            31 
_struct_conn.ptnr1_label_atom_id           SG 
_struct_conn.pdbx_ptnr1_label_alt_id       ? 
_struct_conn.pdbx_ptnr1_PDB_ins_code       ? 
_struct_conn.pdbx_ptnr1_standard_comp_id   ? 
_struct_conn.ptnr1_symmetry                1_555 
_struct_conn.ptnr2_label_asym_id           B 
_struct_conn.ptnr2_label_comp_id           CYS 
_struct_conn.ptnr2_label_seq_id            31 
_struct_conn.ptnr2_label_atom_id           SG 
_struct_conn.pdbx_ptnr2_label_alt_id       ? 
_struct_conn.pdbx_ptnr2_PDB_ins_code       ? 
_struct_conn.ptnr1_auth_asym_id            A 
_struct_conn.ptnr1_auth_comp_id            CYS 
_struct_conn.ptnr1_auth_seq_id             31 
_struct_conn.ptnr2_auth_asym_id            B 
_struct_conn.ptnr2_auth_comp_id            CYS 
_struct_conn.ptnr2_auth_seq_id             31 
_struct_conn.ptnr2_symmetry                1_555 
_struct_conn.pdbx_ptnr3_label_atom_id      ? 
_struct_conn.pdbx_ptnr3_label_seq_id       ? 
_struct_conn.pdbx_ptnr3_label_comp_id      ? 
_struct_conn.pdbx_ptnr3_label_asym_id      ? 
_struct_conn.pdbx_ptnr3_label_alt_id       ? 
_struct_conn.pdbx_ptnr3_PDB_ins_code       ? 
_struct_conn.details                       ? 
_struct_conn.pdbx_dist_value               2.033 
_struct_conn.pdbx_value_order              ? 
_struct_conn.pdbx_role                     ? 
# 
_struct_conn_type.id          disulf 
_struct_conn_type.criteria    ? 
_struct_conn_type.reference   ? 
# 
_pdbx_modification_feature.ordinal                            1 
_pdbx_modification_feature.label_comp_id                      CYS 
_pdbx_modification_feature.label_asym_id                      A 
_pdbx_modification_feature.label_seq_id                       31 
_pdbx_modification_feature.label_alt_id                       ? 
_pdbx_modification_feature.modified_residue_label_comp_id     CYS 
_pdbx_modification_feature.modified_residue_label_asym_id     B 
_pdbx_modification_feature.modified_residue_label_seq_id      31 
_pdbx_modification_feature.modified_residue_label_alt_id      ? 
_pdbx_modification_feature.auth_comp_id                       CYS 
_pdbx_modification_feature.auth_asym_id                       A 
_pdbx_modification_feature.auth_seq_id                        31 
_pdbx_modification_feature.PDB_ins_code                       ? 
_pdbx_modification_feature.symmetry                           1_555 
_pdbx_modification_feature.modified_residue_auth_comp_id      CYS 
_pdbx_modification_feature.modified_residue_auth_asym_id      B 
_pdbx_modification_feature.modified_residue_auth_seq_id       31 
_pdbx_modification_feature.modified_residue_PDB_ins_code      ? 
_pdbx_modification_feature.modified_residue_symmetry          1_555 
_pdbx_modification_feature.comp_id_linking_atom               SG 
_pdbx_modification_feature.modified_residue_id_linking_atom   SG 
_pdbx_modification_feature.modified_residue_id                . 
_pdbx_modification_feature.ref_pcm_id                         . 
_pdbx_modification_feature.ref_comp_id                        . 
_pdbx_modification_feature.type                               None 
_pdbx_modification_feature.category                           'Disulfide bridge' 
# 
_pdbx_entry_details.entry_id                   5NG4 
_pdbx_entry_details.compound_details           ? 
_pdbx_entry_details.source_details             ? 
_pdbx_entry_details.nonpolymer_details         ? 
_pdbx_entry_details.sequence_details           ? 
_pdbx_entry_details.has_ligand_of_interest     ? 
_pdbx_entry_details.has_protein_modification   Y 
# 
loop_
_pdbx_struct_special_symmetry.id 
_pdbx_struct_special_symmetry.PDB_model_num 
_pdbx_struct_special_symmetry.auth_asym_id 
_pdbx_struct_special_symmetry.auth_comp_id 
_pdbx_struct_special_symmetry.auth_seq_id 
_pdbx_struct_special_symmetry.PDB_ins_code 
_pdbx_struct_special_symmetry.label_asym_id 
_pdbx_struct_special_symmetry.label_comp_id 
_pdbx_struct_special_symmetry.label_seq_id 
1 1 A HOH 145 ? C HOH . 
2 1 B HOH 107 ? D HOH . 
3 1 B HOH 124 ? D HOH . 
4 1 B HOH 139 ? D HOH . 
5 1 B HOH 149 ? D HOH . 
# 
loop_
_pdbx_unobs_or_zero_occ_residues.id 
_pdbx_unobs_or_zero_occ_residues.PDB_model_num 
_pdbx_unobs_or_zero_occ_residues.polymer_flag 
_pdbx_unobs_or_zero_occ_residues.occupancy_flag 
_pdbx_unobs_or_zero_occ_residues.auth_asym_id 
_pdbx_unobs_or_zero_occ_residues.auth_comp_id 
_pdbx_unobs_or_zero_occ_residues.auth_seq_id 
_pdbx_unobs_or_zero_occ_residues.PDB_ins_code 
_pdbx_unobs_or_zero_occ_residues.label_asym_id 
_pdbx_unobs_or_zero_occ_residues.label_comp_id 
_pdbx_unobs_or_zero_occ_residues.label_seq_id 
1  1 Y 1 A GLY 1  ? A GLY 1  
2  1 Y 1 A SER 56 ? A SER 56 
3  1 Y 1 A LYS 57 ? A LYS 57 
4  1 Y 1 A ALA 58 ? A ALA 58 
5  1 Y 1 A LYS 59 ? A LYS 59 
6  1 Y 1 A ASN 60 ? A ASN 60 
7  1 Y 1 A GLU 61 ? A GLU 61 
8  1 Y 1 A ARG 62 ? A ARG 62 
9  1 Y 1 A ILE 63 ? A ILE 63 
10 1 Y 1 A GLN 64 ? A GLN 64 
11 1 Y 1 A GLN 65 ? A GLN 65 
12 1 Y 1 B LEU 49 ? B LEU 49 
13 1 Y 1 B LYS 50 ? B LYS 50 
14 1 Y 1 B LEU 51 ? B LEU 51 
15 1 Y 1 B LEU 52 ? B LEU 52 
16 1 Y 1 B GLU 53 ? B GLU 53 
17 1 Y 1 B LYS 54 ? B LYS 54 
18 1 Y 1 B GLU 55 ? B GLU 55 
19 1 Y 1 B SER 56 ? B SER 56 
20 1 Y 1 B LYS 57 ? B LYS 57 
21 1 Y 1 B ALA 58 ? B ALA 58 
22 1 Y 1 B LYS 59 ? B LYS 59 
23 1 Y 1 B ASN 60 ? B ASN 60 
24 1 Y 1 B GLU 61 ? B GLU 61 
25 1 Y 1 B ARG 62 ? B ARG 62 
26 1 Y 1 B ILE 63 ? B ILE 63 
27 1 Y 1 B GLN 64 ? B GLN 64 
28 1 Y 1 B GLN 65 ? B GLN 65 
# 
loop_
_chem_comp_atom.comp_id 
_chem_comp_atom.atom_id 
_chem_comp_atom.type_symbol 
_chem_comp_atom.pdbx_aromatic_flag 
_chem_comp_atom.pdbx_stereo_config 
_chem_comp_atom.pdbx_ordinal 
ALA N    N N N 1   
ALA CA   C N S 2   
ALA C    C N N 3   
ALA O    O N N 4   
ALA CB   C N N 5   
ALA OXT  O N N 6   
ALA H    H N N 7   
ALA H2   H N N 8   
ALA HA   H N N 9   
ALA HB1  H N N 10  
ALA HB2  H N N 11  
ALA HB3  H N N 12  
ALA HXT  H N N 13  
ARG N    N N N 14  
ARG CA   C N S 15  
ARG C    C N N 16  
ARG O    O N N 17  
ARG CB   C N N 18  
ARG CG   C N N 19  
ARG CD   C N N 20  
ARG NE   N N N 21  
ARG CZ   C N N 22  
ARG NH1  N N N 23  
ARG NH2  N N N 24  
ARG OXT  O N N 25  
ARG H    H N N 26  
ARG H2   H N N 27  
ARG HA   H N N 28  
ARG HB2  H N N 29  
ARG HB3  H N N 30  
ARG HG2  H N N 31  
ARG HG3  H N N 32  
ARG HD2  H N N 33  
ARG HD3  H N N 34  
ARG HE   H N N 35  
ARG HH11 H N N 36  
ARG HH12 H N N 37  
ARG HH21 H N N 38  
ARG HH22 H N N 39  
ARG HXT  H N N 40  
ASN N    N N N 41  
ASN CA   C N S 42  
ASN C    C N N 43  
ASN O    O N N 44  
ASN CB   C N N 45  
ASN CG   C N N 46  
ASN OD1  O N N 47  
ASN ND2  N N N 48  
ASN OXT  O N N 49  
ASN H    H N N 50  
ASN H2   H N N 51  
ASN HA   H N N 52  
ASN HB2  H N N 53  
ASN HB3  H N N 54  
ASN HD21 H N N 55  
ASN HD22 H N N 56  
ASN HXT  H N N 57  
ASP N    N N N 58  
ASP CA   C N S 59  
ASP C    C N N 60  
ASP O    O N N 61  
ASP CB   C N N 62  
ASP CG   C N N 63  
ASP OD1  O N N 64  
ASP OD2  O N N 65  
ASP OXT  O N N 66  
ASP H    H N N 67  
ASP H2   H N N 68  
ASP HA   H N N 69  
ASP HB2  H N N 70  
ASP HB3  H N N 71  
ASP HD2  H N N 72  
ASP HXT  H N N 73  
CYS N    N N N 74  
CYS CA   C N R 75  
CYS C    C N N 76  
CYS O    O N N 77  
CYS CB   C N N 78  
CYS SG   S N N 79  
CYS OXT  O N N 80  
CYS H    H N N 81  
CYS H2   H N N 82  
CYS HA   H N N 83  
CYS HB2  H N N 84  
CYS HB3  H N N 85  
CYS HG   H N N 86  
CYS HXT  H N N 87  
GLN N    N N N 88  
GLN CA   C N S 89  
GLN C    C N N 90  
GLN O    O N N 91  
GLN CB   C N N 92  
GLN CG   C N N 93  
GLN CD   C N N 94  
GLN OE1  O N N 95  
GLN NE2  N N N 96  
GLN OXT  O N N 97  
GLN H    H N N 98  
GLN H2   H N N 99  
GLN HA   H N N 100 
GLN HB2  H N N 101 
GLN HB3  H N N 102 
GLN HG2  H N N 103 
GLN HG3  H N N 104 
GLN HE21 H N N 105 
GLN HE22 H N N 106 
GLN HXT  H N N 107 
GLU N    N N N 108 
GLU CA   C N S 109 
GLU C    C N N 110 
GLU O    O N N 111 
GLU CB   C N N 112 
GLU CG   C N N 113 
GLU CD   C N N 114 
GLU OE1  O N N 115 
GLU OE2  O N N 116 
GLU OXT  O N N 117 
GLU H    H N N 118 
GLU H2   H N N 119 
GLU HA   H N N 120 
GLU HB2  H N N 121 
GLU HB3  H N N 122 
GLU HG2  H N N 123 
GLU HG3  H N N 124 
GLU HE2  H N N 125 
GLU HXT  H N N 126 
GLY N    N N N 127 
GLY CA   C N N 128 
GLY C    C N N 129 
GLY O    O N N 130 
GLY OXT  O N N 131 
GLY H    H N N 132 
GLY H2   H N N 133 
GLY HA2  H N N 134 
GLY HA3  H N N 135 
GLY HXT  H N N 136 
HIS N    N N N 137 
HIS CA   C N S 138 
HIS C    C N N 139 
HIS O    O N N 140 
HIS CB   C N N 141 
HIS CG   C Y N 142 
HIS ND1  N Y N 143 
HIS CD2  C Y N 144 
HIS CE1  C Y N 145 
HIS NE2  N Y N 146 
HIS OXT  O N N 147 
HIS H    H N N 148 
HIS H2   H N N 149 
HIS HA   H N N 150 
HIS HB2  H N N 151 
HIS HB3  H N N 152 
HIS HD1  H N N 153 
HIS HD2  H N N 154 
HIS HE1  H N N 155 
HIS HE2  H N N 156 
HIS HXT  H N N 157 
HOH O    O N N 158 
HOH H1   H N N 159 
HOH H2   H N N 160 
ILE N    N N N 161 
ILE CA   C N S 162 
ILE C    C N N 163 
ILE O    O N N 164 
ILE CB   C N S 165 
ILE CG1  C N N 166 
ILE CG2  C N N 167 
ILE CD1  C N N 168 
ILE OXT  O N N 169 
ILE H    H N N 170 
ILE H2   H N N 171 
ILE HA   H N N 172 
ILE HB   H N N 173 
ILE HG12 H N N 174 
ILE HG13 H N N 175 
ILE HG21 H N N 176 
ILE HG22 H N N 177 
ILE HG23 H N N 178 
ILE HD11 H N N 179 
ILE HD12 H N N 180 
ILE HD13 H N N 181 
ILE HXT  H N N 182 
LEU N    N N N 183 
LEU CA   C N S 184 
LEU C    C N N 185 
LEU O    O N N 186 
LEU CB   C N N 187 
LEU CG   C N N 188 
LEU CD1  C N N 189 
LEU CD2  C N N 190 
LEU OXT  O N N 191 
LEU H    H N N 192 
LEU H2   H N N 193 
LEU HA   H N N 194 
LEU HB2  H N N 195 
LEU HB3  H N N 196 
LEU HG   H N N 197 
LEU HD11 H N N 198 
LEU HD12 H N N 199 
LEU HD13 H N N 200 
LEU HD21 H N N 201 
LEU HD22 H N N 202 
LEU HD23 H N N 203 
LEU HXT  H N N 204 
LYS N    N N N 205 
LYS CA   C N S 206 
LYS C    C N N 207 
LYS O    O N N 208 
LYS CB   C N N 209 
LYS CG   C N N 210 
LYS CD   C N N 211 
LYS CE   C N N 212 
LYS NZ   N N N 213 
LYS OXT  O N N 214 
LYS H    H N N 215 
LYS H2   H N N 216 
LYS HA   H N N 217 
LYS HB2  H N N 218 
LYS HB3  H N N 219 
LYS HG2  H N N 220 
LYS HG3  H N N 221 
LYS HD2  H N N 222 
LYS HD3  H N N 223 
LYS HE2  H N N 224 
LYS HE3  H N N 225 
LYS HZ1  H N N 226 
LYS HZ2  H N N 227 
LYS HZ3  H N N 228 
LYS HXT  H N N 229 
MET N    N N N 230 
MET CA   C N S 231 
MET C    C N N 232 
MET O    O N N 233 
MET CB   C N N 234 
MET CG   C N N 235 
MET SD   S N N 236 
MET CE   C N N 237 
MET OXT  O N N 238 
MET H    H N N 239 
MET H2   H N N 240 
MET HA   H N N 241 
MET HB2  H N N 242 
MET HB3  H N N 243 
MET HG2  H N N 244 
MET HG3  H N N 245 
MET HE1  H N N 246 
MET HE2  H N N 247 
MET HE3  H N N 248 
MET HXT  H N N 249 
PHE N    N N N 250 
PHE CA   C N S 251 
PHE C    C N N 252 
PHE O    O N N 253 
PHE CB   C N N 254 
PHE CG   C Y N 255 
PHE CD1  C Y N 256 
PHE CD2  C Y N 257 
PHE CE1  C Y N 258 
PHE CE2  C Y N 259 
PHE CZ   C Y N 260 
PHE OXT  O N N 261 
PHE H    H N N 262 
PHE H2   H N N 263 
PHE HA   H N N 264 
PHE HB2  H N N 265 
PHE HB3  H N N 266 
PHE HD1  H N N 267 
PHE HD2  H N N 268 
PHE HE1  H N N 269 
PHE HE2  H N N 270 
PHE HZ   H N N 271 
PHE HXT  H N N 272 
SER N    N N N 273 
SER CA   C N S 274 
SER C    C N N 275 
SER O    O N N 276 
SER CB   C N N 277 
SER OG   O N N 278 
SER OXT  O N N 279 
SER H    H N N 280 
SER H2   H N N 281 
SER HA   H N N 282 
SER HB2  H N N 283 
SER HB3  H N N 284 
SER HG   H N N 285 
SER HXT  H N N 286 
THR N    N N N 287 
THR CA   C N S 288 
THR C    C N N 289 
THR O    O N N 290 
THR CB   C N R 291 
THR OG1  O N N 292 
THR CG2  C N N 293 
THR OXT  O N N 294 
THR H    H N N 295 
THR H2   H N N 296 
THR HA   H N N 297 
THR HB   H N N 298 
THR HG1  H N N 299 
THR HG21 H N N 300 
THR HG22 H N N 301 
THR HG23 H N N 302 
THR HXT  H N N 303 
TYR N    N N N 304 
TYR CA   C N S 305 
TYR C    C N N 306 
TYR O    O N N 307 
TYR CB   C N N 308 
TYR CG   C Y N 309 
TYR CD1  C Y N 310 
TYR CD2  C Y N 311 
TYR CE1  C Y N 312 
TYR CE2  C Y N 313 
TYR CZ   C Y N 314 
TYR OH   O N N 315 
TYR OXT  O N N 316 
TYR H    H N N 317 
TYR H2   H N N 318 
TYR HA   H N N 319 
TYR HB2  H N N 320 
TYR HB3  H N N 321 
TYR HD1  H N N 322 
TYR HD2  H N N 323 
TYR HE1  H N N 324 
TYR HE2  H N N 325 
TYR HH   H N N 326 
TYR HXT  H N N 327 
VAL N    N N N 328 
VAL CA   C N S 329 
VAL C    C N N 330 
VAL O    O N N 331 
VAL CB   C N N 332 
VAL CG1  C N N 333 
VAL CG2  C N N 334 
VAL OXT  O N N 335 
VAL H    H N N 336 
VAL H2   H N N 337 
VAL HA   H N N 338 
VAL HB   H N N 339 
VAL HG11 H N N 340 
VAL HG12 H N N 341 
VAL HG13 H N N 342 
VAL HG21 H N N 343 
VAL HG22 H N N 344 
VAL HG23 H N N 345 
VAL HXT  H N N 346 
# 
loop_
_chem_comp_bond.comp_id 
_chem_comp_bond.atom_id_1 
_chem_comp_bond.atom_id_2 
_chem_comp_bond.value_order 
_chem_comp_bond.pdbx_aromatic_flag 
_chem_comp_bond.pdbx_stereo_config 
_chem_comp_bond.pdbx_ordinal 
ALA N   CA   sing N N 1   
ALA N   H    sing N N 2   
ALA N   H2   sing N N 3   
ALA CA  C    sing N N 4   
ALA CA  CB   sing N N 5   
ALA CA  HA   sing N N 6   
ALA C   O    doub N N 7   
ALA C   OXT  sing N N 8   
ALA CB  HB1  sing N N 9   
ALA CB  HB2  sing N N 10  
ALA CB  HB3  sing N N 11  
ALA OXT HXT  sing N N 12  
ARG N   CA   sing N N 13  
ARG N   H    sing N N 14  
ARG N   H2   sing N N 15  
ARG CA  C    sing N N 16  
ARG CA  CB   sing N N 17  
ARG CA  HA   sing N N 18  
ARG C   O    doub N N 19  
ARG C   OXT  sing N N 20  
ARG CB  CG   sing N N 21  
ARG CB  HB2  sing N N 22  
ARG CB  HB3  sing N N 23  
ARG CG  CD   sing N N 24  
ARG CG  HG2  sing N N 25  
ARG CG  HG3  sing N N 26  
ARG CD  NE   sing N N 27  
ARG CD  HD2  sing N N 28  
ARG CD  HD3  sing N N 29  
ARG NE  CZ   sing N N 30  
ARG NE  HE   sing N N 31  
ARG CZ  NH1  sing N N 32  
ARG CZ  NH2  doub N N 33  
ARG NH1 HH11 sing N N 34  
ARG NH1 HH12 sing N N 35  
ARG NH2 HH21 sing N N 36  
ARG NH2 HH22 sing N N 37  
ARG OXT HXT  sing N N 38  
ASN N   CA   sing N N 39  
ASN N   H    sing N N 40  
ASN N   H2   sing N N 41  
ASN CA  C    sing N N 42  
ASN CA  CB   sing N N 43  
ASN CA  HA   sing N N 44  
ASN C   O    doub N N 45  
ASN C   OXT  sing N N 46  
ASN CB  CG   sing N N 47  
ASN CB  HB2  sing N N 48  
ASN CB  HB3  sing N N 49  
ASN CG  OD1  doub N N 50  
ASN CG  ND2  sing N N 51  
ASN ND2 HD21 sing N N 52  
ASN ND2 HD22 sing N N 53  
ASN OXT HXT  sing N N 54  
ASP N   CA   sing N N 55  
ASP N   H    sing N N 56  
ASP N   H2   sing N N 57  
ASP CA  C    sing N N 58  
ASP CA  CB   sing N N 59  
ASP CA  HA   sing N N 60  
ASP C   O    doub N N 61  
ASP C   OXT  sing N N 62  
ASP CB  CG   sing N N 63  
ASP CB  HB2  sing N N 64  
ASP CB  HB3  sing N N 65  
ASP CG  OD1  doub N N 66  
ASP CG  OD2  sing N N 67  
ASP OD2 HD2  sing N N 68  
ASP OXT HXT  sing N N 69  
CYS N   CA   sing N N 70  
CYS N   H    sing N N 71  
CYS N   H2   sing N N 72  
CYS CA  C    sing N N 73  
CYS CA  CB   sing N N 74  
CYS CA  HA   sing N N 75  
CYS C   O    doub N N 76  
CYS C   OXT  sing N N 77  
CYS CB  SG   sing N N 78  
CYS CB  HB2  sing N N 79  
CYS CB  HB3  sing N N 80  
CYS SG  HG   sing N N 81  
CYS OXT HXT  sing N N 82  
GLN N   CA   sing N N 83  
GLN N   H    sing N N 84  
GLN N   H2   sing N N 85  
GLN CA  C    sing N N 86  
GLN CA  CB   sing N N 87  
GLN CA  HA   sing N N 88  
GLN C   O    doub N N 89  
GLN C   OXT  sing N N 90  
GLN CB  CG   sing N N 91  
GLN CB  HB2  sing N N 92  
GLN CB  HB3  sing N N 93  
GLN CG  CD   sing N N 94  
GLN CG  HG2  sing N N 95  
GLN CG  HG3  sing N N 96  
GLN CD  OE1  doub N N 97  
GLN CD  NE2  sing N N 98  
GLN NE2 HE21 sing N N 99  
GLN NE2 HE22 sing N N 100 
GLN OXT HXT  sing N N 101 
GLU N   CA   sing N N 102 
GLU N   H    sing N N 103 
GLU N   H2   sing N N 104 
GLU CA  C    sing N N 105 
GLU CA  CB   sing N N 106 
GLU CA  HA   sing N N 107 
GLU C   O    doub N N 108 
GLU C   OXT  sing N N 109 
GLU CB  CG   sing N N 110 
GLU CB  HB2  sing N N 111 
GLU CB  HB3  sing N N 112 
GLU CG  CD   sing N N 113 
GLU CG  HG2  sing N N 114 
GLU CG  HG3  sing N N 115 
GLU CD  OE1  doub N N 116 
GLU CD  OE2  sing N N 117 
GLU OE2 HE2  sing N N 118 
GLU OXT HXT  sing N N 119 
GLY N   CA   sing N N 120 
GLY N   H    sing N N 121 
GLY N   H2   sing N N 122 
GLY CA  C    sing N N 123 
GLY CA  HA2  sing N N 124 
GLY CA  HA3  sing N N 125 
GLY C   O    doub N N 126 
GLY C   OXT  sing N N 127 
GLY OXT HXT  sing N N 128 
HIS N   CA   sing N N 129 
HIS N   H    sing N N 130 
HIS N   H2   sing N N 131 
HIS CA  C    sing N N 132 
HIS CA  CB   sing N N 133 
HIS CA  HA   sing N N 134 
HIS C   O    doub N N 135 
HIS C   OXT  sing N N 136 
HIS CB  CG   sing N N 137 
HIS CB  HB2  sing N N 138 
HIS CB  HB3  sing N N 139 
HIS CG  ND1  sing Y N 140 
HIS CG  CD2  doub Y N 141 
HIS ND1 CE1  doub Y N 142 
HIS ND1 HD1  sing N N 143 
HIS CD2 NE2  sing Y N 144 
HIS CD2 HD2  sing N N 145 
HIS CE1 NE2  sing Y N 146 
HIS CE1 HE1  sing N N 147 
HIS NE2 HE2  sing N N 148 
HIS OXT HXT  sing N N 149 
HOH O   H1   sing N N 150 
HOH O   H2   sing N N 151 
ILE N   CA   sing N N 152 
ILE N   H    sing N N 153 
ILE N   H2   sing N N 154 
ILE CA  C    sing N N 155 
ILE CA  CB   sing N N 156 
ILE CA  HA   sing N N 157 
ILE C   O    doub N N 158 
ILE C   OXT  sing N N 159 
ILE CB  CG1  sing N N 160 
ILE CB  CG2  sing N N 161 
ILE CB  HB   sing N N 162 
ILE CG1 CD1  sing N N 163 
ILE CG1 HG12 sing N N 164 
ILE CG1 HG13 sing N N 165 
ILE CG2 HG21 sing N N 166 
ILE CG2 HG22 sing N N 167 
ILE CG2 HG23 sing N N 168 
ILE CD1 HD11 sing N N 169 
ILE CD1 HD12 sing N N 170 
ILE CD1 HD13 sing N N 171 
ILE OXT HXT  sing N N 172 
LEU N   CA   sing N N 173 
LEU N   H    sing N N 174 
LEU N   H2   sing N N 175 
LEU CA  C    sing N N 176 
LEU CA  CB   sing N N 177 
LEU CA  HA   sing N N 178 
LEU C   O    doub N N 179 
LEU C   OXT  sing N N 180 
LEU CB  CG   sing N N 181 
LEU CB  HB2  sing N N 182 
LEU CB  HB3  sing N N 183 
LEU CG  CD1  sing N N 184 
LEU CG  CD2  sing N N 185 
LEU CG  HG   sing N N 186 
LEU CD1 HD11 sing N N 187 
LEU CD1 HD12 sing N N 188 
LEU CD1 HD13 sing N N 189 
LEU CD2 HD21 sing N N 190 
LEU CD2 HD22 sing N N 191 
LEU CD2 HD23 sing N N 192 
LEU OXT HXT  sing N N 193 
LYS N   CA   sing N N 194 
LYS N   H    sing N N 195 
LYS N   H2   sing N N 196 
LYS CA  C    sing N N 197 
LYS CA  CB   sing N N 198 
LYS CA  HA   sing N N 199 
LYS C   O    doub N N 200 
LYS C   OXT  sing N N 201 
LYS CB  CG   sing N N 202 
LYS CB  HB2  sing N N 203 
LYS CB  HB3  sing N N 204 
LYS CG  CD   sing N N 205 
LYS CG  HG2  sing N N 206 
LYS CG  HG3  sing N N 207 
LYS CD  CE   sing N N 208 
LYS CD  HD2  sing N N 209 
LYS CD  HD3  sing N N 210 
LYS CE  NZ   sing N N 211 
LYS CE  HE2  sing N N 212 
LYS CE  HE3  sing N N 213 
LYS NZ  HZ1  sing N N 214 
LYS NZ  HZ2  sing N N 215 
LYS NZ  HZ3  sing N N 216 
LYS OXT HXT  sing N N 217 
MET N   CA   sing N N 218 
MET N   H    sing N N 219 
MET N   H2   sing N N 220 
MET CA  C    sing N N 221 
MET CA  CB   sing N N 222 
MET CA  HA   sing N N 223 
MET C   O    doub N N 224 
MET C   OXT  sing N N 225 
MET CB  CG   sing N N 226 
MET CB  HB2  sing N N 227 
MET CB  HB3  sing N N 228 
MET CG  SD   sing N N 229 
MET CG  HG2  sing N N 230 
MET CG  HG3  sing N N 231 
MET SD  CE   sing N N 232 
MET CE  HE1  sing N N 233 
MET CE  HE2  sing N N 234 
MET CE  HE3  sing N N 235 
MET OXT HXT  sing N N 236 
PHE N   CA   sing N N 237 
PHE N   H    sing N N 238 
PHE N   H2   sing N N 239 
PHE CA  C    sing N N 240 
PHE CA  CB   sing N N 241 
PHE CA  HA   sing N N 242 
PHE C   O    doub N N 243 
PHE C   OXT  sing N N 244 
PHE CB  CG   sing N N 245 
PHE CB  HB2  sing N N 246 
PHE CB  HB3  sing N N 247 
PHE CG  CD1  doub Y N 248 
PHE CG  CD2  sing Y N 249 
PHE CD1 CE1  sing Y N 250 
PHE CD1 HD1  sing N N 251 
PHE CD2 CE2  doub Y N 252 
PHE CD2 HD2  sing N N 253 
PHE CE1 CZ   doub Y N 254 
PHE CE1 HE1  sing N N 255 
PHE CE2 CZ   sing Y N 256 
PHE CE2 HE2  sing N N 257 
PHE CZ  HZ   sing N N 258 
PHE OXT HXT  sing N N 259 
SER N   CA   sing N N 260 
SER N   H    sing N N 261 
SER N   H2   sing N N 262 
SER CA  C    sing N N 263 
SER CA  CB   sing N N 264 
SER CA  HA   sing N N 265 
SER C   O    doub N N 266 
SER C   OXT  sing N N 267 
SER CB  OG   sing N N 268 
SER CB  HB2  sing N N 269 
SER CB  HB3  sing N N 270 
SER OG  HG   sing N N 271 
SER OXT HXT  sing N N 272 
THR N   CA   sing N N 273 
THR N   H    sing N N 274 
THR N   H2   sing N N 275 
THR CA  C    sing N N 276 
THR CA  CB   sing N N 277 
THR CA  HA   sing N N 278 
THR C   O    doub N N 279 
THR C   OXT  sing N N 280 
THR CB  OG1  sing N N 281 
THR CB  CG2  sing N N 282 
THR CB  HB   sing N N 283 
THR OG1 HG1  sing N N 284 
THR CG2 HG21 sing N N 285 
THR CG2 HG22 sing N N 286 
THR CG2 HG23 sing N N 287 
THR OXT HXT  sing N N 288 
TYR N   CA   sing N N 289 
TYR N   H    sing N N 290 
TYR N   H2   sing N N 291 
TYR CA  C    sing N N 292 
TYR CA  CB   sing N N 293 
TYR CA  HA   sing N N 294 
TYR C   O    doub N N 295 
TYR C   OXT  sing N N 296 
TYR CB  CG   sing N N 297 
TYR CB  HB2  sing N N 298 
TYR CB  HB3  sing N N 299 
TYR CG  CD1  doub Y N 300 
TYR CG  CD2  sing Y N 301 
TYR CD1 CE1  sing Y N 302 
TYR CD1 HD1  sing N N 303 
TYR CD2 CE2  doub Y N 304 
TYR CD2 HD2  sing N N 305 
TYR CE1 CZ   doub Y N 306 
TYR CE1 HE1  sing N N 307 
TYR CE2 CZ   sing Y N 308 
TYR CE2 HE2  sing N N 309 
TYR CZ  OH   sing N N 310 
TYR OH  HH   sing N N 311 
TYR OXT HXT  sing N N 312 
VAL N   CA   sing N N 313 
VAL N   H    sing N N 314 
VAL N   H2   sing N N 315 
VAL CA  C    sing N N 316 
VAL CA  CB   sing N N 317 
VAL CA  HA   sing N N 318 
VAL C   O    doub N N 319 
VAL C   OXT  sing N N 320 
VAL CB  CG1  sing N N 321 
VAL CB  CG2  sing N N 322 
VAL CB  HB   sing N N 323 
VAL CG1 HG11 sing N N 324 
VAL CG1 HG12 sing N N 325 
VAL CG1 HG13 sing N N 326 
VAL CG2 HG21 sing N N 327 
VAL CG2 HG22 sing N N 328 
VAL CG2 HG23 sing N N 329 
VAL OXT HXT  sing N N 330 
# 
loop_
_pdbx_audit_support.funding_organization 
_pdbx_audit_support.country 
_pdbx_audit_support.grant_number 
_pdbx_audit_support.ordinal 
'Swiss National Science Foundation' Switzerland 310030B_138659 1 
'Swiss National Science Foundation' Switzerland 31003A_166608  2 
# 
_atom_sites.entry_id                    5NG4 
_atom_sites.fract_transf_matrix[1][1]   0.01182331 
_atom_sites.fract_transf_matrix[1][2]   -0.00451845 
_atom_sites.fract_transf_matrix[1][3]   0.00013429 
_atom_sites.fract_transf_matrix[2][1]   -0.00156061 
_atom_sites.fract_transf_matrix[2][2]   -0.00443293 
_atom_sites.fract_transf_matrix[2][3]   -0.01175324 
_atom_sites.fract_transf_matrix[3][1]   0.00351252 
_atom_sites.fract_transf_matrix[3][2]   0.00907553 
_atom_sites.fract_transf_matrix[3][3]   -0.00388939 
_atom_sites.fract_transf_vector[1]      0.618678 
_atom_sites.fract_transf_vector[2]      0.560835 
_atom_sites.fract_transf_vector[3]      0.086654 
# 
loop_
_atom_type.symbol 
C 
N 
O 
S 
# 
loop_
_atom_site.group_PDB 
_atom_site.id 
_atom_site.type_symbol 
_atom_site.label_atom_id 
_atom_site.label_alt_id 
_atom_site.label_comp_id 
_atom_site.label_asym_id 
_atom_site.label_entity_id 
_atom_site.label_seq_id 
_atom_site.pdbx_PDB_ins_code 
_atom_site.Cartn_x 
_atom_site.Cartn_y 
_atom_site.Cartn_z 
_atom_site.occupancy 
_atom_site.B_iso_or_equiv 
_atom_site.pdbx_formal_charge 
_atom_site.auth_seq_id 
_atom_site.auth_comp_id 
_atom_site.auth_asym_id 
_atom_site.auth_atom_id 
_atom_site.pdbx_PDB_model_num 
ATOM   1   N N   . SER A 1 2  ? -30.893 17.330  -8.749  1.00 60.83  ? 2   SER A N   1 
ATOM   2   C CA  . SER A 1 2  ? -31.398 16.213  -9.540  1.00 62.80  ? 2   SER A CA  1 
ATOM   3   C C   . SER A 1 2  ? -30.493 14.993  -9.404  1.00 60.75  ? 2   SER A C   1 
ATOM   4   O O   . SER A 1 2  ? -29.366 15.095  -8.920  1.00 51.36  ? 2   SER A O   1 
ATOM   5   C CB  . SER A 1 2  ? -31.527 16.613  -11.011 1.00 75.81  ? 2   SER A CB  1 
ATOM   6   O OG  . SER A 1 2  ? -30.274 17.004  -11.546 1.00 54.27  ? 2   SER A OG  1 
ATOM   7   N N   . ASN A 1 3  ? -30.995 13.839  -9.833  1.00 50.13  ? 3   ASN A N   1 
ATOM   8   C CA  . ASN A 1 3  ? -30.238 12.595  -9.750  1.00 54.28  ? 3   ASN A CA  1 
ATOM   9   C C   . ASN A 1 3  ? -29.066 12.579  -10.724 1.00 48.12  ? 3   ASN A C   1 
ATOM   10  O O   . ASN A 1 3  ? -28.076 11.884  -10.500 1.00 44.35  ? 3   ASN A O   1 
ATOM   11  C CB  . ASN A 1 3  ? -31.150 11.394  -10.012 1.00 43.44  ? 3   ASN A CB  1 
ATOM   12  C CG  . ASN A 1 3  ? -32.028 11.060  -8.823  1.00 46.46  ? 3   ASN A CG  1 
ATOM   13  O OD1 . ASN A 1 3  ? -31.634 11.255  -7.673  1.00 41.45  ? 3   ASN A OD1 1 
ATOM   14  N ND2 . ASN A 1 3  ? -33.224 10.550  -9.094  1.00 63.85  ? 3   ASN A ND2 1 
ATOM   15  N N   . ASN A 1 4  ? -29.182 13.347  -11.803 1.00 41.24  ? 4   ASN A N   1 
ATOM   16  C CA  . ASN A 1 4  ? -28.128 13.417  -12.809 1.00 46.15  ? 4   ASN A CA  1 
ATOM   17  C C   . ASN A 1 4  ? -26.846 14.006  -12.225 1.00 32.43  ? 4   ASN A C   1 
ATOM   18  O O   . ASN A 1 4  ? -25.747 13.568  -12.561 1.00 34.75  ? 4   ASN A O   1 
ATOM   19  C CB  . ASN A 1 4  ? -28.586 14.242  -14.012 1.00 36.12  ? 4   ASN A CB  1 
ATOM   20  C CG  . ASN A 1 4  ? -29.729 13.588  -14.764 1.00 46.14  ? 4   ASN A CG  1 
ATOM   21  O OD1 . ASN A 1 4  ? -29.773 12.366  -14.910 1.00 43.12  ? 4   ASN A OD1 1 
ATOM   22  N ND2 . ASN A 1 4  ? -30.662 14.402  -15.243 1.00 59.84  ? 4   ASN A ND2 1 
ATOM   23  N N   . GLU A 1 5  ? -26.994 14.998  -11.353 1.00 30.08  ? 5   GLU A N   1 
ATOM   24  C CA  . GLU A 1 5  ? -25.851 15.584  -10.663 1.00 36.91  ? 5   GLU A CA  1 
ATOM   25  C C   . GLU A 1 5  ? -25.233 14.566  -9.714  1.00 40.66  ? 5   GLU A C   1 
ATOM   26  O O   . GLU A 1 5  ? -24.016 14.521  -9.538  1.00 38.32  ? 5   GLU A O   1 
ATOM   27  C CB  . GLU A 1 5  ? -26.261 16.841  -9.895  1.00 38.08  ? 5   GLU A CB  1 
ATOM   28  C CG  . GLU A 1 5  ? -26.779 17.970  -10.771 1.00 65.39  ? 5   GLU A CG  1 
ATOM   29  C CD  . GLU A 1 5  ? -27.035 19.242  -9.987  1.00 79.21  ? 5   GLU A CD  1 
ATOM   30  O OE1 . GLU A 1 5  ? -27.580 20.204  -10.569 1.00 101.15 ? 5   GLU A OE1 1 
ATOM   31  O OE2 . GLU A 1 5  ? -26.688 19.282  -8.787  1.00 80.86  ? 5   GLU A OE2 1 
ATOM   32  N N   . LEU A 1 6  ? -26.085 13.748  -9.105  1.00 28.35  ? 6   LEU A N   1 
ATOM   33  C CA  . LEU A 1 6  ? -25.635 12.690  -8.210  1.00 37.56  ? 6   LEU A CA  1 
ATOM   34  C C   . LEU A 1 6  ? -24.898 11.606  -8.989  1.00 34.91  ? 6   LEU A C   1 
ATOM   35  O O   . LEU A 1 6  ? -23.894 11.068  -8.526  1.00 33.88  ? 6   LEU A O   1 
ATOM   36  C CB  . LEU A 1 6  ? -26.819 12.090  -7.450  1.00 25.24  ? 6   LEU A CB  1 
ATOM   37  C CG  . LEU A 1 6  ? -26.523 10.925  -6.504  1.00 37.60  ? 6   LEU A CG  1 
ATOM   38  C CD1 . LEU A 1 6  ? -25.490 11.325  -5.463  1.00 52.90  ? 6   LEU A CD1 1 
ATOM   39  C CD2 . LEU A 1 6  ? -27.802 10.445  -5.838  1.00 36.77  ? 6   LEU A CD2 1 
ATOM   40  N N   . TYR A 1 7  ? -25.405 11.295  -10.179 1.00 29.01  ? 7   TYR A N   1 
ATOM   41  C CA  . TYR A 1 7  ? -24.794 10.289  -11.041 1.00 33.22  ? 7   TYR A CA  1 
ATOM   42  C C   . TYR A 1 7  ? -23.409 10.732  -11.506 1.00 27.73  ? 7   TYR A C   1 
ATOM   43  O O   . TYR A 1 7  ? -22.454 9.956   -11.469 1.00 26.59  ? 7   TYR A O   1 
ATOM   44  C CB  . TYR A 1 7  ? -25.686 10.002  -12.251 1.00 30.50  ? 7   TYR A CB  1 
ATOM   45  C CG  . TYR A 1 7  ? -27.025 9.394   -11.899 1.00 38.41  ? 7   TYR A CG  1 
ATOM   46  C CD1 . TYR A 1 7  ? -27.198 8.679   -10.721 1.00 27.13  ? 7   TYR A CD1 1 
ATOM   47  C CD2 . TYR A 1 7  ? -28.117 9.539   -12.744 1.00 36.65  ? 7   TYR A CD2 1 
ATOM   48  C CE1 . TYR A 1 7  ? -28.421 8.124   -10.396 1.00 26.68  ? 7   TYR A CE1 1 
ATOM   49  C CE2 . TYR A 1 7  ? -29.346 8.987   -12.428 1.00 35.95  ? 7   TYR A CE2 1 
ATOM   50  C CZ  . TYR A 1 7  ? -29.491 8.281   -11.253 1.00 40.25  ? 7   TYR A CZ  1 
ATOM   51  O OH  . TYR A 1 7  ? -30.710 7.730   -10.933 1.00 46.75  ? 7   TYR A OH  1 
ATOM   52  N N   . LEU A 1 8  ? -23.312 11.984  -11.942 1.00 25.56  ? 8   LEU A N   1 
ATOM   53  C CA  . LEU A 1 8  ? -22.044 12.547  -12.393 1.00 27.66  ? 8   LEU A CA  1 
ATOM   54  C C   . LEU A 1 8  ? -21.038 12.614  -11.251 1.00 30.00  ? 8   LEU A C   1 
ATOM   55  O O   . LEU A 1 8  ? -19.832 12.488  -11.464 1.00 35.38  ? 8   LEU A O   1 
ATOM   56  C CB  . LEU A 1 8  ? -22.259 13.939  -12.991 1.00 27.29  ? 8   LEU A CB  1 
ATOM   57  C CG  . LEU A 1 8  ? -23.019 13.990  -14.318 1.00 31.52  ? 8   LEU A CG  1 
ATOM   58  C CD1 . LEU A 1 8  ? -23.336 15.425  -14.698 1.00 36.93  ? 8   LEU A CD1 1 
ATOM   59  C CD2 . LEU A 1 8  ? -22.216 13.308  -15.416 1.00 24.65  ? 8   LEU A CD2 1 
ATOM   60  N N   . GLU A 1 9  ? -21.544 12.811  -10.038 1.00 26.09  ? 9   GLU A N   1 
ATOM   61  C CA  . GLU A 1 9  ? -20.703 12.841  -8.847  1.00 20.72  ? 9   GLU A CA  1 
ATOM   62  C C   . GLU A 1 9  ? -20.074 11.474  -8.598  1.00 21.30  ? 9   GLU A C   1 
ATOM   63  O O   . GLU A 1 9  ? -18.877 11.371  -8.336  1.00 28.60  ? 9   GLU A O   1 
ATOM   64  C CB  . GLU A 1 9  ? -21.517 13.280  -7.628  1.00 32.30  ? 9   GLU A CB  1 
ATOM   65  C CG  . GLU A 1 9  ? -20.755 13.223  -6.316  1.00 48.94  ? 9   GLU A CG  1 
ATOM   66  C CD  . GLU A 1 9  ? -21.607 13.638  -5.131  1.00 78.09  ? 9   GLU A CD  1 
ATOM   67  O OE1 . GLU A 1 9  ? -21.143 13.483  -3.982  1.00 81.81  ? 9   GLU A OE1 1 
ATOM   68  O OE2 . GLU A 1 9  ? -22.738 14.119  -5.350  1.00 67.84  ? 9   GLU A OE2 1 
ATOM   69  N N   . LEU A 1 10 ? -20.892 10.429  -8.688  1.00 24.56  ? 10  LEU A N   1 
ATOM   70  C CA  . LEU A 1 10 ? -20.429 9.060   -8.482  1.00 23.94  ? 10  LEU A CA  1 
ATOM   71  C C   . LEU A 1 10 ? -19.418 8.647   -9.547  1.00 31.17  ? 10  LEU A C   1 
ATOM   72  O O   . LEU A 1 10 ? -18.486 7.892   -9.271  1.00 31.61  ? 10  LEU A O   1 
ATOM   73  C CB  . LEU A 1 10 ? -21.614 8.092   -8.480  1.00 25.60  ? 10  LEU A CB  1 
ATOM   74  C CG  . LEU A 1 10 ? -22.641 8.296   -7.366  1.00 28.60  ? 10  LEU A CG  1 
ATOM   75  C CD1 . LEU A 1 10 ? -23.792 7.309   -7.499  1.00 23.24  ? 10  LEU A CD1 1 
ATOM   76  C CD2 . LEU A 1 10 ? -21.974 8.173   -6.005  1.00 24.37  ? 10  LEU A CD2 1 
ATOM   77  N N   . MET A 1 11 ? -19.614 9.144   -10.764 1.00 29.63  ? 11  MET A N   1 
ATOM   78  C CA  . MET A 1 11 ? -18.701 8.863   -11.865 1.00 29.74  ? 11  MET A CA  1 
ATOM   79  C C   . MET A 1 11 ? -17.346 9.512   -11.617 1.00 29.09  ? 11  MET A C   1 
ATOM   80  O O   . MET A 1 11 ? -16.301 8.892   -11.819 1.00 26.80  ? 11  MET A O   1 
ATOM   81  C CB  . MET A 1 11 ? -19.288 9.357   -13.188 1.00 24.88  ? 11  MET A CB  1 
ATOM   82  C CG  . MET A 1 11 ? -20.492 8.569   -13.667 1.00 35.82  ? 11  MET A CG  1 
ATOM   83  S SD  . MET A 1 11 ? -21.366 9.395   -15.008 1.00 37.68  ? 11  MET A SD  1 
ATOM   84  C CE  . MET A 1 11 ? -20.016 9.724   -16.140 1.00 24.32  ? 11  MET A CE  1 
ATOM   85  N N   . LYS A 1 12 ? -17.376 10.764  -11.175 1.00 26.11  ? 12  LYS A N   1 
ATOM   86  C CA  . LYS A 1 12 ? -16.164 11.518  -10.877 1.00 35.71  ? 12  LYS A CA  1 
ATOM   87  C C   . LYS A 1 12 ? -15.392 10.882  -9.724  1.00 38.15  ? 12  LYS A C   1 
ATOM   88  O O   . LYS A 1 12 ? -14.160 10.860  -9.727  1.00 33.24  ? 12  LYS A O   1 
ATOM   89  C CB  . LYS A 1 12 ? -16.514 12.972  -10.548 1.00 39.05  ? 12  LYS A CB  1 
ATOM   90  C CG  . LYS A 1 12 ? -15.335 13.832  -10.130 1.00 53.31  ? 12  LYS A CG  1 
ATOM   91  C CD  . LYS A 1 12 ? -15.788 15.218  -9.698  1.00 75.33  ? 12  LYS A CD  1 
ATOM   92  C CE  . LYS A 1 12 ? -14.644 16.009  -9.081  1.00 81.35  ? 12  LYS A CE  1 
ATOM   93  N NZ  . LYS A 1 12 ? -15.090 17.329  -8.548  1.00 76.37  ? 12  LYS A NZ  1 
ATOM   94  N N   . LEU A 1 13 ? -16.124 10.363  -8.741  1.00 34.32  ? 13  LEU A N   1 
ATOM   95  C CA  . LEU A 1 13 ? -15.513 9.699   -7.594  1.00 33.21  ? 13  LEU A CA  1 
ATOM   96  C C   . LEU A 1 13 ? -14.783 8.426   -8.018  1.00 29.10  ? 13  LEU A C   1 
ATOM   97  O O   . LEU A 1 13 ? -13.703 8.123   -7.509  1.00 35.35  ? 13  LEU A O   1 
ATOM   98  C CB  . LEU A 1 13 ? -16.570 9.374   -6.535  1.00 29.92  ? 13  LEU A CB  1 
ATOM   99  C CG  . LEU A 1 13 ? -17.116 10.548  -5.720  1.00 34.84  ? 13  LEU A CG  1 
ATOM   100 C CD1 . LEU A 1 13 ? -18.229 10.091  -4.788  1.00 39.24  ? 13  LEU A CD1 1 
ATOM   101 C CD2 . LEU A 1 13 ? -15.998 11.214  -4.934  1.00 30.63  ? 13  LEU A CD2 1 
ATOM   102 N N   . ARG A 1 14 ? -15.380 7.689   -8.950  1.00 31.52  ? 14  ARG A N   1 
ATOM   103 C CA  . ARG A 1 14 ? -14.792 6.453   -9.455  1.00 22.65  ? 14  ARG A CA  1 
ATOM   104 C C   . ARG A 1 14 ? -13.489 6.720   -10.206 1.00 36.45  ? 14  ARG A C   1 
ATOM   105 O O   . ARG A 1 14 ? -12.503 6.005   -10.029 1.00 33.83  ? 14  ARG A O   1 
ATOM   106 C CB  . ARG A 1 14 ? -15.789 5.722   -10.363 1.00 29.87  ? 14  ARG A CB  1 
ATOM   107 C CG  . ARG A 1 14 ? -15.264 4.428   -10.981 1.00 29.20  ? 14  ARG A CG  1 
ATOM   108 C CD  . ARG A 1 14 ? -14.781 4.638   -12.413 1.00 34.41  ? 14  ARG A CD  1 
ATOM   109 N NE  . ARG A 1 14 ? -14.238 3.416   -13.004 1.00 32.52  ? 14  ARG A NE  1 
ATOM   110 C CZ  . ARG A 1 14 ? -14.955 2.542   -13.703 1.00 39.12  ? 14  ARG A CZ  1 
ATOM   111 N NH1 . ARG A 1 14 ? -16.248 2.751   -13.900 1.00 43.54  ? 14  ARG A NH1 1 
ATOM   112 N NH2 . ARG A 1 14 ? -14.378 1.459   -14.206 1.00 33.56  ? 14  ARG A NH2 1 
ATOM   113 N N   . GLU A 1 15 ? -13.491 7.753   -11.042 1.00 28.03  ? 15  GLU A N   1 
ATOM   114 C CA  . GLU A 1 15 ? -12.328 8.090   -11.858 1.00 46.24  ? 15  GLU A CA  1 
ATOM   115 C C   . GLU A 1 15 ? -11.160 8.571   -11.001 1.00 33.63  ? 15  GLU A C   1 
ATOM   116 O O   . GLU A 1 15 ? -10.002 8.278   -11.299 1.00 32.74  ? 15  GLU A O   1 
ATOM   117 C CB  . GLU A 1 15 ? -12.692 9.156   -12.895 1.00 46.01  ? 15  GLU A CB  1 
ATOM   118 C CG  . GLU A 1 15 ? -13.773 8.731   -13.876 1.00 50.21  ? 15  GLU A CG  1 
ATOM   119 C CD  . GLU A 1 15 ? -13.375 7.525   -14.703 1.00 47.34  ? 15  GLU A CD  1 
ATOM   120 O OE1 . GLU A 1 15 ? -12.173 7.373   -15.001 1.00 68.82  ? 15  GLU A OE1 1 
ATOM   121 O OE2 . GLU A 1 15 ? -14.266 6.727   -15.059 1.00 34.24  ? 15  GLU A OE2 1 
ATOM   122 N N   . HIS A 1 16 ? -11.472 9.312   -9.944  1.00 30.15  ? 16  HIS A N   1 
ATOM   123 C CA  . HIS A 1 16 ? -10.454 9.786   -9.015  1.00 43.22  ? 16  HIS A CA  1 
ATOM   124 C C   . HIS A 1 16 ? -9.842  8.620   -8.250  1.00 42.50  ? 16  HIS A C   1 
ATOM   125 O O   . HIS A 1 16 ? -8.643  8.608   -7.972  1.00 38.06  ? 16  HIS A O   1 
ATOM   126 C CB  . HIS A 1 16 ? -11.044 10.805  -8.036  1.00 40.41  ? 16  HIS A CB  1 
ATOM   127 C CG  . HIS A 1 16 ? -11.311 12.147  -8.645  1.00 66.73  ? 16  HIS A CG  1 
ATOM   128 N ND1 . HIS A 1 16 ? -11.087 12.419  -9.977  1.00 73.51  ? 16  HIS A ND1 1 
ATOM   129 C CD2 . HIS A 1 16 ? -11.775 13.295  -8.099  1.00 58.74  ? 16  HIS A CD2 1 
ATOM   130 C CE1 . HIS A 1 16 ? -11.404 13.677  -10.227 1.00 59.30  ? 16  HIS A CE1 1 
ATOM   131 N NE2 . HIS A 1 16 ? -11.825 14.231  -9.104  1.00 65.29  ? 16  HIS A NE2 1 
ATOM   132 N N   . SER A 1 17 ? -10.677 7.645   -7.906  1.00 32.04  ? 17  SER A N   1 
ATOM   133 C CA  . SER A 1 17 ? -10.225 6.472   -7.171  1.00 35.80  ? 17  SER A CA  1 
ATOM   134 C C   . SER A 1 17 ? -9.298  5.612   -8.022  1.00 37.44  ? 17  SER A C   1 
ATOM   135 O O   . SER A 1 17 ? -8.298  5.092   -7.529  1.00 36.48  ? 17  SER A O   1 
ATOM   136 C CB  . SER A 1 17 ? -11.422 5.646   -6.695  1.00 41.58  ? 17  SER A CB  1 
ATOM   137 O OG  . SER A 1 17 ? -12.210 6.372   -5.766  1.00 33.88  ? 17  SER A OG  1 
ATOM   138 N N   . ASP A 1 18 ? -9.637  5.463   -9.300  1.00 34.47  ? 18  ASP A N   1 
ATOM   139 C CA  . ASP A 1 18 ? -8.818  4.686   -10.225 1.00 32.65  ? 18  ASP A CA  1 
ATOM   140 C C   . ASP A 1 18 ? -7.451  5.332   -10.418 1.00 26.47  ? 18  ASP A C   1 
ATOM   141 O O   . ASP A 1 18 ? -6.438  4.639   -10.514 1.00 41.93  ? 18  ASP A O   1 
ATOM   142 C CB  . ASP A 1 18 ? -9.518  4.535   -11.576 1.00 39.38  ? 18  ASP A CB  1 
ATOM   143 C CG  . ASP A 1 18 ? -10.670 3.554   -11.528 1.00 41.02  ? 18  ASP A CG  1 
ATOM   144 O OD1 . ASP A 1 18 ? -10.685 2.697   -10.620 1.00 30.93  ? 18  ASP A OD1 1 
ATOM   145 O OD2 . ASP A 1 18 ? -11.556 3.630   -12.405 1.00 36.95  ? 18  ASP A OD2 1 
ATOM   146 N N   . GLN A 1 19 ? -7.431  6.659   -10.481 1.00 34.04  ? 19  GLN A N   1 
ATOM   147 C CA  . GLN A 1 19 ? -6.181  7.403   -10.571 1.00 41.30  ? 19  GLN A CA  1 
ATOM   148 C C   . GLN A 1 19 ? -5.379  7.216   -9.289  1.00 51.09  ? 19  GLN A C   1 
ATOM   149 O O   . GLN A 1 19 ? -4.150  7.145   -9.313  1.00 45.67  ? 19  GLN A O   1 
ATOM   150 C CB  . GLN A 1 19 ? -6.450  8.888   -10.826 1.00 41.02  ? 19  GLN A CB  1 
ATOM   151 C CG  . GLN A 1 19 ? -5.205  9.755   -10.828 1.00 57.48  ? 19  GLN A CG  1 
ATOM   152 C CD  . GLN A 1 19 ? -4.225  9.375   -11.924 1.00 86.68  ? 19  GLN A CD  1 
ATOM   153 O OE1 . GLN A 1 19 ? -4.622  8.961   -13.013 1.00 87.16  ? 19  GLN A OE1 1 
ATOM   154 N NE2 . GLN A 1 19 ? -2.935  9.512   -11.637 1.00 85.05  ? 19  GLN A NE2 1 
ATOM   155 N N   . HIS A 1 20 ? -6.090  7.122   -8.172  1.00 36.25  ? 20  HIS A N   1 
ATOM   156 C CA  . HIS A 1 20 ? -5.459  6.929   -6.874  1.00 35.48  ? 20  HIS A CA  1 
ATOM   157 C C   . HIS A 1 20 ? -4.891  5.517   -6.754  1.00 41.81  ? 20  HIS A C   1 
ATOM   158 O O   . HIS A 1 20 ? -3.880  5.303   -6.088  1.00 34.96  ? 20  HIS A O   1 
ATOM   159 C CB  . HIS A 1 20 ? -6.462  7.197   -5.750  1.00 45.06  ? 20  HIS A CB  1 
ATOM   160 C CG  . HIS A 1 20 ? -5.835  7.330   -4.398  1.00 37.71  ? 20  HIS A CG  1 
ATOM   161 N ND1 . HIS A 1 20 ? -4.470  7.304   -4.205  1.00 63.74  ? 20  HIS A ND1 1 
ATOM   162 C CD2 . HIS A 1 20 ? -6.384  7.495   -3.171  1.00 46.79  ? 20  HIS A CD2 1 
ATOM   163 C CE1 . HIS A 1 20 ? -4.207  7.444   -2.919  1.00 49.71  ? 20  HIS A CE1 1 
ATOM   164 N NE2 . HIS A 1 20 ? -5.352  7.562   -2.269  1.00 44.57  ? 20  HIS A NE2 1 
ATOM   165 N N   . VAL A 1 21 ? -5.549  4.560   -7.404  1.00 32.37  ? 21  VAL A N   1 
ATOM   166 C CA  . VAL A 1 21 ? -5.106  3.171   -7.397  1.00 40.64  ? 21  VAL A CA  1 
ATOM   167 C C   . VAL A 1 21 ? -3.735  3.032   -8.051  1.00 45.04  ? 21  VAL A C   1 
ATOM   168 O O   . VAL A 1 21 ? -2.843  2.380   -7.503  1.00 39.26  ? 21  VAL A O   1 
ATOM   169 C CB  . VAL A 1 21 ? -6.135  2.257   -8.098  1.00 45.84  ? 21  VAL A CB  1 
ATOM   170 C CG1 . VAL A 1 21 ? -5.499  0.930   -8.486  1.00 37.11  ? 21  VAL A CG1 1 
ATOM   171 C CG2 . VAL A 1 21 ? -7.346  2.033   -7.208  1.00 32.01  ? 21  VAL A CG2 1 
ATOM   172 N N   . LYS A 1 22 ? -3.573  3.651   -9.216  1.00 36.42  ? 22  LYS A N   1 
ATOM   173 C CA  . LYS A 1 22 ? -2.326  3.564   -9.969  1.00 51.49  ? 22  LYS A CA  1 
ATOM   174 C C   . LYS A 1 22 ? -1.151  4.147   -9.189  1.00 37.47  ? 22  LYS A C   1 
ATOM   175 O O   . LYS A 1 22 ? -0.029  3.645   -9.275  1.00 50.85  ? 22  LYS A O   1 
ATOM   176 C CB  . LYS A 1 22 ? -2.464  4.275   -11.317 1.00 46.29  ? 22  LYS A CB  1 
ATOM   177 C CG  . LYS A 1 22 ? -3.465  3.629   -12.260 1.00 63.03  ? 22  LYS A CG  1 
ATOM   178 C CD  . LYS A 1 22 ? -3.480  4.319   -13.615 1.00 62.89  ? 22  LYS A CD  1 
ATOM   179 C CE  . LYS A 1 22 ? -3.889  5.777   -13.491 1.00 67.52  ? 22  LYS A CE  1 
ATOM   180 N NZ  . LYS A 1 22 ? -3.931  6.457   -14.816 1.00 81.64  ? 22  LYS A NZ  1 
ATOM   181 N N   . GLU A 1 23 ? -1.414  5.201   -8.426  1.00 37.53  ? 23  GLU A N   1 
ATOM   182 C CA  . GLU A 1 23 ? -0.380  5.832   -7.612  1.00 40.26  ? 23  GLU A CA  1 
ATOM   183 C C   . GLU A 1 23 ? 0.007   4.939   -6.438  1.00 44.89  ? 23  GLU A C   1 
ATOM   184 O O   . GLU A 1 23 ? 1.175   4.879   -6.051  1.00 37.89  ? 23  GLU A O   1 
ATOM   185 C CB  . GLU A 1 23 ? -0.852  7.195   -7.101  1.00 48.53  ? 23  GLU A CB  1 
ATOM   186 C CG  . GLU A 1 23 ? -1.158  8.200   -8.199  1.00 53.65  ? 23  GLU A CG  1 
ATOM   187 C CD  . GLU A 1 23 ? -1.603  9.542   -7.651  1.00 51.80  ? 23  GLU A CD  1 
ATOM   188 O OE1 . GLU A 1 23 ? -1.665  9.688   -6.412  1.00 55.38  ? 23  GLU A OE1 1 
ATOM   189 O OE2 . GLU A 1 23 ? -1.892  10.450  -8.458  1.00 69.87  ? 23  GLU A OE2 1 
ATOM   190 N N   . LEU A 1 24 ? -0.978  4.245   -5.876  1.00 43.05  ? 24  LEU A N   1 
ATOM   191 C CA  . LEU A 1 24 ? -0.747  3.367   -4.735  1.00 40.83  ? 24  LEU A CA  1 
ATOM   192 C C   . LEU A 1 24 ? 0.031   2.120   -5.138  1.00 42.34  ? 24  LEU A C   1 
ATOM   193 O O   . LEU A 1 24 ? 0.847   1.613   -4.367  1.00 35.63  ? 24  LEU A O   1 
ATOM   194 C CB  . LEU A 1 24 ? -2.073  2.969   -4.084  1.00 31.24  ? 24  LEU A CB  1 
ATOM   195 C CG  . LEU A 1 24 ? -2.801  4.071   -3.313  1.00 36.15  ? 24  LEU A CG  1 
ATOM   196 C CD1 . LEU A 1 24 ? -4.134  3.565   -2.787  1.00 34.78  ? 24  LEU A CD1 1 
ATOM   197 C CD2 . LEU A 1 24 ? -1.934  4.591   -2.176  1.00 32.58  ? 24  LEU A CD2 1 
ATOM   198 N N   . LYS A 1 25 ? -0.226  1.626   -6.345  1.00 45.75  ? 25  LYS A N   1 
ATOM   199 C CA  . LYS A 1 25 ? 0.485   0.462   -6.859  1.00 40.92  ? 25  LYS A CA  1 
ATOM   200 C C   . LYS A 1 25 ? 1.958   0.789   -7.086  1.00 40.38  ? 25  LYS A C   1 
ATOM   201 O O   . LYS A 1 25 ? 2.824   -0.075  -6.953  1.00 40.92  ? 25  LYS A O   1 
ATOM   202 C CB  . LYS A 1 25 ? -0.153  -0.037  -8.157  1.00 44.73  ? 25  LYS A CB  1 
ATOM   203 C CG  . LYS A 1 25 ? -1.509  -0.700  -7.970  1.00 45.62  ? 25  LYS A CG  1 
ATOM   204 C CD  . LYS A 1 25 ? -2.022  -1.285  -9.276  1.00 37.00  ? 25  LYS A CD  1 
ATOM   205 C CE  . LYS A 1 25 ? -3.326  -2.040  -9.070  1.00 57.49  ? 25  LYS A CE  1 
ATOM   206 N NZ  . LYS A 1 25 ? -3.842  -2.617  -10.342 1.00 65.90  ? 25  LYS A NZ  1 
ATOM   207 N N   . THR A 1 26 ? 2.232   2.044   -7.426  1.00 45.07  ? 26  THR A N   1 
ATOM   208 C CA  . THR A 1 26 ? 3.602   2.507   -7.619  1.00 46.77  ? 26  THR A CA  1 
ATOM   209 C C   . THR A 1 26 ? 4.345   2.555   -6.288  1.00 36.87  ? 26  THR A C   1 
ATOM   210 O O   . THR A 1 26 ? 5.477   2.084   -6.180  1.00 41.86  ? 26  THR A O   1 
ATOM   211 C CB  . THR A 1 26 ? 3.642   3.901   -8.276  1.00 47.69  ? 26  THR A CB  1 
ATOM   212 O OG1 . THR A 1 26 ? 3.029   3.841   -9.570  1.00 43.03  ? 26  THR A OG1 1 
ATOM   213 C CG2 . THR A 1 26 ? 5.078   4.383   -8.425  1.00 43.74  ? 26  THR A CG2 1 
ATOM   214 N N   . SER A 1 27 ? 3.697   3.123   -5.276  1.00 40.88  ? 27  SER A N   1 
ATOM   215 C CA  . SER A 1 27 ? 4.297   3.254   -3.953  1.00 41.16  ? 27  SER A CA  1 
ATOM   216 C C   . SER A 1 27 ? 4.501   1.894   -3.294  1.00 38.95  ? 27  SER A C   1 
ATOM   217 O O   . SER A 1 27 ? 5.524   1.655   -2.652  1.00 41.91  ? 27  SER A O   1 
ATOM   218 C CB  . SER A 1 27 ? 3.431   4.144   -3.058  1.00 30.23  ? 27  SER A CB  1 
ATOM   219 O OG  . SER A 1 27 ? 3.296   5.443   -3.608  1.00 46.53  ? 27  SER A OG  1 
ATOM   220 N N   . LEU A 1 28 ? 3.523   1.008   -3.457  1.00 37.39  ? 28  LEU A N   1 
ATOM   221 C CA  . LEU A 1 28 ? 3.588   -0.327  -2.871  1.00 33.95  ? 28  LEU A CA  1 
ATOM   222 C C   . LEU A 1 28 ? 4.724   -1.140  -3.485  1.00 48.14  ? 28  LEU A C   1 
ATOM   223 O O   . LEU A 1 28 ? 5.396   -1.908  -2.794  1.00 32.57  ? 28  LEU A O   1 
ATOM   224 C CB  . LEU A 1 28 ? 2.258   -1.059  -3.059  1.00 37.37  ? 28  LEU A CB  1 
ATOM   225 C CG  . LEU A 1 28 ? 2.158   -2.462  -2.459  1.00 36.65  ? 28  LEU A CG  1 
ATOM   226 C CD1 . LEU A 1 28 ? 2.346   -2.416  -0.949  1.00 32.35  ? 28  LEU A CD1 1 
ATOM   227 C CD2 . LEU A 1 28 ? 0.829   -3.109  -2.818  1.00 43.42  ? 28  LEU A CD2 1 
ATOM   228 N N   . LYS A 1 29 ? 4.932   -0.963  -4.784  1.00 38.79  ? 29  LYS A N   1 
ATOM   229 C CA  . LYS A 1 29 ? 5.988   -1.669  -5.497  1.00 38.69  ? 29  LYS A CA  1 
ATOM   230 C C   . LYS A 1 29 ? 7.357   -1.179  -5.041  1.00 34.78  ? 29  LYS A C   1 
ATOM   231 O O   . LYS A 1 29 ? 8.302   -1.959  -4.926  1.00 42.17  ? 29  LYS A O   1 
ATOM   232 C CB  . LYS A 1 29 ? 5.827   -1.482  -7.006  1.00 42.08  ? 29  LYS A CB  1 
ATOM   233 C CG  . LYS A 1 29 ? 6.727   -2.365  -7.852  1.00 63.39  ? 29  LYS A CG  1 
ATOM   234 C CD  . LYS A 1 29 ? 6.406   -2.204  -9.330  1.00 74.64  ? 29  LYS A CD  1 
ATOM   235 C CE  . LYS A 1 29 ? 4.939   -2.492  -9.607  1.00 68.59  ? 29  LYS A CE  1 
ATOM   236 N NZ  . LYS A 1 29 ? 4.587   -2.286  -11.039 1.00 102.56 ? 29  LYS A NZ  1 
ATOM   237 N N   . LYS A 1 30 ? 7.450   0.119   -4.776  1.00 40.93  ? 30  LYS A N   1 
ATOM   238 C CA  . LYS A 1 30 ? 8.690   0.725   -4.306  1.00 34.66  ? 30  LYS A CA  1 
ATOM   239 C C   . LYS A 1 30 ? 9.018   0.272   -2.887  1.00 53.38  ? 30  LYS A C   1 
ATOM   240 O O   . LYS A 1 30 ? 10.177  0.017   -2.559  1.00 45.23  ? 30  LYS A O   1 
ATOM   241 C CB  . LYS A 1 30 ? 8.593   2.252   -4.363  1.00 35.00  ? 30  LYS A CB  1 
ATOM   242 C CG  . LYS A 1 30 ? 9.804   2.978   -3.802  1.00 39.94  ? 30  LYS A CG  1 
ATOM   243 C CD  . LYS A 1 30 ? 9.629   4.486   -3.881  1.00 59.25  ? 30  LYS A CD  1 
ATOM   244 C CE  . LYS A 1 30 ? 10.826  5.214   -3.291  1.00 67.26  ? 30  LYS A CE  1 
ATOM   245 N NZ  . LYS A 1 30 ? 11.008  4.904   -1.847  1.00 75.34  ? 30  LYS A NZ  1 
ATOM   246 N N   . CYS A 1 31 ? 7.989   0.171   -2.051  1.00 44.08  ? 31  CYS A N   1 
ATOM   247 C CA  . CYS A 1 31 ? 8.173   -0.231  -0.660  1.00 47.37  ? 31  CYS A CA  1 
ATOM   248 C C   . CYS A 1 31 ? 8.603   -1.690  -0.557  1.00 38.09  ? 31  CYS A C   1 
ATOM   249 O O   . CYS A 1 31 ? 9.372   -2.057  0.334   1.00 47.32  ? 31  CYS A O   1 
ATOM   250 C CB  . CYS A 1 31 ? 6.890   -0.002  0.142   1.00 38.57  ? 31  CYS A CB  1 
ATOM   251 S SG  . CYS A 1 31 ? 7.020   -0.495  1.878   1.00 38.90  ? 31  CYS A SG  1 
ATOM   252 N N   . ALA A 1 32 ? 8.105   -2.518  -1.470  1.00 42.27  ? 32  ALA A N   1 
ATOM   253 C CA  . ALA A 1 32 ? 8.420   -3.943  -1.474  1.00 39.91  ? 32  ALA A CA  1 
ATOM   254 C C   . ALA A 1 32 ? 9.906   -4.184  -1.731  1.00 52.84  ? 32  ALA A C   1 
ATOM   255 O O   . ALA A 1 32 ? 10.485  -5.139  -1.214  1.00 35.17  ? 32  ALA A O   1 
ATOM   256 C CB  . ALA A 1 32 ? 7.579   -4.667  -2.513  1.00 36.31  ? 32  ALA A CB  1 
ATOM   257 N N   . ARG A 1 33 ? 10.516  -3.316  -2.530  1.00 48.23  ? 33  ARG A N   1 
ATOM   258 C CA  . ARG A 1 33 ? 11.940  -3.426  -2.828  1.00 53.62  ? 33  ARG A CA  1 
ATOM   259 C C   . ARG A 1 33 ? 12.791  -2.978  -1.644  1.00 49.09  ? 33  ARG A C   1 
ATOM   260 O O   . ARG A 1 33 ? 13.805  -3.602  -1.332  1.00 53.91  ? 33  ARG A O   1 
ATOM   261 C CB  . ARG A 1 33 ? 12.298  -2.607  -4.070  1.00 55.61  ? 33  ARG A CB  1 
ATOM   262 C CG  . ARG A 1 33 ? 12.010  -3.317  -5.382  1.00 64.94  ? 33  ARG A CG  1 
ATOM   263 C CD  . ARG A 1 33 ? 12.550  -2.532  -6.567  1.00 82.65  ? 33  ARG A CD  1 
ATOM   264 N NE  . ARG A 1 33 ? 11.791  -1.309  -6.809  1.00 80.98  ? 33  ARG A NE  1 
ATOM   265 C CZ  . ARG A 1 33 ? 10.769  -1.222  -7.653  1.00 79.39  ? 33  ARG A CZ  1 
ATOM   266 N NH1 . ARG A 1 33 ? 10.381  -2.288  -8.340  1.00 78.94  ? 33  ARG A NH1 1 
ATOM   267 N NH2 . ARG A 1 33 ? 10.133  -0.069  -7.813  1.00 74.70  ? 33  ARG A NH2 1 
ATOM   268 N N   . GLU A 1 34 ? 12.376  -1.896  -0.990  1.00 43.96  ? 34  GLU A N   1 
ATOM   269 C CA  . GLU A 1 34 ? 13.096  -1.381  0.171   1.00 45.21  ? 34  GLU A CA  1 
ATOM   270 C C   . GLU A 1 34 ? 13.073  -2.388  1.315   1.00 51.77  ? 34  GLU A C   1 
ATOM   271 O O   . GLU A 1 34 ? 14.060  -2.550  2.033   1.00 49.97  ? 34  GLU A O   1 
ATOM   272 C CB  . GLU A 1 34 ? 12.499  -0.050  0.631   1.00 42.42  ? 34  GLU A CB  1 
ATOM   273 C CG  . GLU A 1 34 ? 12.678  1.089   -0.356  1.00 60.12  ? 34  GLU A CG  1 
ATOM   274 C CD  . GLU A 1 34 ? 12.200  2.417   0.197   1.00 72.42  ? 34  GLU A CD  1 
ATOM   275 O OE1 . GLU A 1 34 ? 11.702  2.441   1.343   1.00 72.27  ? 34  GLU A OE1 1 
ATOM   276 O OE2 . GLU A 1 34 ? 12.323  3.438   -0.512  1.00 70.25  ? 34  GLU A OE2 1 
ATOM   277 N N   . THR A 1 35 ? 11.938  -3.060  1.478   1.00 40.16  ? 35  THR A N   1 
ATOM   278 C CA  . THR A 1 35 ? 11.793  -4.090  2.498   1.00 42.61  ? 35  THR A CA  1 
ATOM   279 C C   . THR A 1 35 ? 12.710  -5.271  2.195   1.00 40.69  ? 35  THR A C   1 
ATOM   280 O O   . THR A 1 35 ? 13.337  -5.832  3.094   1.00 41.48  ? 35  THR A O   1 
ATOM   281 C CB  . THR A 1 35 ? 10.332  -4.576  2.599   1.00 40.07  ? 35  THR A CB  1 
ATOM   282 O OG1 . THR A 1 35 ? 9.498   -3.495  3.035   1.00 51.78  ? 35  THR A OG1 1 
ATOM   283 C CG2 . THR A 1 35 ? 10.210  -5.727  3.586   1.00 43.76  ? 35  THR A CG2 1 
ATOM   284 N N   . ALA A 1 36 ? 12.792  -5.633  0.918   1.00 41.29  ? 36  ALA A N   1 
ATOM   285 C CA  . ALA A 1 36 ? 13.629  -6.746  0.486   1.00 41.39  ? 36  ALA A CA  1 
ATOM   286 C C   . ALA A 1 36 ? 15.111  -6.434  0.680   1.00 44.25  ? 36  ALA A C   1 
ATOM   287 O O   . ALA A 1 36 ? 15.900  -7.315  1.020   1.00 36.12  ? 36  ALA A O   1 
ATOM   288 C CB  . ALA A 1 36 ? 13.346  -7.086  -0.969  1.00 39.77  ? 36  ALA A CB  1 
ATOM   289 N N   . ASP A 1 37 ? 15.482  -5.175  0.463   1.00 44.70  ? 37  ASP A N   1 
ATOM   290 C CA  . ASP A 1 37 ? 16.869  -4.750  0.613   1.00 48.78  ? 37  ASP A CA  1 
ATOM   291 C C   . ASP A 1 37 ? 17.291  -4.745  2.080   1.00 46.99  ? 37  ASP A C   1 
ATOM   292 O O   . ASP A 1 37 ? 18.391  -5.181  2.419   1.00 49.92  ? 37  ASP A O   1 
ATOM   293 C CB  . ASP A 1 37 ? 17.078  -3.362  0.002   1.00 41.17  ? 37  ASP A CB  1 
ATOM   294 C CG  . ASP A 1 37 ? 16.860  -3.347  -1.499  1.00 54.34  ? 37  ASP A CG  1 
ATOM   295 O OD1 . ASP A 1 37 ? 16.950  -4.424  -2.125  1.00 47.87  ? 37  ASP A OD1 1 
ATOM   296 O OD2 . ASP A 1 37 ? 16.602  -2.258  -2.052  1.00 54.96  ? 37  ASP A OD2 1 
ATOM   297 N N   . LEU A 1 38 ? 16.412  -4.248  2.946   1.00 39.19  ? 38  LEU A N   1 
ATOM   298 C CA  . LEU A 1 38 ? 16.689  -4.201  4.377   1.00 34.22  ? 38  LEU A CA  1 
ATOM   299 C C   . LEU A 1 38 ? 16.752  -5.603  4.973   1.00 32.71  ? 38  LEU A C   1 
ATOM   300 O O   . LEU A 1 38 ? 17.569  -5.877  5.851   1.00 44.00  ? 38  LEU A O   1 
ATOM   301 C CB  . LEU A 1 38 ? 15.629  -3.373  5.106   1.00 41.25  ? 38  LEU A CB  1 
ATOM   302 C CG  . LEU A 1 38 ? 15.649  -1.863  4.864   1.00 50.67  ? 38  LEU A CG  1 
ATOM   303 C CD1 . LEU A 1 38 ? 14.494  -1.193  5.589   1.00 54.97  ? 38  LEU A CD1 1 
ATOM   304 C CD2 . LEU A 1 38 ? 16.977  -1.267  5.304   1.00 49.17  ? 38  LEU A CD2 1 
ATOM   305 N N   . LYS A 1 39 ? 15.882  -6.486  4.492   1.00 31.83  ? 39  LYS A N   1 
ATOM   306 C CA  . LYS A 1 39 ? 15.836  -7.861  4.974   1.00 42.44  ? 39  LYS A CA  1 
ATOM   307 C C   . LYS A 1 39 ? 17.105  -8.608  4.579   1.00 48.19  ? 39  LYS A C   1 
ATOM   308 O O   . LYS A 1 39 ? 17.614  -9.437  5.335   1.00 46.30  ? 39  LYS A O   1 
ATOM   309 C CB  . LYS A 1 39 ? 14.600  -8.578  4.426   1.00 34.10  ? 39  LYS A CB  1 
ATOM   310 C CG  . LYS A 1 39 ? 14.377  -9.967  4.999   1.00 64.06  ? 39  LYS A CG  1 
ATOM   311 C CD  . LYS A 1 39 ? 13.078  -10.569 4.482   1.00 74.82  ? 39  LYS A CD  1 
ATOM   312 C CE  . LYS A 1 39 ? 12.825  -11.943 5.081   1.00 94.48  ? 39  LYS A CE  1 
ATOM   313 N NZ  . LYS A 1 39 ? 13.900  -12.912 4.729   1.00 95.57  ? 39  LYS A NZ  1 
ATOM   314 N N   . PHE A 1 40 ? 17.613  -8.304  3.390   1.00 39.73  ? 40  PHE A N   1 
ATOM   315 C CA  . PHE A 1 40 ? 18.839  -8.918  2.896   1.00 50.62  ? 40  PHE A CA  1 
ATOM   316 C C   . PHE A 1 40 ? 20.054  -8.349  3.622   1.00 45.16  ? 40  PHE A C   1 
ATOM   317 O O   . PHE A 1 40 ? 21.016  -9.064  3.901   1.00 42.97  ? 40  PHE A O   1 
ATOM   318 C CB  . PHE A 1 40 ? 18.968  -8.708  1.386   1.00 49.52  ? 40  PHE A CB  1 
ATOM   319 C CG  . PHE A 1 40 ? 20.217  -9.295  0.793   1.00 52.87  ? 40  PHE A CG  1 
ATOM   320 C CD1 . PHE A 1 40 ? 20.348  -10.665 0.634   1.00 72.22  ? 40  PHE A CD1 1 
ATOM   321 C CD2 . PHE A 1 40 ? 21.255  -8.476  0.381   1.00 55.84  ? 40  PHE A CD2 1 
ATOM   322 C CE1 . PHE A 1 40 ? 21.493  -11.207 0.086   1.00 65.05  ? 40  PHE A CE1 1 
ATOM   323 C CE2 . PHE A 1 40 ? 22.404  -9.014  -0.170  1.00 50.48  ? 40  PHE A CE2 1 
ATOM   324 C CZ  . PHE A 1 40 ? 22.523  -10.380 -0.317  1.00 48.17  ? 40  PHE A CZ  1 
ATOM   325 N N   . LEU A 1 41 ? 19.998  -7.057  3.933   1.00 44.03  ? 41  LEU A N   1 
ATOM   326 C CA  . LEU A 1 41 ? 21.095  -6.383  4.616   1.00 31.23  ? 41  LEU A CA  1 
ATOM   327 C C   . LEU A 1 41 ? 21.166  -6.795  6.086   1.00 49.27  ? 41  LEU A C   1 
ATOM   328 O O   . LEU A 1 41 ? 22.252  -6.890  6.659   1.00 40.67  ? 41  LEU A O   1 
ATOM   329 C CB  . LEU A 1 41 ? 20.943  -4.866  4.498   1.00 41.67  ? 41  LEU A CB  1 
ATOM   330 C CG  . LEU A 1 41 ? 22.099  -4.010  5.019   1.00 49.59  ? 41  LEU A CG  1 
ATOM   331 C CD1 . LEU A 1 41 ? 23.401  -4.401  4.339   1.00 64.48  ? 41  LEU A CD1 1 
ATOM   332 C CD2 . LEU A 1 41 ? 21.804  -2.534  4.807   1.00 59.99  ? 41  LEU A CD2 1 
ATOM   333 N N   . ASN A 1 42 ? 20.007  -7.040  6.687   1.00 40.53  ? 42  ASN A N   1 
ATOM   334 C CA  . ASN A 1 42 ? 19.943  -7.447  8.088   1.00 45.57  ? 42  ASN A CA  1 
ATOM   335 C C   . ASN A 1 42 ? 20.529  -8.838  8.295   1.00 33.31  ? 42  ASN A C   1 
ATOM   336 O O   . ASN A 1 42 ? 21.152  -9.107  9.321   1.00 44.59  ? 42  ASN A O   1 
ATOM   337 C CB  . ASN A 1 42 ? 18.501  -7.409  8.596   1.00 26.66  ? 42  ASN A CB  1 
ATOM   338 C CG  . ASN A 1 42 ? 18.057  -6.013  8.982   1.00 44.03  ? 42  ASN A CG  1 
ATOM   339 O OD1 . ASN A 1 42 ? 18.764  -5.035  8.739   1.00 35.72  ? 42  ASN A OD1 1 
ATOM   340 N ND2 . ASN A 1 42 ? 16.880  -5.912  9.588   1.00 42.98  ? 42  ASN A ND2 1 
ATOM   341 N N   . ASN A 1 43 ? 20.326  -9.719  7.320   1.00 33.75  ? 43  ASN A N   1 
ATOM   342 C CA  . ASN A 1 43 ? 20.853  -11.076 7.400   1.00 41.80  ? 43  ASN A CA  1 
ATOM   343 C C   . ASN A 1 43 ? 22.378  -11.068 7.363   1.00 33.00  ? 43  ASN A C   1 
ATOM   344 O O   . ASN A 1 43 ? 23.027  -11.891 8.008   1.00 40.36  ? 43  ASN A O   1 
ATOM   345 C CB  . ASN A 1 43 ? 20.299  -11.940 6.265   1.00 43.13  ? 43  ASN A CB  1 
ATOM   346 C CG  . ASN A 1 43 ? 18.831  -12.275 6.452   1.00 60.78  ? 43  ASN A CG  1 
ATOM   347 O OD1 . ASN A 1 43 ? 18.359  -12.446 7.576   1.00 76.24  ? 43  ASN A OD1 1 
ATOM   348 N ND2 . ASN A 1 43 ? 18.100  -12.372 5.347   1.00 58.47  ? 43  ASN A ND2 1 
ATOM   349 N N   . GLN A 1 44 ? 22.942  -10.133 6.606   1.00 30.48  ? 44  GLN A N   1 
ATOM   350 C CA  . GLN A 1 44 ? 24.390  -9.975  6.540   1.00 40.84  ? 44  GLN A CA  1 
ATOM   351 C C   . GLN A 1 44 ? 24.931  -9.438  7.859   1.00 53.32  ? 44  GLN A C   1 
ATOM   352 O O   . GLN A 1 44 ? 25.937  -9.927  8.374   1.00 43.82  ? 44  GLN A O   1 
ATOM   353 C CB  . GLN A 1 44 ? 24.783  -9.040  5.395   1.00 36.49  ? 44  GLN A CB  1 
ATOM   354 C CG  . GLN A 1 44 ? 24.352  -9.516  4.021   1.00 42.88  ? 44  GLN A CG  1 
ATOM   355 C CD  . GLN A 1 44 ? 24.834  -8.601  2.915   1.00 47.74  ? 44  GLN A CD  1 
ATOM   356 O OE1 . GLN A 1 44 ? 24.039  -7.923  2.264   1.00 64.31  ? 44  GLN A OE1 1 
ATOM   357 N NE2 . GLN A 1 44 ? 26.144  -8.573  2.699   1.00 46.21  ? 44  GLN A NE2 1 
ATOM   358 N N   . TYR A 1 45 ? 24.257  -8.426  8.399   1.00 34.08  ? 45  TYR A N   1 
ATOM   359 C CA  . TYR A 1 45 ? 24.670  -7.810  9.656   1.00 34.14  ? 45  TYR A CA  1 
ATOM   360 C C   . TYR A 1 45 ? 24.541  -8.786  10.821  1.00 33.74  ? 45  TYR A C   1 
ATOM   361 O O   . TYR A 1 45 ? 25.409  -8.842  11.689  1.00 44.73  ? 45  TYR A O   1 
ATOM   362 C CB  . TYR A 1 45 ? 23.845  -6.553  9.937   1.00 44.69  ? 45  TYR A CB  1 
ATOM   363 C CG  . TYR A 1 45 ? 24.175  -5.376  9.044   1.00 46.77  ? 45  TYR A CG  1 
ATOM   364 C CD1 . TYR A 1 45 ? 25.295  -5.391  8.224   1.00 55.18  ? 45  TYR A CD1 1 
ATOM   365 C CD2 . TYR A 1 45 ? 23.369  -4.245  9.032   1.00 59.22  ? 45  TYR A CD2 1 
ATOM   366 C CE1 . TYR A 1 45 ? 25.598  -4.316  7.410   1.00 76.09  ? 45  TYR A CE1 1 
ATOM   367 C CE2 . TYR A 1 45 ? 23.665  -3.165  8.222   1.00 62.88  ? 45  TYR A CE2 1 
ATOM   368 C CZ  . TYR A 1 45 ? 24.781  -3.205  7.414   1.00 67.62  ? 45  TYR A CZ  1 
ATOM   369 O OH  . TYR A 1 45 ? 25.080  -2.131  6.606   1.00 70.52  ? 45  TYR A OH  1 
ATOM   370 N N   . ALA A 1 46 ? 23.452  -9.550  10.832  1.00 38.36  ? 46  ALA A N   1 
ATOM   371 C CA  . ALA A 1 46 ? 23.215  -10.528 11.888  1.00 44.31  ? 46  ALA A CA  1 
ATOM   372 C C   . ALA A 1 46 ? 24.275  -11.623 11.860  1.00 52.88  ? 46  ALA A C   1 
ATOM   373 O O   . ALA A 1 46 ? 24.665  -12.151 12.901  1.00 55.62  ? 46  ALA A O   1 
ATOM   374 C CB  . ALA A 1 46 ? 21.826  -11.131 11.755  1.00 33.77  ? 46  ALA A CB  1 
ATOM   375 N N   . HIS A 1 47 ? 24.737  -11.959 10.660  1.00 47.97  ? 47  HIS A N   1 
ATOM   376 C CA  . HIS A 1 47 ? 25.784  -12.958 10.497  1.00 42.72  ? 47  HIS A CA  1 
ATOM   377 C C   . HIS A 1 47 ? 27.140  -12.395 10.900  1.00 46.12  ? 47  HIS A C   1 
ATOM   378 O O   . HIS A 1 47 ? 27.912  -13.052 11.594  1.00 44.89  ? 47  HIS A O   1 
ATOM   379 C CB  . HIS A 1 47 ? 25.836  -13.459 9.054   1.00 48.31  ? 47  HIS A CB  1 
ATOM   380 C CG  . HIS A 1 47 ? 26.936  -14.439 8.796   1.00 58.80  ? 47  HIS A CG  1 
ATOM   381 N ND1 . HIS A 1 47 ? 26.820  -15.783 9.079   1.00 61.81  ? 47  HIS A ND1 1 
ATOM   382 C CD2 . HIS A 1 47 ? 28.179  -14.270 8.285   1.00 46.62  ? 47  HIS A CD2 1 
ATOM   383 C CE1 . HIS A 1 47 ? 27.940  -16.400 8.752   1.00 51.74  ? 47  HIS A CE1 1 
ATOM   384 N NE2 . HIS A 1 47 ? 28.782  -15.504 8.267   1.00 54.24  ? 47  HIS A NE2 1 
ATOM   385 N N   . LYS A 1 48 ? 27.424  -11.173 10.459  1.00 35.31  ? 48  LYS A N   1 
ATOM   386 C CA  . LYS A 1 48 ? 28.691  -10.520 10.764  1.00 38.69  ? 48  LYS A CA  1 
ATOM   387 C C   . LYS A 1 48 ? 28.827  -10.259 12.261  1.00 62.43  ? 48  LYS A C   1 
ATOM   388 O O   . LYS A 1 48 ? 29.924  -10.323 12.814  1.00 59.66  ? 48  LYS A O   1 
ATOM   389 C CB  . LYS A 1 48 ? 28.819  -9.208  9.985   1.00 43.62  ? 48  LYS A CB  1 
ATOM   390 C CG  . LYS A 1 48 ? 30.156  -8.504  10.167  1.00 38.30  ? 48  LYS A CG  1 
ATOM   391 C CD  . LYS A 1 48 ? 30.236  -7.242  9.323   1.00 54.11  ? 48  LYS A CD  1 
ATOM   392 C CE  . LYS A 1 48 ? 31.579  -6.551  9.494   1.00 50.43  ? 48  LYS A CE  1 
ATOM   393 N NZ  . LYS A 1 48 ? 31.683  -5.322  8.658   1.00 47.96  ? 48  LYS A NZ  1 
ATOM   394 N N   . LEU A 1 49 ? 27.705  -9.973  12.912  1.00 61.55  ? 49  LEU A N   1 
ATOM   395 C CA  . LEU A 1 49 ? 27.705  -9.704  14.345  1.00 51.70  ? 49  LEU A CA  1 
ATOM   396 C C   . LEU A 1 49 ? 27.920  -10.989 15.138  1.00 69.68  ? 49  LEU A C   1 
ATOM   397 O O   . LEU A 1 49 ? 28.668  -11.004 16.116  1.00 74.65  ? 49  LEU A O   1 
ATOM   398 C CB  . LEU A 1 49 ? 26.397  -9.033  14.769  1.00 60.58  ? 49  LEU A CB  1 
ATOM   399 C CG  . LEU A 1 49 ? 26.355  -8.497  16.201  1.00 73.60  ? 49  LEU A CG  1 
ATOM   400 C CD1 . LEU A 1 49 ? 27.446  -7.456  16.413  1.00 72.57  ? 49  LEU A CD1 1 
ATOM   401 C CD2 . LEU A 1 49 ? 24.987  -7.916  16.519  1.00 78.98  ? 49  LEU A CD2 1 
ATOM   402 N N   . LYS A 1 50 ? 27.269  -12.069 14.714  1.00 55.17  ? 50  LYS A N   1 
ATOM   403 C CA  . LYS A 1 50 ? 27.428  -13.359 15.378  1.00 65.45  ? 50  LYS A CA  1 
ATOM   404 C C   . LYS A 1 50 ? 28.764  -13.988 14.993  1.00 85.13  ? 50  LYS A C   1 
ATOM   405 O O   . LYS A 1 50 ? 29.207  -14.958 15.610  1.00 80.08  ? 50  LYS A O   1 
ATOM   406 C CB  . LYS A 1 50 ? 26.274  -14.302 15.026  1.00 59.34  ? 50  LYS A CB  1 
ATOM   407 C CG  . LYS A 1 50 ? 26.362  -14.908 13.635  1.00 87.06  ? 50  LYS A CG  1 
ATOM   408 C CD  . LYS A 1 50 ? 25.212  -15.867 13.373  1.00 72.98  ? 50  LYS A CD  1 
ATOM   409 C CE  . LYS A 1 50 ? 25.338  -16.516 12.005  1.00 67.80  ? 50  LYS A CE  1 
ATOM   410 N NZ  . LYS A 1 50 ? 24.220  -17.460 11.732  1.00 72.87  ? 50  LYS A NZ  1 
ATOM   411 N N   . LEU A 1 51 ? 29.397  -13.432 13.965  1.00 81.77  ? 51  LEU A N   1 
ATOM   412 C CA  . LEU A 1 51 ? 30.711  -13.887 13.530  1.00 65.47  ? 51  LEU A CA  1 
ATOM   413 C C   . LEU A 1 51 ? 31.783  -13.320 14.453  1.00 79.79  ? 51  LEU A C   1 
ATOM   414 O O   . LEU A 1 51 ? 32.809  -13.955 14.699  1.00 99.32  ? 51  LEU A O   1 
ATOM   415 C CB  . LEU A 1 51 ? 30.975  -13.468 12.083  1.00 72.41  ? 51  LEU A CB  1 
ATOM   416 C CG  . LEU A 1 51 ? 31.829  -14.392 11.216  1.00 66.85  ? 51  LEU A CG  1 
ATOM   417 C CD1 . LEU A 1 51 ? 31.160  -15.748 11.062  1.00 58.15  ? 51  LEU A CD1 1 
ATOM   418 C CD2 . LEU A 1 51 ? 32.072  -13.754 9.858   1.00 56.96  ? 51  LEU A CD2 1 
ATOM   419 N N   . LEU A 1 52 ? 31.532  -12.118 14.960  1.00 74.48  ? 52  LEU A N   1 
ATOM   420 C CA  . LEU A 1 52 ? 32.453  -11.456 15.878  1.00 67.65  ? 52  LEU A CA  1 
ATOM   421 C C   . LEU A 1 52 ? 32.320  -12.016 17.289  1.00 88.86  ? 52  LEU A C   1 
ATOM   422 O O   . LEU A 1 52 ? 33.282  -12.011 18.057  1.00 94.15  ? 52  LEU A O   1 
ATOM   423 C CB  . LEU A 1 52 ? 32.208  -9.946  15.888  1.00 53.04  ? 52  LEU A CB  1 
ATOM   424 C CG  . LEU A 1 52 ? 32.575  -9.184  14.614  1.00 50.09  ? 52  LEU A CG  1 
ATOM   425 C CD1 . LEU A 1 52 ? 32.134  -7.733  14.715  1.00 57.98  ? 52  LEU A CD1 1 
ATOM   426 C CD2 . LEU A 1 52 ? 34.070  -9.271  14.358  1.00 62.56  ? 52  LEU A CD2 1 
ATOM   427 N N   . GLU A 1 53 ? 31.125  -12.490 17.625  1.00 92.42  ? 53  GLU A N   1 
ATOM   428 C CA  . GLU A 1 53 ? 30.876  -13.086 18.934  1.00 91.88  ? 53  GLU A CA  1 
ATOM   429 C C   . GLU A 1 53 ? 31.743  -14.324 19.117  1.00 87.92  ? 53  GLU A C   1 
ATOM   430 O O   . GLU A 1 53 ? 32.284  -14.559 20.198  1.00 103.31 ? 53  GLU A O   1 
ATOM   431 C CB  . GLU A 1 53 ? 29.396  -13.431 19.101  1.00 85.55  ? 53  GLU A CB  1 
ATOM   432 C CG  . GLU A 1 53 ? 28.487  -12.214 19.126  1.00 90.89  ? 53  GLU A CG  1 
ATOM   433 C CD  . GLU A 1 53 ? 27.035  -12.572 19.366  1.00 92.06  ? 53  GLU A CD  1 
ATOM   434 O OE1 . GLU A 1 53 ? 26.747  -13.765 19.597  1.00 96.30  ? 53  GLU A OE1 1 
ATOM   435 O OE2 . GLU A 1 53 ? 26.183  -11.661 19.322  1.00 76.54  ? 53  GLU A OE2 1 
ATOM   436 N N   . LYS A 1 54 ? 31.865  -15.116 18.057  1.00 92.22  ? 54  LYS A N   1 
ATOM   437 C CA  . LYS A 1 54 ? 32.873  -16.164 18.016  1.00 95.30  ? 54  LYS A CA  1 
ATOM   438 C C   . LYS A 1 54 ? 34.227  -15.465 18.058  1.00 99.57  ? 54  LYS A C   1 
ATOM   439 O O   . LYS A 1 54 ? 34.501  -14.598 17.227  1.00 97.60  ? 54  LYS A O   1 
ATOM   440 C CB  . LYS A 1 54 ? 32.718  -17.034 16.767  1.00 84.37  ? 54  LYS A CB  1 
ATOM   441 C CG  . LYS A 1 54 ? 31.360  -17.716 16.667  1.00 78.06  ? 54  LYS A CG  1 
ATOM   442 C CD  . LYS A 1 54 ? 31.199  -18.480 15.362  1.00 66.32  ? 54  LYS A CD  1 
ATOM   443 C CE  . LYS A 1 54 ? 29.818  -19.111 15.263  1.00 65.03  ? 54  LYS A CE  1 
ATOM   444 N NZ  . LYS A 1 54 ? 29.619  -19.835 13.978  1.00 71.40  ? 54  LYS A NZ  1 
ATOM   445 N N   . GLU A 1 55 ? 35.051  -15.841 19.035  1.00 87.21  ? 55  GLU A N   1 
ATOM   446 C CA  . GLU A 1 55 ? 36.240  -15.076 19.423  1.00 92.85  ? 55  GLU A CA  1 
ATOM   447 C C   . GLU A 1 55 ? 35.834  -13.694 19.925  1.00 85.85  ? 55  GLU A C   1 
ATOM   448 O O   . GLU A 1 55 ? 36.077  -12.685 19.264  1.00 82.78  ? 55  GLU A O   1 
ATOM   449 C CB  . GLU A 1 55 ? 37.235  -14.939 18.267  1.00 103.94 ? 55  GLU A CB  1 
ATOM   450 C CG  . GLU A 1 55 ? 38.013  -16.197 17.941  1.00 107.04 ? 55  GLU A CG  1 
ATOM   451 C CD  . GLU A 1 55 ? 39.047  -15.960 16.859  1.00 112.16 ? 55  GLU A CD  1 
ATOM   452 O OE1 . GLU A 1 55 ? 40.256  -16.046 17.160  1.00 117.65 ? 55  GLU A OE1 1 
ATOM   453 O OE2 . GLU A 1 55 ? 38.651  -15.683 15.706  1.00 105.54 ? 55  GLU A OE2 1 
ATOM   454 N N   . GLY B 1 1  ? -37.812 0.022   -11.362 1.00 72.54  ? 1   GLY B N   1 
ATOM   455 C CA  . GLY B 1 1  ? -36.858 1.019   -10.915 1.00 40.16  ? 1   GLY B CA  1 
ATOM   456 C C   . GLY B 1 1  ? -35.644 1.130   -11.816 1.00 57.12  ? 1   GLY B C   1 
ATOM   457 O O   . GLY B 1 1  ? -34.525 0.819   -11.408 1.00 37.91  ? 1   GLY B O   1 
ATOM   458 N N   . SER B 1 2  ? -35.867 1.577   -13.048 1.00 49.79  ? 2   SER B N   1 
ATOM   459 C CA  . SER B 1 2  ? -34.791 1.729   -14.018 1.00 38.26  ? 2   SER B CA  1 
ATOM   460 C C   . SER B 1 2  ? -33.802 2.802   -13.572 1.00 47.76  ? 2   SER B C   1 
ATOM   461 O O   . SER B 1 2  ? -32.596 2.679   -13.791 1.00 45.23  ? 2   SER B O   1 
ATOM   462 C CB  . SER B 1 2  ? -35.358 2.074   -15.397 1.00 61.84  ? 2   SER B CB  1 
ATOM   463 O OG  . SER B 1 2  ? -34.335 2.097   -16.376 1.00 52.84  ? 2   SER B OG  1 
ATOM   464 N N   . ASN B 1 3  ? -34.322 3.854   -12.947 1.00 47.46  ? 3   ASN B N   1 
ATOM   465 C CA  . ASN B 1 3  ? -33.483 4.914   -12.403 1.00 40.07  ? 3   ASN B CA  1 
ATOM   466 C C   . ASN B 1 3  ? -32.688 4.392   -11.213 1.00 38.15  ? 3   ASN B C   1 
ATOM   467 O O   . ASN B 1 3  ? -31.554 4.809   -10.975 1.00 29.06  ? 3   ASN B O   1 
ATOM   468 C CB  . ASN B 1 3  ? -34.331 6.118   -11.987 1.00 35.61  ? 3   ASN B CB  1 
ATOM   469 C CG  . ASN B 1 3  ? -35.132 6.695   -13.137 1.00 55.81  ? 3   ASN B CG  1 
ATOM   470 O OD1 . ASN B 1 3  ? -36.222 6.217   -13.451 1.00 80.97  ? 3   ASN B OD1 1 
ATOM   471 N ND2 . ASN B 1 3  ? -34.596 7.731   -13.772 1.00 64.15  ? 3   ASN B ND2 1 
ATOM   472 N N   . ASN B 1 4  ? -33.298 3.476   -10.467 1.00 38.40  ? 4   ASN B N   1 
ATOM   473 C CA  . ASN B 1 4  ? -32.666 2.888   -9.294  1.00 42.46  ? 4   ASN B CA  1 
ATOM   474 C C   . ASN B 1 4  ? -31.506 1.983   -9.696  1.00 32.57  ? 4   ASN B C   1 
ATOM   475 O O   . ASN B 1 4  ? -30.461 1.978   -9.047  1.00 32.10  ? 4   ASN B O   1 
ATOM   476 C CB  . ASN B 1 4  ? -33.690 2.100   -8.474  1.00 44.68  ? 4   ASN B CB  1 
ATOM   477 C CG  . ASN B 1 4  ? -33.125 1.606   -7.156  1.00 51.85  ? 4   ASN B CG  1 
ATOM   478 O OD1 . ASN B 1 4  ? -32.308 2.279   -6.527  1.00 42.99  ? 4   ASN B OD1 1 
ATOM   479 N ND2 . ASN B 1 4  ? -33.555 0.423   -6.735  1.00 34.52  ? 4   ASN B ND2 1 
ATOM   480 N N   . GLU B 1 5  ? -31.698 1.222   -10.770 1.00 31.15  ? 5   GLU B N   1 
ATOM   481 C CA  . GLU B 1 5  ? -30.674 0.304   -11.258 1.00 34.04  ? 5   GLU B CA  1 
ATOM   482 C C   . GLU B 1 5  ? -29.419 1.054   -11.695 1.00 28.23  ? 5   GLU B C   1 
ATOM   483 O O   . GLU B 1 5  ? -28.300 0.616   -11.428 1.00 32.69  ? 5   GLU B O   1 
ATOM   484 C CB  . GLU B 1 5  ? -31.213 -0.533  -12.419 1.00 26.45  ? 5   GLU B CB  1 
ATOM   485 C CG  . GLU B 1 5  ? -30.200 -1.513  -12.992 1.00 34.60  ? 5   GLU B CG  1 
ATOM   486 C CD  . GLU B 1 5  ? -30.723 -2.249  -14.208 1.00 33.63  ? 5   GLU B CD  1 
ATOM   487 O OE1 . GLU B 1 5  ? -29.978 -3.083  -14.765 1.00 38.04  ? 5   GLU B OE1 1 
ATOM   488 O OE2 . GLU B 1 5  ? -31.877 -1.991  -14.610 1.00 39.77  ? 5   GLU B OE2 1 
ATOM   489 N N   . LEU B 1 6  ? -29.615 2.182   -12.369 1.00 35.63  ? 6   LEU B N   1 
ATOM   490 C CA  . LEU B 1 6  ? -28.506 3.022   -12.806 1.00 28.72  ? 6   LEU B CA  1 
ATOM   491 C C   . LEU B 1 6  ? -27.736 3.566   -11.608 1.00 29.98  ? 6   LEU B C   1 
ATOM   492 O O   . LEU B 1 6  ? -26.507 3.623   -11.617 1.00 28.73  ? 6   LEU B O   1 
ATOM   493 C CB  . LEU B 1 6  ? -29.013 4.176   -13.674 1.00 28.84  ? 6   LEU B CB  1 
ATOM   494 C CG  . LEU B 1 6  ? -27.988 5.246   -14.058 1.00 35.83  ? 6   LEU B CG  1 
ATOM   495 C CD1 . LEU B 1 6  ? -26.836 4.634   -14.839 1.00 21.55  ? 6   LEU B CD1 1 
ATOM   496 C CD2 . LEU B 1 6  ? -28.649 6.360   -14.856 1.00 31.91  ? 6   LEU B CD2 1 
ATOM   497 N N   . TYR B 1 7  ? -28.473 3.961   -10.575 1.00 28.83  ? 7   TYR B N   1 
ATOM   498 C CA  . TYR B 1 7  ? -27.871 4.487   -9.356  1.00 27.40  ? 7   TYR B CA  1 
ATOM   499 C C   . TYR B 1 7  ? -27.060 3.420   -8.629  1.00 27.04  ? 7   TYR B C   1 
ATOM   500 O O   . TYR B 1 7  ? -25.975 3.694   -8.117  1.00 28.24  ? 7   TYR B O   1 
ATOM   501 C CB  . TYR B 1 7  ? -28.953 5.047   -8.430  1.00 26.61  ? 7   TYR B CB  1 
ATOM   502 C CG  . TYR B 1 7  ? -28.450 5.422   -7.056  1.00 28.27  ? 7   TYR B CG  1 
ATOM   503 C CD1 . TYR B 1 7  ? -27.701 6.575   -6.860  1.00 25.16  ? 7   TYR B CD1 1 
ATOM   504 C CD2 . TYR B 1 7  ? -28.731 4.627   -5.952  1.00 41.45  ? 7   TYR B CD2 1 
ATOM   505 C CE1 . TYR B 1 7  ? -27.242 6.923   -5.605  1.00 27.71  ? 7   TYR B CE1 1 
ATOM   506 C CE2 . TYR B 1 7  ? -28.277 4.968   -4.693  1.00 39.23  ? 7   TYR B CE2 1 
ATOM   507 C CZ  . TYR B 1 7  ? -27.533 6.116   -4.525  1.00 37.11  ? 7   TYR B CZ  1 
ATOM   508 O OH  . TYR B 1 7  ? -27.078 6.457   -3.272  1.00 36.84  ? 7   TYR B OH  1 
ATOM   509 N N   . LEU B 1 8  ? -27.589 2.201   -8.592  1.00 30.08  ? 8   LEU B N   1 
ATOM   510 C CA  . LEU B 1 8  ? -26.926 1.103   -7.897  1.00 33.91  ? 8   LEU B CA  1 
ATOM   511 C C   . LEU B 1 8  ? -25.678 0.636   -8.643  1.00 23.20  ? 8   LEU B C   1 
ATOM   512 O O   . LEU B 1 8  ? -24.689 0.249   -8.022  1.00 27.56  ? 8   LEU B O   1 
ATOM   513 C CB  . LEU B 1 8  ? -27.893 -0.066  -7.703  1.00 34.24  ? 8   LEU B CB  1 
ATOM   514 C CG  . LEU B 1 8  ? -29.048 0.180   -6.729  1.00 33.96  ? 8   LEU B CG  1 
ATOM   515 C CD1 . LEU B 1 8  ? -29.974 -1.022  -6.675  1.00 34.29  ? 8   LEU B CD1 1 
ATOM   516 C CD2 . LEU B 1 8  ? -28.519 0.516   -5.342  1.00 29.71  ? 8   LEU B CD2 1 
ATOM   517 N N   . GLU B 1 9  ? -25.729 0.670   -9.971  1.00 24.13  ? 9   GLU B N   1 
ATOM   518 C CA  . GLU B 1 9  ? -24.581 0.287   -10.786 1.00 21.20  ? 9   GLU B CA  1 
ATOM   519 C C   . GLU B 1 9  ? -23.443 1.290   -10.633 1.00 29.11  ? 9   GLU B C   1 
ATOM   520 O O   . GLU B 1 9  ? -22.281 0.907   -10.500 1.00 30.78  ? 9   GLU B O   1 
ATOM   521 C CB  . GLU B 1 9  ? -24.974 0.163   -12.260 1.00 26.08  ? 9   GLU B CB  1 
ATOM   522 C CG  . GLU B 1 9  ? -25.777 -1.085  -12.600 1.00 32.52  ? 9   GLU B CG  1 
ATOM   523 C CD  . GLU B 1 9  ? -24.931 -2.348  -12.634 1.00 41.59  ? 9   GLU B CD  1 
ATOM   524 O OE1 . GLU B 1 9  ? -23.699 -2.255  -12.453 1.00 33.71  ? 9   GLU B OE1 1 
ATOM   525 O OE2 . GLU B 1 9  ? -25.500 -3.439  -12.847 1.00 40.06  ? 9   GLU B OE2 1 
ATOM   526 N N   . LEU B 1 10 ? -23.784 2.574   -10.654 1.00 24.52  ? 10  LEU B N   1 
ATOM   527 C CA  . LEU B 1 10 ? -22.792 3.630   -10.487 1.00 23.79  ? 10  LEU B CA  1 
ATOM   528 C C   . LEU B 1 10 ? -22.213 3.607   -9.078  1.00 24.64  ? 10  LEU B C   1 
ATOM   529 O O   . LEU B 1 10 ? -21.029 3.876   -8.880  1.00 27.42  ? 10  LEU B O   1 
ATOM   530 C CB  . LEU B 1 10 ? -23.405 4.999   -10.791 1.00 23.96  ? 10  LEU B CB  1 
ATOM   531 C CG  . LEU B 1 10 ? -23.697 5.282   -12.265 1.00 24.60  ? 10  LEU B CG  1 
ATOM   532 C CD1 . LEU B 1 10 ? -24.434 6.600   -12.424 1.00 25.34  ? 10  LEU B CD1 1 
ATOM   533 C CD2 . LEU B 1 10 ? -22.408 5.287   -13.073 1.00 25.74  ? 10  LEU B CD2 1 
ATOM   534 N N   . MET B 1 11 ? -23.054 3.279   -8.101  1.00 30.46  ? 11  MET B N   1 
ATOM   535 C CA  . MET B 1 11 ? -22.603 3.143   -6.722  1.00 26.56  ? 11  MET B CA  1 
ATOM   536 C C   . MET B 1 11 ? -21.687 1.930   -6.589  1.00 24.87  ? 11  MET B C   1 
ATOM   537 O O   . MET B 1 11 ? -20.719 1.948   -5.830  1.00 31.98  ? 11  MET B O   1 
ATOM   538 C CB  . MET B 1 11 ? -23.797 3.015   -5.773  1.00 30.93  ? 11  MET B CB  1 
ATOM   539 C CG  . MET B 1 11 ? -23.427 3.018   -4.299  1.00 52.09  ? 11  MET B CG  1 
ATOM   540 S SD  . MET B 1 11 ? -22.687 4.575   -3.766  1.00 67.81  ? 11  MET B SD  1 
ATOM   541 C CE  . MET B 1 11 ? -24.020 5.719   -4.111  1.00 20.84  ? 11  MET B CE  1 
ATOM   542 N N   . LYS B 1 12 ? -21.998 0.880   -7.342  1.00 35.08  ? 12  LYS B N   1 
ATOM   543 C CA  . LYS B 1 12 ? -21.210 -0.349  -7.325  1.00 33.02  ? 12  LYS B CA  1 
ATOM   544 C C   . LYS B 1 12 ? -19.797 -0.103  -7.844  1.00 39.58  ? 12  LYS B C   1 
ATOM   545 O O   . LYS B 1 12 ? -18.816 -0.511  -7.220  1.00 32.29  ? 12  LYS B O   1 
ATOM   546 C CB  . LYS B 1 12 ? -21.896 -1.431  -8.159  1.00 33.48  ? 12  LYS B CB  1 
ATOM   547 C CG  . LYS B 1 12 ? -21.155 -2.756  -8.201  1.00 36.73  ? 12  LYS B CG  1 
ATOM   548 C CD  . LYS B 1 12 ? -21.905 -3.772  -9.048  1.00 39.25  ? 12  LYS B CD  1 
ATOM   549 C CE  . LYS B 1 12 ? -21.185 -5.110  -9.072  1.00 58.79  ? 12  LYS B CE  1 
ATOM   550 N NZ  . LYS B 1 12 ? -21.915 -6.116  -9.889  1.00 71.20  ? 12  LYS B NZ  1 
ATOM   551 N N   . LEU B 1 13 ? -19.705 0.564   -8.991  1.00 28.77  ? 13  LEU B N   1 
ATOM   552 C CA  . LEU B 1 13 ? -18.419 0.902   -9.592  1.00 26.83  ? 13  LEU B CA  1 
ATOM   553 C C   . LEU B 1 13 ? -17.641 1.877   -8.713  1.00 27.01  ? 13  LEU B C   1 
ATOM   554 O O   . LEU B 1 13 ? -16.414 1.813   -8.635  1.00 26.40  ? 13  LEU B O   1 
ATOM   555 C CB  . LEU B 1 13 ? -18.625 1.499   -10.987 1.00 23.47  ? 13  LEU B CB  1 
ATOM   556 C CG  . LEU B 1 13 ? -19.271 0.584   -12.030 1.00 37.70  ? 13  LEU B CG  1 
ATOM   557 C CD1 . LEU B 1 13 ? -19.580 1.352   -13.306 1.00 27.64  ? 13  LEU B CD1 1 
ATOM   558 C CD2 . LEU B 1 13 ? -18.372 -0.606  -12.323 1.00 30.84  ? 13  LEU B CD2 1 
ATOM   559 N N   . ARG B 1 14 ? -18.368 2.775   -8.055  1.00 28.37  ? 14  ARG B N   1 
ATOM   560 C CA  . ARG B 1 14 ? -17.765 3.772   -7.175  1.00 27.19  ? 14  ARG B CA  1 
ATOM   561 C C   . ARG B 1 14 ? -17.147 3.114   -5.944  1.00 30.34  ? 14  ARG B C   1 
ATOM   562 O O   . ARG B 1 14 ? -16.043 3.471   -5.527  1.00 28.53  ? 14  ARG B O   1 
ATOM   563 C CB  . ARG B 1 14 ? -18.816 4.816   -6.769  1.00 34.72  ? 14  ARG B CB  1 
ATOM   564 C CG  . ARG B 1 14 ? -18.863 5.173   -5.283  1.00 44.21  ? 14  ARG B CG  1 
ATOM   565 C CD  . ARG B 1 14 ? -17.798 6.190   -4.904  1.00 32.54  ? 14  ARG B CD  1 
ATOM   566 N NE  . ARG B 1 14 ? -17.938 6.649   -3.524  1.00 46.67  ? 14  ARG B NE  1 
ATOM   567 C CZ  . ARG B 1 14 ? -16.999 7.325   -2.869  1.00 42.88  ? 14  ARG B CZ  1 
ATOM   568 N NH1 . ARG B 1 14 ? -15.850 7.608   -3.466  1.00 37.88  ? 14  ARG B NH1 1 
ATOM   569 N NH2 . ARG B 1 14 ? -17.202 7.711   -1.616  1.00 43.77  ? 14  ARG B NH2 1 
ATOM   570 N N   . GLU B 1 15 ? -17.857 2.148   -5.369  1.00 28.21  ? 15  GLU B N   1 
ATOM   571 C CA  . GLU B 1 15 ? -17.402 1.508   -4.141  1.00 23.35  ? 15  GLU B CA  1 
ATOM   572 C C   . GLU B 1 15 ? -16.306 0.483   -4.417  1.00 35.54  ? 15  GLU B C   1 
ATOM   573 O O   . GLU B 1 15 ? -15.395 0.318   -3.608  1.00 26.62  ? 15  GLU B O   1 
ATOM   574 C CB  . GLU B 1 15 ? -18.574 0.850   -3.408  1.00 44.18  ? 15  GLU B CB  1 
ATOM   575 C CG  . GLU B 1 15 ? -19.554 1.844   -2.797  1.00 59.43  ? 15  GLU B CG  1 
ATOM   576 C CD  . GLU B 1 15 ? -20.424 1.224   -1.721  1.00 76.99  ? 15  GLU B CD  1 
ATOM   577 O OE1 . GLU B 1 15 ? -21.517 0.719   -2.051  1.00 53.24  ? 15  GLU B OE1 1 
ATOM   578 O OE2 . GLU B 1 15 ? -20.013 1.247   -0.541  1.00 90.18  ? 15  GLU B OE2 1 
ATOM   579 N N   . HIS B 1 16 ? -16.394 -0.195  -5.558  1.00 25.61  ? 16  HIS B N   1 
ATOM   580 C CA  . HIS B 1 16 ? -15.391 -1.188  -5.935  1.00 30.14  ? 16  HIS B CA  1 
ATOM   581 C C   . HIS B 1 16 ? -14.013 -0.549  -6.062  1.00 31.66  ? 16  HIS B C   1 
ATOM   582 O O   . HIS B 1 16 ? -13.016 -1.104  -5.600  1.00 33.94  ? 16  HIS B O   1 
ATOM   583 C CB  . HIS B 1 16 ? -15.772 -1.875  -7.248  1.00 34.84  ? 16  HIS B CB  1 
ATOM   584 C CG  . HIS B 1 16 ? -14.717 -2.800  -7.774  1.00 54.59  ? 16  HIS B CG  1 
ATOM   585 N ND1 . HIS B 1 16 ? -13.724 -2.384  -8.635  1.00 63.23  ? 16  HIS B ND1 1 
ATOM   586 C CD2 . HIS B 1 16 ? -14.501 -4.119  -7.560  1.00 59.03  ? 16  HIS B CD2 1 
ATOM   587 C CE1 . HIS B 1 16 ? -12.941 -3.407  -8.929  1.00 43.69  ? 16  HIS B CE1 1 
ATOM   588 N NE2 . HIS B 1 16 ? -13.391 -4.472  -8.290  1.00 63.48  ? 16  HIS B NE2 1 
ATOM   589 N N   . SER B 1 17 ? -13.966 0.623   -6.688  1.00 34.56  ? 17  SER B N   1 
ATOM   590 C CA  . SER B 1 17 ? -12.714 1.349   -6.856  1.00 29.08  ? 17  SER B CA  1 
ATOM   591 C C   . SER B 1 17 ? -12.217 1.887   -5.518  1.00 31.38  ? 17  SER B C   1 
ATOM   592 O O   . SER B 1 17 ? -11.015 1.921   -5.262  1.00 36.14  ? 17  SER B O   1 
ATOM   593 C CB  . SER B 1 17 ? -12.887 2.493   -7.858  1.00 37.89  ? 17  SER B CB  1 
ATOM   594 O OG  . SER B 1 17 ? -13.341 2.008   -9.111  1.00 47.05  ? 17  SER B OG  1 
ATOM   595 N N   . ASP B 1 18 ? -13.151 2.304   -4.669  1.00 27.00  ? 18  ASP B N   1 
ATOM   596 C CA  . ASP B 1 18 ? -12.814 2.829   -3.352  1.00 26.65  ? 18  ASP B CA  1 
ATOM   597 C C   . ASP B 1 18 ? -12.267 1.722   -2.456  1.00 42.52  ? 18  ASP B C   1 
ATOM   598 O O   . ASP B 1 18 ? -11.331 1.942   -1.685  1.00 29.21  ? 18  ASP B O   1 
ATOM   599 C CB  . ASP B 1 18 ? -14.036 3.482   -2.701  1.00 28.26  ? 18  ASP B CB  1 
ATOM   600 C CG  . ASP B 1 18 ? -13.700 4.173   -1.394  1.00 42.69  ? 18  ASP B CG  1 
ATOM   601 O OD1 . ASP B 1 18 ? -12.577 4.707   -1.273  1.00 47.25  ? 18  ASP B OD1 1 
ATOM   602 O OD2 . ASP B 1 18 ? -14.560 4.185   -0.489  1.00 46.27  ? 18  ASP B OD2 1 
ATOM   603 N N   . GLN B 1 19 ? -12.853 0.533   -2.565  1.00 30.84  ? 19  GLN B N   1 
ATOM   604 C CA  . GLN B 1 19 ? -12.394 -0.620  -1.799  1.00 38.17  ? 19  GLN B CA  1 
ATOM   605 C C   . GLN B 1 19 ? -11.005 -1.054  -2.252  1.00 40.10  ? 19  GLN B C   1 
ATOM   606 O O   . GLN B 1 19 ? -10.216 -1.568  -1.459  1.00 34.26  ? 19  GLN B O   1 
ATOM   607 C CB  . GLN B 1 19 ? -13.380 -1.783  -1.930  1.00 28.79  ? 19  GLN B CB  1 
ATOM   608 C CG  . GLN B 1 19 ? -14.689 -1.577  -1.185  1.00 31.07  ? 19  GLN B CG  1 
ATOM   609 C CD  . GLN B 1 19 ? -14.500 -1.485  0.317   1.00 56.35  ? 19  GLN B CD  1 
ATOM   610 O OE1 . GLN B 1 19 ? -13.584 -2.086  0.878   1.00 62.91  ? 19  GLN B OE1 1 
ATOM   611 N NE2 . GLN B 1 19 ? -15.367 -0.725  0.977   1.00 63.42  ? 19  GLN B NE2 1 
ATOM   612 N N   . HIS B 1 20 ? -10.710 -0.843  -3.531  1.00 31.15  ? 20  HIS B N   1 
ATOM   613 C CA  . HIS B 1 20 ? -9.397  -1.171  -4.067  1.00 28.12  ? 20  HIS B CA  1 
ATOM   614 C C   . HIS B 1 20 ? -8.354  -0.218  -3.495  1.00 30.98  ? 20  HIS B C   1 
ATOM   615 O O   . HIS B 1 20 ? -7.247  -0.631  -3.152  1.00 35.23  ? 20  HIS B O   1 
ATOM   616 C CB  . HIS B 1 20 ? -9.399  -1.111  -5.595  1.00 29.31  ? 20  HIS B CB  1 
ATOM   617 C CG  . HIS B 1 20 ? -8.217  -1.778  -6.227  1.00 34.21  ? 20  HIS B CG  1 
ATOM   618 N ND1 . HIS B 1 20 ? -7.951  -1.699  -7.576  1.00 52.09  ? 20  HIS B ND1 1 
ATOM   619 C CD2 . HIS B 1 20 ? -7.235  -2.540  -5.693  1.00 45.21  ? 20  HIS B CD2 1 
ATOM   620 C CE1 . HIS B 1 20 ? -6.852  -2.382  -7.847  1.00 43.94  ? 20  HIS B CE1 1 
ATOM   621 N NE2 . HIS B 1 20 ? -6.398  -2.902  -6.720  1.00 51.28  ? 20  HIS B NE2 1 
ATOM   622 N N   . VAL B 1 21 ? -8.719  1.057   -3.395  1.00 28.92  ? 21  VAL B N   1 
ATOM   623 C CA  . VAL B 1 21 ? -7.861  2.059   -2.773  1.00 31.41  ? 21  VAL B CA  1 
ATOM   624 C C   . VAL B 1 21 ? -7.625  1.692   -1.315  1.00 32.26  ? 21  VAL B C   1 
ATOM   625 O O   . VAL B 1 21 ? -6.497  1.746   -0.824  1.00 34.31  ? 21  VAL B O   1 
ATOM   626 C CB  . VAL B 1 21 ? -8.471  3.470   -2.888  1.00 37.45  ? 21  VAL B CB  1 
ATOM   627 C CG1 . VAL B 1 21 ? -7.694  4.460   -2.034  1.00 29.18  ? 21  VAL B CG1 1 
ATOM   628 C CG2 . VAL B 1 21 ? -8.507  3.921   -4.340  1.00 40.20  ? 21  VAL B CG2 1 
ATOM   629 N N   . LYS B 1 22 ? -8.701  1.314   -0.633  1.00 29.63  ? 22  LYS B N   1 
ATOM   630 C CA  . LYS B 1 22 ? -8.642  0.930   0.772   1.00 34.09  ? 22  LYS B CA  1 
ATOM   631 C C   . LYS B 1 22 ? -7.744  -0.290  0.968   1.00 37.51  ? 22  LYS B C   1 
ATOM   632 O O   . LYS B 1 22 ? -6.991  -0.369  1.938   1.00 33.29  ? 22  LYS B O   1 
ATOM   633 C CB  . LYS B 1 22 ? -10.050 0.647   1.301   1.00 31.85  ? 22  LYS B CB  1 
ATOM   634 C CG  . LYS B 1 22 ? -10.148 0.517   2.812   1.00 66.10  ? 22  LYS B CG  1 
ATOM   635 C CD  . LYS B 1 22 ? -11.598 0.374   3.251   1.00 64.75  ? 22  LYS B CD  1 
ATOM   636 C CE  . LYS B 1 22 ? -11.728 0.379   4.764   1.00 56.25  ? 22  LYS B CE  1 
ATOM   637 N NZ  . LYS B 1 22 ? -11.015 -0.766  5.393   1.00 67.18  ? 22  LYS B NZ  1 
ATOM   638 N N   . GLU B 1 23 ? -7.827  -1.233  0.035   1.00 34.48  ? 23  GLU B N   1 
ATOM   639 C CA  . GLU B 1 23 ? -7.004  -2.436  0.081   1.00 31.27  ? 23  GLU B CA  1 
ATOM   640 C C   . GLU B 1 23 ? -5.525  -2.106  -0.100  1.00 48.31  ? 23  GLU B C   1 
ATOM   641 O O   . GLU B 1 23 ? -4.674  -2.593  0.644   1.00 35.58  ? 23  GLU B O   1 
ATOM   642 C CB  . GLU B 1 23 ? -7.447  -3.432  -0.991  1.00 31.58  ? 23  GLU B CB  1 
ATOM   643 C CG  . GLU B 1 23 ? -6.573  -4.673  -1.081  1.00 50.68  ? 23  GLU B CG  1 
ATOM   644 C CD  . GLU B 1 23 ? -6.925  -5.550  -2.265  1.00 61.29  ? 23  GLU B CD  1 
ATOM   645 O OE1 . GLU B 1 23 ? -7.810  -5.159  -3.055  1.00 56.10  ? 23  GLU B OE1 1 
ATOM   646 O OE2 . GLU B 1 23 ? -6.316  -6.631  -2.406  1.00 67.89  ? 23  GLU B OE2 1 
ATOM   647 N N   . LEU B 1 24 ? -5.229  -1.276  -1.095  1.00 30.01  ? 24  LEU B N   1 
ATOM   648 C CA  . LEU B 1 24 ? -3.852  -0.908  -1.399  1.00 26.69  ? 24  LEU B CA  1 
ATOM   649 C C   . LEU B 1 24 ? -3.256  -0.022  -0.309  1.00 35.76  ? 24  LEU B C   1 
ATOM   650 O O   . LEU B 1 24 ? -2.061  -0.103  -0.023  1.00 32.11  ? 24  LEU B O   1 
ATOM   651 C CB  . LEU B 1 24 ? -3.775  -0.203  -2.755  1.00 28.10  ? 24  LEU B CB  1 
ATOM   652 C CG  . LEU B 1 24 ? -4.148  -1.053  -3.972  1.00 36.79  ? 24  LEU B CG  1 
ATOM   653 C CD1 . LEU B 1 24 ? -4.035  -0.240  -5.251  1.00 42.36  ? 24  LEU B CD1 1 
ATOM   654 C CD2 . LEU B 1 24 ? -3.278  -2.299  -4.047  1.00 29.46  ? 24  LEU B CD2 1 
ATOM   655 N N   . LYS B 1 25 ? -4.087  0.824   0.291   1.00 29.15  ? 25  LYS B N   1 
ATOM   656 C CA  . LYS B 1 25 ? -3.644  1.674   1.392   1.00 32.13  ? 25  LYS B CA  1 
ATOM   657 C C   . LYS B 1 25 ? -3.213  0.832   2.587   1.00 32.62  ? 25  LYS B C   1 
ATOM   658 O O   . LYS B 1 25 ? -2.181  1.097   3.201   1.00 29.78  ? 25  LYS B O   1 
ATOM   659 C CB  . LYS B 1 25 ? -4.749  2.645   1.815   1.00 36.61  ? 25  LYS B CB  1 
ATOM   660 C CG  . LYS B 1 25 ? -4.825  3.914   0.984   1.00 39.17  ? 25  LYS B CG  1 
ATOM   661 C CD  . LYS B 1 25 ? -5.826  4.892   1.581   1.00 39.52  ? 25  LYS B CD  1 
ATOM   662 C CE  . LYS B 1 25 ? -5.825  6.215   0.834   1.00 52.09  ? 25  LYS B CE  1 
ATOM   663 N NZ  . LYS B 1 25 ? -6.772  7.192   1.442   1.00 67.78  ? 25  LYS B NZ  1 
ATOM   664 N N   . THR B 1 26 ? -4.011  -0.183  2.904   1.00 30.68  ? 26  THR B N   1 
ATOM   665 C CA  . THR B 1 26 ? -3.721  -1.076  4.019   1.00 30.57  ? 26  THR B CA  1 
ATOM   666 C C   . THR B 1 26 ? -2.431  -1.853  3.770   1.00 34.65  ? 26  THR B C   1 
ATOM   667 O O   . THR B 1 26 ? -1.610  -2.016  4.673   1.00 38.62  ? 26  THR B O   1 
ATOM   668 C CB  . THR B 1 26 ? -4.877  -2.068  4.260   1.00 45.58  ? 26  THR B CB  1 
ATOM   669 O OG1 . THR B 1 26 ? -6.089  -1.342  4.498   1.00 42.22  ? 26  THR B OG1 1 
ATOM   670 C CG2 . THR B 1 26 ? -4.581  -2.958  5.459   1.00 37.81  ? 26  THR B CG2 1 
ATOM   671 N N   . SER B 1 27 ? -2.259  -2.323  2.539   1.00 37.81  ? 27  SER B N   1 
ATOM   672 C CA  . SER B 1 27 ? -1.059  -3.063  2.161   1.00 30.95  ? 27  SER B CA  1 
ATOM   673 C C   . SER B 1 27 ? 0.173   -2.167  2.217   1.00 28.76  ? 27  SER B C   1 
ATOM   674 O O   . SER B 1 27 ? 1.271   -2.625  2.528   1.00 33.89  ? 27  SER B O   1 
ATOM   675 C CB  . SER B 1 27 ? -1.214  -3.660  0.762   1.00 26.87  ? 27  SER B CB  1 
ATOM   676 O OG  . SER B 1 27 ? -2.295  -4.577  0.717   1.00 46.11  ? 27  SER B OG  1 
ATOM   677 N N   . LEU B 1 28 ? -0.018  -0.888  1.915   1.00 28.59  ? 28  LEU B N   1 
ATOM   678 C CA  . LEU B 1 28 ? 1.075   0.075   1.943   1.00 32.98  ? 28  LEU B CA  1 
ATOM   679 C C   . LEU B 1 28 ? 1.465   0.397   3.381   1.00 36.79  ? 28  LEU B C   1 
ATOM   680 O O   . LEU B 1 28 ? 2.647   0.542   3.694   1.00 35.71  ? 28  LEU B O   1 
ATOM   681 C CB  . LEU B 1 28 ? 0.686   1.353   1.196   1.00 36.07  ? 28  LEU B CB  1 
ATOM   682 C CG  . LEU B 1 28 ? 1.794   2.390   1.011   1.00 39.65  ? 28  LEU B CG  1 
ATOM   683 C CD1 . LEU B 1 28 ? 2.964   1.792   0.244   1.00 37.93  ? 28  LEU B CD1 1 
ATOM   684 C CD2 . LEU B 1 28 ? 1.260   3.625   0.302   1.00 35.41  ? 28  LEU B CD2 1 
ATOM   685 N N   . LYS B 1 29 ? 0.464   0.509   4.249   1.00 41.37  ? 29  LYS B N   1 
ATOM   686 C CA  . LYS B 1 29 ? 0.695   0.739   5.672   1.00 35.13  ? 29  LYS B CA  1 
ATOM   687 C C   . LYS B 1 29 ? 1.454   -0.433  6.280   1.00 39.40  ? 29  LYS B C   1 
ATOM   688 O O   . LYS B 1 29 ? 2.357   -0.247  7.096   1.00 37.68  ? 29  LYS B O   1 
ATOM   689 C CB  . LYS B 1 29 ? -0.628  0.943   6.414   1.00 40.55  ? 29  LYS B CB  1 
ATOM   690 C CG  . LYS B 1 29 ? -1.371  2.222   6.060   1.00 65.99  ? 29  LYS B CG  1 
ATOM   691 C CD  . LYS B 1 29 ? -0.722  3.443   6.689   1.00 53.83  ? 29  LYS B CD  1 
ATOM   692 C CE  . LYS B 1 29 ? -1.567  4.687   6.466   1.00 50.51  ? 29  LYS B CE  1 
ATOM   693 N NZ  . LYS B 1 29 ? -0.989  5.883   7.137   1.00 67.43  ? 29  LYS B NZ  1 
ATOM   694 N N   . LYS B 1 30 ? 1.075   -1.642  5.876   1.00 35.18  ? 30  LYS B N   1 
ATOM   695 C CA  . LYS B 1 30 ? 1.715   -2.854  6.370   1.00 34.09  ? 30  LYS B CA  1 
ATOM   696 C C   . LYS B 1 30 ? 3.173   -2.919  5.928   1.00 41.77  ? 30  LYS B C   1 
ATOM   697 O O   . LYS B 1 30 ? 4.054   -3.248  6.722   1.00 38.14  ? 30  LYS B O   1 
ATOM   698 C CB  . LYS B 1 30 ? 0.961   -4.094  5.887   1.00 36.97  ? 30  LYS B CB  1 
ATOM   699 C CG  . LYS B 1 30 ? 1.578   -5.412  6.329   1.00 33.67  ? 30  LYS B CG  1 
ATOM   700 C CD  . LYS B 1 30 ? 0.775   -6.593  5.812   1.00 44.66  ? 30  LYS B CD  1 
ATOM   701 C CE  . LYS B 1 30 ? 1.394   -7.914  6.234   1.00 46.88  ? 30  LYS B CE  1 
ATOM   702 N NZ  . LYS B 1 30 ? 0.610   -9.075  5.731   1.00 73.49  ? 30  LYS B NZ  1 
ATOM   703 N N   . CYS B 1 31 ? 3.422   -2.601  4.661   1.00 34.53  ? 31  CYS B N   1 
ATOM   704 C CA  . CYS B 1 31 ? 4.780   -2.622  4.128   1.00 44.86  ? 31  CYS B CA  1 
ATOM   705 C C   . CYS B 1 31 ? 5.645   -1.556  4.790   1.00 39.01  ? 31  CYS B C   1 
ATOM   706 O O   . CYS B 1 31 ? 6.824   -1.785  5.063   1.00 36.73  ? 31  CYS B O   1 
ATOM   707 C CB  . CYS B 1 31 ? 4.777   -2.420  2.610   1.00 34.08  ? 31  CYS B CB  1 
ATOM   708 S SG  . CYS B 1 31 ? 6.437   -2.442  1.894   1.00 46.59  ? 31  CYS B SG  1 
ATOM   709 N N   . ALA B 1 32 ? 5.057   -0.392  5.042   1.00 35.19  ? 32  ALA B N   1 
ATOM   710 C CA  . ALA B 1 32 ? 5.771   0.704   5.686   1.00 34.62  ? 32  ALA B CA  1 
ATOM   711 C C   . ALA B 1 32 ? 6.126   0.340   7.123   1.00 34.85  ? 32  ALA B C   1 
ATOM   712 O O   . ALA B 1 32 ? 7.137   0.795   7.659   1.00 36.36  ? 32  ALA B O   1 
ATOM   713 C CB  . ALA B 1 32 ? 4.940   1.977   5.649   1.00 41.78  ? 32  ALA B CB  1 
ATOM   714 N N   . ARG B 1 33 ? 5.289   -0.483  7.742   1.00 34.33  ? 33  ARG B N   1 
ATOM   715 C CA  . ARG B 1 33 ? 5.529   -0.927  9.109   1.00 31.23  ? 33  ARG B CA  1 
ATOM   716 C C   . ARG B 1 33 ? 6.621   -1.992  9.143   1.00 43.90  ? 33  ARG B C   1 
ATOM   717 O O   . ARG B 1 33 ? 7.425   -2.039  10.073  1.00 36.77  ? 33  ARG B O   1 
ATOM   718 C CB  . ARG B 1 33 ? 4.238   -1.464  9.731   1.00 38.46  ? 33  ARG B CB  1 
ATOM   719 C CG  . ARG B 1 33 ? 4.380   -1.887  11.182  1.00 56.54  ? 33  ARG B CG  1 
ATOM   720 C CD  . ARG B 1 33 ? 3.043   -2.324  11.752  1.00 52.98  ? 33  ARG B CD  1 
ATOM   721 N NE  . ARG B 1 33 ? 2.387   -3.307  10.894  1.00 90.30  ? 33  ARG B NE  1 
ATOM   722 C CZ  . ARG B 1 33 ? 2.644   -4.610  10.920  1.00 83.45  ? 33  ARG B CZ  1 
ATOM   723 N NH1 . ARG B 1 33 ? 2.000   -5.431  10.101  1.00 79.73  ? 33  ARG B NH1 1 
ATOM   724 N NH2 . ARG B 1 33 ? 3.549   -5.093  11.759  1.00 81.54  ? 33  ARG B NH2 1 
ATOM   725 N N   . GLU B 1 34 ? 6.646   -2.844  8.122   1.00 39.65  ? 34  GLU B N   1 
ATOM   726 C CA  . GLU B 1 34 ? 7.683   -3.862  8.003   1.00 40.04  ? 34  GLU B CA  1 
ATOM   727 C C   . GLU B 1 34 ? 9.034   -3.211  7.738   1.00 37.91  ? 34  GLU B C   1 
ATOM   728 O O   . GLU B 1 34 ? 10.062  -3.667  8.235   1.00 35.63  ? 34  GLU B O   1 
ATOM   729 C CB  . GLU B 1 34 ? 7.347   -4.855  6.889   1.00 38.10  ? 34  GLU B CB  1 
ATOM   730 C CG  . GLU B 1 34 ? 6.127   -5.716  7.168   1.00 48.28  ? 34  GLU B CG  1 
ATOM   731 C CD  . GLU B 1 34 ? 5.887   -6.752  6.086   1.00 70.63  ? 34  GLU B CD  1 
ATOM   732 O OE1 . GLU B 1 34 ? 6.686   -6.807  5.127   1.00 57.46  ? 34  GLU B OE1 1 
ATOM   733 O OE2 . GLU B 1 34 ? 4.901   -7.511  6.196   1.00 64.94  ? 34  GLU B OE2 1 
ATOM   734 N N   . THR B 1 35 ? 9.019   -2.142  6.948   1.00 35.93  ? 35  THR B N   1 
ATOM   735 C CA  . THR B 1 35 ? 10.225  -1.377  6.661   1.00 35.74  ? 35  THR B CA  1 
ATOM   736 C C   . THR B 1 35 ? 10.763  -0.741  7.939   1.00 38.01  ? 35  THR B C   1 
ATOM   737 O O   . THR B 1 35 ? 11.972  -0.698  8.165   1.00 39.38  ? 35  THR B O   1 
ATOM   738 C CB  . THR B 1 35 ? 9.962   -0.281  5.609   1.00 42.51  ? 35  THR B CB  1 
ATOM   739 O OG1 . THR B 1 35 ? 9.497   -0.883  4.394   1.00 53.05  ? 35  THR B OG1 1 
ATOM   740 C CG2 . THR B 1 35 ? 11.228  0.511   5.323   1.00 41.55  ? 35  THR B CG2 1 
ATOM   741 N N   . ALA B 1 36 ? 9.849   -0.260  8.776   1.00 40.14  ? 36  ALA B N   1 
ATOM   742 C CA  . ALA B 1 36 ? 10.216  0.378   10.035  1.00 38.09  ? 36  ALA B CA  1 
ATOM   743 C C   . ALA B 1 36 ? 10.864  -0.616  10.994  1.00 37.76  ? 36  ALA B C   1 
ATOM   744 O O   . ALA B 1 36 ? 11.851  -0.297  11.656  1.00 35.47  ? 36  ALA B O   1 
ATOM   745 C CB  . ALA B 1 36 ? 8.994   1.013   10.678  1.00 22.53  ? 36  ALA B CB  1 
ATOM   746 N N   . ASP B 1 37 ? 10.306  -1.821  11.064  1.00 38.47  ? 37  ASP B N   1 
ATOM   747 C CA  . ASP B 1 37 ? 10.834  -2.861  11.939  1.00 36.65  ? 37  ASP B CA  1 
ATOM   748 C C   . ASP B 1 37 ? 12.209  -3.335  11.480  1.00 35.16  ? 37  ASP B C   1 
ATOM   749 O O   . ASP B 1 37 ? 13.091  -3.592  12.300  1.00 33.97  ? 37  ASP B O   1 
ATOM   750 C CB  . ASP B 1 37 ? 9.871   -4.049  12.008  1.00 33.69  ? 37  ASP B CB  1 
ATOM   751 C CG  . ASP B 1 37 ? 8.600   -3.728  12.771  1.00 43.94  ? 37  ASP B CG  1 
ATOM   752 O OD1 . ASP B 1 37 ? 8.609   -2.767  13.568  1.00 42.79  ? 37  ASP B OD1 1 
ATOM   753 O OD2 . ASP B 1 37 ? 7.595   -4.443  12.579  1.00 41.86  ? 37  ASP B OD2 1 
ATOM   754 N N   . LEU B 1 38 ? 12.386  -3.452  10.168  1.00 39.95  ? 38  LEU B N   1 
ATOM   755 C CA  . LEU B 1 38 ? 13.654  -3.907  9.608   1.00 45.43  ? 38  LEU B CA  1 
ATOM   756 C C   . LEU B 1 38 ? 14.738  -2.844  9.746   1.00 38.36  ? 38  LEU B C   1 
ATOM   757 O O   . LEU B 1 38 ? 15.895  -3.159  10.023  1.00 33.82  ? 38  LEU B O   1 
ATOM   758 C CB  . LEU B 1 38 ? 13.487  -4.293  8.138   1.00 33.51  ? 38  LEU B CB  1 
ATOM   759 C CG  . LEU B 1 38 ? 12.687  -5.565  7.855   1.00 46.86  ? 38  LEU B CG  1 
ATOM   760 C CD1 . LEU B 1 38 ? 12.607  -5.821  6.360   1.00 59.36  ? 38  LEU B CD1 1 
ATOM   761 C CD2 . LEU B 1 38 ? 13.303  -6.757  8.573   1.00 38.78  ? 38  LEU B CD2 1 
ATOM   762 N N   . LYS B 1 39 ? 14.358  -1.586  9.554   1.00 37.13  ? 39  LYS B N   1 
ATOM   763 C CA  . LYS B 1 39 ? 15.307  -0.483  9.641   1.00 43.77  ? 39  LYS B CA  1 
ATOM   764 C C   . LYS B 1 39 ? 15.716  -0.240  11.091  1.00 36.74  ? 39  LYS B C   1 
ATOM   765 O O   . LYS B 1 39 ? 16.820  0.230   11.364  1.00 50.63  ? 39  LYS B O   1 
ATOM   766 C CB  . LYS B 1 39 ? 14.713  0.786   9.025   1.00 45.73  ? 39  LYS B CB  1 
ATOM   767 C CG  . LYS B 1 39 ? 15.694  1.939   8.897   1.00 64.03  ? 39  LYS B CG  1 
ATOM   768 C CD  . LYS B 1 39 ? 15.337  2.833   7.720   1.00 70.09  ? 39  LYS B CD  1 
ATOM   769 C CE  . LYS B 1 39 ? 13.894  3.300   7.794   1.00 54.25  ? 39  LYS B CE  1 
ATOM   770 N NZ  . LYS B 1 39 ? 13.511  4.100   6.598   1.00 60.01  ? 39  LYS B NZ  1 
ATOM   771 N N   . PHE B 1 40 ? 14.820  -0.568  12.017  1.00 39.49  ? 40  PHE B N   1 
ATOM   772 C CA  . PHE B 1 40 ? 15.124  -0.477  13.441  1.00 30.75  ? 40  PHE B CA  1 
ATOM   773 C C   . PHE B 1 40 ? 16.211  -1.479  13.815  1.00 41.78  ? 40  PHE B C   1 
ATOM   774 O O   . PHE B 1 40 ? 17.181  -1.135  14.491  1.00 38.88  ? 40  PHE B O   1 
ATOM   775 C CB  . PHE B 1 40 ? 13.868  -0.720  14.281  1.00 34.43  ? 40  PHE B CB  1 
ATOM   776 C CG  . PHE B 1 40 ? 14.137  -0.842  15.754  1.00 29.54  ? 40  PHE B CG  1 
ATOM   777 C CD1 . PHE B 1 40 ? 14.382  0.283   16.522  1.00 30.58  ? 40  PHE B CD1 1 
ATOM   778 C CD2 . PHE B 1 40 ? 14.142  -2.083  16.371  1.00 35.99  ? 40  PHE B CD2 1 
ATOM   779 C CE1 . PHE B 1 40 ? 14.630  0.175   17.877  1.00 32.78  ? 40  PHE B CE1 1 
ATOM   780 C CE2 . PHE B 1 40 ? 14.390  -2.199  17.726  1.00 37.75  ? 40  PHE B CE2 1 
ATOM   781 C CZ  . PHE B 1 40 ? 14.633  -1.068  18.480  1.00 33.23  ? 40  PHE B CZ  1 
ATOM   782 N N   . LEU B 1 41 ? 16.040  -2.720  13.370  1.00 36.11  ? 41  LEU B N   1 
ATOM   783 C CA  . LEU B 1 41 ? 17.036  -3.761  13.593  1.00 41.34  ? 41  LEU B CA  1 
ATOM   784 C C   . LEU B 1 41 ? 18.316  -3.442  12.830  1.00 33.96  ? 41  LEU B C   1 
ATOM   785 O O   . LEU B 1 41 ? 19.416  -3.761  13.281  1.00 41.46  ? 41  LEU B O   1 
ATOM   786 C CB  . LEU B 1 41 ? 16.496  -5.128  13.169  1.00 38.46  ? 41  LEU B CB  1 
ATOM   787 C CG  . LEU B 1 41 ? 15.301  -5.676  13.950  1.00 42.75  ? 41  LEU B CG  1 
ATOM   788 C CD1 . LEU B 1 41 ? 14.801  -6.969  13.325  1.00 47.80  ? 41  LEU B CD1 1 
ATOM   789 C CD2 . LEU B 1 41 ? 15.669  -5.892  15.409  1.00 48.63  ? 41  LEU B CD2 1 
ATOM   790 N N   . ASN B 1 42 ? 18.160  -2.806  11.674  1.00 38.36  ? 42  ASN B N   1 
ATOM   791 C CA  . ASN B 1 42 ? 19.290  -2.451  10.824  1.00 36.92  ? 42  ASN B CA  1 
ATOM   792 C C   . ASN B 1 42 ? 20.186  -1.419  11.499  1.00 54.27  ? 42  ASN B C   1 
ATOM   793 O O   . ASN B 1 42 ? 21.407  -1.450  11.346  1.00 59.39  ? 42  ASN B O   1 
ATOM   794 C CB  . ASN B 1 42 ? 18.795  -1.919  9.477   1.00 49.53  ? 42  ASN B CB  1 
ATOM   795 C CG  . ASN B 1 42 ? 19.905  -1.796  8.455   1.00 52.19  ? 42  ASN B CG  1 
ATOM   796 O OD1 . ASN B 1 42 ? 20.474  -0.722  8.264   1.00 57.02  ? 42  ASN B OD1 1 
ATOM   797 N ND2 . ASN B 1 42 ? 20.221  -2.903  7.790   1.00 53.32  ? 42  ASN B ND2 1 
ATOM   798 N N   . ASN B 1 43 ? 19.574  -0.506  12.246  1.00 54.13  ? 43  ASN B N   1 
ATOM   799 C CA  . ASN B 1 43 ? 20.320  0.542   12.934  1.00 46.09  ? 43  ASN B CA  1 
ATOM   800 C C   . ASN B 1 43 ? 21.061  -0.007  14.149  1.00 43.57  ? 43  ASN B C   1 
ATOM   801 O O   . ASN B 1 43 ? 22.192  0.392   14.424  1.00 53.51  ? 43  ASN B O   1 
ATOM   802 C CB  . ASN B 1 43 ? 19.387  1.678   13.358  1.00 43.28  ? 43  ASN B CB  1 
ATOM   803 C CG  . ASN B 1 43 ? 18.808  2.428   12.174  1.00 52.91  ? 43  ASN B CG  1 
ATOM   804 O OD1 . ASN B 1 43 ? 19.427  2.508   11.114  1.00 57.32  ? 43  ASN B OD1 1 
ATOM   805 N ND2 . ASN B 1 43 ? 17.615  2.983   12.351  1.00 52.11  ? 43  ASN B ND2 1 
ATOM   806 N N   . GLN B 1 44 ? 20.421  -0.920  14.875  1.00 41.95  ? 44  GLN B N   1 
ATOM   807 C CA  . GLN B 1 44 ? 21.043  -1.530  16.045  1.00 54.98  ? 44  GLN B CA  1 
ATOM   808 C C   . GLN B 1 44 ? 22.167  -2.478  15.639  1.00 63.11  ? 44  GLN B C   1 
ATOM   809 O O   . GLN B 1 44 ? 23.145  -2.643  16.369  1.00 70.15  ? 44  GLN B O   1 
ATOM   810 C CB  . GLN B 1 44 ? 20.004  -2.276  16.887  1.00 58.18  ? 44  GLN B CB  1 
ATOM   811 C CG  . GLN B 1 44 ? 19.096  -1.368  17.698  1.00 68.47  ? 44  GLN B CG  1 
ATOM   812 C CD  . GLN B 1 44 ? 18.334  -2.116  18.774  1.00 76.25  ? 44  GLN B CD  1 
ATOM   813 O OE1 . GLN B 1 44 ? 18.191  -3.338  18.716  1.00 87.72  ? 44  GLN B OE1 1 
ATOM   814 N NE2 . GLN B 1 44 ? 17.846  -1.386  19.770  1.00 76.63  ? 44  GLN B NE2 1 
ATOM   815 N N   . TYR B 1 45 ? 22.021  -3.100  14.474  1.00 53.92  ? 45  TYR B N   1 
ATOM   816 C CA  . TYR B 1 45 ? 23.054  -3.982  13.945  1.00 51.17  ? 45  TYR B CA  1 
ATOM   817 C C   . TYR B 1 45 ? 24.283  -3.187  13.516  1.00 58.43  ? 45  TYR B C   1 
ATOM   818 O O   . TYR B 1 45 ? 25.411  -3.532  13.868  1.00 68.96  ? 45  TYR B O   1 
ATOM   819 C CB  . TYR B 1 45 ? 22.520  -4.788  12.759  1.00 42.12  ? 45  TYR B CB  1 
ATOM   820 C CG  . TYR B 1 45 ? 21.627  -5.948  13.139  1.00 40.02  ? 45  TYR B CG  1 
ATOM   821 C CD1 . TYR B 1 45 ? 21.709  -6.534  14.395  1.00 43.56  ? 45  TYR B CD1 1 
ATOM   822 C CD2 . TYR B 1 45 ? 20.706  -6.463  12.236  1.00 43.23  ? 45  TYR B CD2 1 
ATOM   823 C CE1 . TYR B 1 45 ? 20.895  -7.597  14.742  1.00 51.24  ? 45  TYR B CE1 1 
ATOM   824 C CE2 . TYR B 1 45 ? 19.889  -7.524  12.573  1.00 44.75  ? 45  TYR B CE2 1 
ATOM   825 C CZ  . TYR B 1 45 ? 19.987  -8.087  13.826  1.00 41.09  ? 45  TYR B CZ  1 
ATOM   826 O OH  . TYR B 1 45 ? 19.174  -9.144  14.163  1.00 54.88  ? 45  TYR B OH  1 
ATOM   827 N N   . ALA B 1 46 ? 24.052  -2.120  12.758  1.00 62.27  ? 46  ALA B N   1 
ATOM   828 C CA  . ALA B 1 46 ? 25.134  -1.309  12.211  1.00 61.73  ? 46  ALA B CA  1 
ATOM   829 C C   . ALA B 1 46 ? 25.900  -0.568  13.303  1.00 81.00  ? 46  ALA B C   1 
ATOM   830 O O   . ALA B 1 46 ? 27.081  -0.261  13.143  1.00 92.91  ? 46  ALA B O   1 
ATOM   831 C CB  . ALA B 1 46 ? 24.587  -0.322  11.191  1.00 59.20  ? 46  ALA B CB  1 
ATOM   832 N N   . HIS B 1 47 ? 25.226  -0.284  14.413  1.00 81.54  ? 47  HIS B N   1 
ATOM   833 C CA  . HIS B 1 47 ? 25.846  0.443   15.514  1.00 89.17  ? 47  HIS B CA  1 
ATOM   834 C C   . HIS B 1 47 ? 26.576  -0.512  16.456  1.00 82.56  ? 47  HIS B C   1 
ATOM   835 O O   . HIS B 1 47 ? 26.321  -0.529  17.659  1.00 90.09  ? 47  HIS B O   1 
ATOM   836 C CB  . HIS B 1 47 ? 24.797  1.249   16.284  1.00 88.40  ? 47  HIS B CB  1 
ATOM   837 C CG  . HIS B 1 47 ? 25.377  2.298   17.180  1.00 98.04  ? 47  HIS B CG  1 
ATOM   838 N ND1 . HIS B 1 47 ? 26.222  3.286   16.720  1.00 89.81  ? 47  HIS B ND1 1 
ATOM   839 C CD2 . HIS B 1 47 ? 25.234  2.516   18.508  1.00 97.30  ? 47  HIS B CD2 1 
ATOM   840 C CE1 . HIS B 1 47 ? 26.575  4.065   17.726  1.00 96.23  ? 47  HIS B CE1 1 
ATOM   841 N NE2 . HIS B 1 47 ? 25.989  3.620   18.823  1.00 116.31 ? 47  HIS B NE2 1 
ATOM   842 N N   . LYS B 1 48 ? 27.483  -1.307  15.897  1.00 77.87  ? 48  LYS B N   1 
ATOM   843 C CA  . LYS B 1 48 ? 28.262  -2.258  16.680  1.00 81.92  ? 48  LYS B CA  1 
ATOM   844 C C   . LYS B 1 48 ? 29.737  -2.205  16.293  1.00 68.84  ? 48  LYS B C   1 
ATOM   845 O O   . LYS B 1 48 ? 30.082  -2.275  15.113  1.00 62.68  ? 48  LYS B O   1 
ATOM   846 C CB  . LYS B 1 48 ? 27.722  -3.679  16.500  1.00 74.12  ? 48  LYS B CB  1 
ATOM   847 C CG  . LYS B 1 48 ? 26.326  -3.893  17.063  1.00 73.00  ? 48  LYS B CG  1 
ATOM   848 C CD  . LYS B 1 48 ? 26.295  -3.659  18.565  1.00 72.60  ? 48  LYS B CD  1 
ATOM   849 C CE  . LYS B 1 48 ? 24.893  -3.837  19.125  1.00 79.75  ? 48  LYS B CE  1 
ATOM   850 N NZ  . LYS B 1 48 ? 24.371  -5.213  18.893  1.00 64.87  ? 48  LYS B NZ  1 
HETATM 851 O O   . HOH C 2 .  ? -10.680 5.452   -14.669 1.00 40.39  ? 101 HOH A O   1 
HETATM 852 O O   . HOH C 2 .  ? 28.070  -9.579  3.897   1.00 47.22  ? 102 HOH A O   1 
HETATM 853 O O   . HOH C 2 .  ? 0.629   2.194   -11.203 1.00 50.83  ? 103 HOH A O   1 
HETATM 854 O O   . HOH C 2 .  ? 9.425   -7.205  -0.229  1.00 49.29  ? 104 HOH A O   1 
HETATM 855 O O   . HOH C 2 .  ? 1.045   6.454   -2.991  1.00 57.99  ? 105 HOH A O   1 
HETATM 856 O O   . HOH C 2 .  ? -22.246 16.336  -9.909  1.00 36.76  ? 106 HOH A O   1 
HETATM 857 O O   . HOH C 2 .  ? -14.710 5.821   -5.911  1.00 33.29  ? 107 HOH A O   1 
HETATM 858 O O   . HOH C 2 .  ? 16.677  -10.445 7.914   1.00 36.50  ? 108 HOH A O   1 
HETATM 859 O O   . HOH C 2 .  ? -11.247 9.114   -16.763 1.00 53.09  ? 109 HOH A O   1 
HETATM 860 O O   . HOH C 2 .  ? 21.605  -13.855 9.080   1.00 47.26  ? 110 HOH A O   1 
HETATM 861 O O   . HOH C 2 .  ? -1.304  8.455   -4.009  1.00 55.32  ? 111 HOH A O   1 
HETATM 862 O O   . HOH C 2 .  ? 28.027  -11.244 7.189   1.00 39.10  ? 112 HOH A O   1 
HETATM 863 O O   . HOH C 2 .  ? -12.761 9.372   -5.237  1.00 32.36  ? 113 HOH A O   1 
HETATM 864 O O   . HOH C 2 .  ? 9.420   1.526   2.602   1.00 53.04  ? 114 HOH A O   1 
HETATM 865 O O   . HOH C 2 .  ? 23.299  -12.367 15.356  1.00 50.33  ? 115 HOH A O   1 
HETATM 866 O O   . HOH C 2 .  ? -6.568  2.169   -11.863 1.00 38.86  ? 116 HOH A O   1 
HETATM 867 O O   . HOH C 2 .  ? 35.705  -14.689 14.619  1.00 54.27  ? 117 HOH A O   1 
HETATM 868 O O   . HOH C 2 .  ? 7.615   1.824   -8.097  1.00 39.54  ? 118 HOH A O   1 
HETATM 869 O O   . HOH C 2 .  ? -18.078 4.791   -12.944 1.00 36.47  ? 119 HOH A O   1 
HETATM 870 O O   . HOH C 2 .  ? -17.064 7.186   -14.329 1.00 49.47  ? 120 HOH A O   1 
HETATM 871 O O   . HOH C 2 .  ? 15.884  -0.225  1.974   1.00 52.46  ? 121 HOH A O   1 
HETATM 872 O O   . HOH C 2 .  ? -18.445 12.778  -14.078 1.00 43.22  ? 122 HOH A O   1 
HETATM 873 O O   . HOH C 2 .  ? -9.194  7.549   -14.073 1.00 47.59  ? 123 HOH A O   1 
HETATM 874 O O   . HOH C 2 .  ? 2.363   6.704   -10.321 1.00 54.08  ? 124 HOH A O   1 
HETATM 875 O O   . HOH C 2 .  ? -4.381  0.007   -11.835 1.00 49.62  ? 125 HOH A O   1 
HETATM 876 O O   . HOH C 2 .  ? 6.503   3.882   -0.708  1.00 49.54  ? 126 HOH A O   1 
HETATM 877 O O   . HOH C 2 .  ? 5.975   6.762   -2.088  1.00 55.88  ? 127 HOH A O   1 
HETATM 878 O O   . HOH C 2 .  ? -17.616 14.056  -6.701  1.00 54.93  ? 128 HOH A O   1 
HETATM 879 O O   . HOH C 2 .  ? 4.542   1.189   -11.240 1.00 49.22  ? 129 HOH A O   1 
HETATM 880 O O   . HOH C 2 .  ? 10.923  -8.501  1.549   1.00 45.40  ? 130 HOH A O   1 
HETATM 881 O O   . HOH C 2 .  ? -5.031  10.613  -6.342  1.00 52.37  ? 131 HOH A O   1 
HETATM 882 O O   . HOH C 2 .  ? 14.349  -10.448 0.585   1.00 53.94  ? 132 HOH A O   1 
HETATM 883 O O   . HOH C 2 .  ? 18.822  -1.664  2.576   1.00 48.63  ? 133 HOH A O   1 
HETATM 884 O O   . HOH C 2 .  ? -9.708  10.296  -4.940  1.00 45.45  ? 134 HOH A O   1 
HETATM 885 O O   . HOH C 2 .  ? 36.596  -18.426 21.071  1.00 62.08  ? 135 HOH A O   1 
HETATM 886 O O   . HOH C 2 .  ? -18.429 15.860  -7.926  1.00 54.28  ? 136 HOH A O   1 
HETATM 887 O O   . HOH C 2 .  ? -19.520 16.126  -10.559 1.00 49.07  ? 137 HOH A O   1 
HETATM 888 O O   . HOH C 2 .  ? -9.193  8.564   -2.476  1.00 44.23  ? 138 HOH A O   1 
HETATM 889 O O   . HOH C 2 .  ? -16.578 11.016  -15.233 1.00 53.08  ? 139 HOH A O   1 
HETATM 890 O O   . HOH C 2 .  ? 9.496   -8.731  -2.833  1.00 52.18  ? 140 HOH A O   1 
HETATM 891 O O   . HOH C 2 .  ? 15.700  2.016   2.728   1.00 51.64  ? 141 HOH A O   1 
HETATM 892 O O   . HOH C 2 .  ? -12.319 11.291  -16.778 1.00 57.23  ? 142 HOH A O   1 
HETATM 893 O O   . HOH C 2 .  ? 34.301  -20.047 18.130  1.00 46.64  ? 143 HOH A O   1 
HETATM 894 O O   . HOH C 2 .  ? -11.315 12.128  -14.341 1.00 47.18  ? 144 HOH A O   1 
HETATM 895 O O   . HOH C 2 .  ? 29.883  -6.089  3.506   0.50 50.96  ? 145 HOH A O   1 
HETATM 896 O O   . HOH C 2 .  ? -3.016  9.015   -18.558 1.00 62.90  ? 146 HOH A O   1 
HETATM 897 O O   . HOH C 2 .  ? -8.096  9.609   -17.000 1.00 66.66  ? 147 HOH A O   1 
HETATM 898 O O   . HOH D 2 .  ? -21.754 -1.322  -12.983 1.00 50.72  ? 101 HOH B O   1 
HETATM 899 O O   . HOH D 2 .  ? 22.285  -0.010  6.974   1.00 61.67  ? 102 HOH B O   1 
HETATM 900 O O   . HOH D 2 .  ? 3.737   -6.512  13.647  1.00 40.61  ? 103 HOH B O   1 
HETATM 901 O O   . HOH D 2 .  ? -8.740  -1.474  5.232   1.00 41.91  ? 104 HOH B O   1 
HETATM 902 O O   . HOH D 2 .  ? -0.340  -5.847  9.810   1.00 47.66  ? 105 HOH B O   1 
HETATM 903 O O   . HOH D 2 .  ? -11.156 -3.185  5.391   1.00 62.00  ? 106 HOH B O   1 
HETATM 904 O O   . HOH D 2 .  ? -10.937 -2.130  7.432   0.50 52.52  ? 107 HOH B O   1 
HETATM 905 O O   . HOH D 2 .  ? -22.097 -0.738  -3.957  1.00 53.99  ? 108 HOH B O   1 
HETATM 906 O O   . HOH D 2 .  ? -38.253 -2.524  -11.319 1.00 52.41  ? 109 HOH B O   1 
HETATM 907 O O   . HOH D 2 .  ? -17.165 0.599   -0.418  1.00 57.85  ? 110 HOH B O   1 
HETATM 908 O O   . HOH D 2 .  ? -10.341 -4.308  -3.400  1.00 35.88  ? 111 HOH B O   1 
HETATM 909 O O   . HOH D 2 .  ? -37.530 4.362   -11.994 1.00 43.02  ? 112 HOH B O   1 
HETATM 910 O O   . HOH D 2 .  ? 23.226  2.756   13.594  1.00 58.30  ? 113 HOH B O   1 
HETATM 911 O O   . HOH D 2 .  ? -24.743 -0.589  -5.423  1.00 34.12  ? 114 HOH B O   1 
HETATM 912 O O   . HOH D 2 .  ? -19.276 5.195   -10.542 1.00 28.86  ? 115 HOH B O   1 
HETATM 913 O O   . HOH D 2 .  ? -10.671 -3.042  0.834   1.00 35.62  ? 116 HOH B O   1 
HETATM 914 O O   . HOH D 2 .  ? -0.371  8.349   8.265   1.00 40.75  ? 117 HOH B O   1 
HETATM 915 O O   . HOH D 2 .  ? -14.829 0.133   -10.571 1.00 34.02  ? 118 HOH B O   1 
HETATM 916 O O   . HOH D 2 .  ? -11.048 6.325   -3.035  1.00 39.51  ? 119 HOH B O   1 
HETATM 917 O O   . HOH D 2 .  ? -18.496 -2.817  -5.581  1.00 40.69  ? 120 HOH B O   1 
HETATM 918 O O   . HOH D 2 .  ? 8.647   3.047   6.733   1.00 40.44  ? 121 HOH B O   1 
HETATM 919 O O   . HOH D 2 .  ? -12.351 -3.839  -5.022  1.00 32.62  ? 122 HOH B O   1 
HETATM 920 O O   . HOH D 2 .  ? 10.815  4.397   7.549   1.00 46.26  ? 123 HOH B O   1 
HETATM 921 O O   . HOH D 2 .  ? -34.546 -1.979  -13.537 0.50 38.20  ? 124 HOH B O   1 
HETATM 922 O O   . HOH D 2 .  ? 11.814  -4.694  14.642  1.00 41.15  ? 125 HOH B O   1 
HETATM 923 O O   . HOH D 2 .  ? -4.870  -4.970  2.320   1.00 37.93  ? 126 HOH B O   1 
HETATM 924 O O   . HOH D 2 .  ? -9.421  -0.295  -9.721  1.00 54.56  ? 127 HOH B O   1 
HETATM 925 O O   . HOH D 2 .  ? -31.392 2.086   -3.712  1.00 59.23  ? 128 HOH B O   1 
HETATM 926 O O   . HOH D 2 .  ? -28.282 -4.108  -16.984 1.00 58.99  ? 129 HOH B O   1 
HETATM 927 O O   . HOH D 2 .  ? -10.355 5.444   0.598   1.00 42.93  ? 130 HOH B O   1 
HETATM 928 O O   . HOH D 2 .  ? 16.725  -2.713  22.293  1.00 52.92  ? 131 HOH B O   1 
HETATM 929 O O   . HOH D 2 .  ? 4.055   -6.327  3.500   1.00 48.65  ? 132 HOH B O   1 
HETATM 930 O O   . HOH D 2 .  ? -15.369 -2.232  -11.250 1.00 45.30  ? 133 HOH B O   1 
HETATM 931 O O   . HOH D 2 .  ? -1.877  -1.971  7.785   1.00 42.66  ? 134 HOH B O   1 
HETATM 932 O O   . HOH D 2 .  ? -7.421  1.907   4.090   1.00 38.11  ? 135 HOH B O   1 
HETATM 933 O O   . HOH D 2 .  ? -1.370  4.157   3.124   1.00 40.69  ? 136 HOH B O   1 
HETATM 934 O O   . HOH D 2 .  ? 4.102   -9.838  4.042   1.00 62.36  ? 137 HOH B O   1 
HETATM 935 O O   . HOH D 2 .  ? -20.933 7.642   -2.240  1.00 47.29  ? 138 HOH B O   1 
HETATM 936 O O   . HOH D 2 .  ? -4.922  -7.376  0.622   0.50 51.08  ? 139 HOH B O   1 
HETATM 937 O O   . HOH D 2 .  ? -9.713  8.000   -0.256  1.00 45.29  ? 140 HOH B O   1 
HETATM 938 O O   . HOH D 2 .  ? -2.453  -5.463  4.122   1.00 38.67  ? 141 HOH B O   1 
HETATM 939 O O   . HOH D 2 .  ? -33.932 3.353   -3.522  1.00 48.24  ? 142 HOH B O   1 
HETATM 940 O O   . HOH D 2 .  ? -0.371  -5.054  12.768  1.00 46.05  ? 143 HOH B O   1 
HETATM 941 O O   . HOH D 2 .  ? -39.463 -1.694  -8.666  1.00 55.59  ? 144 HOH B O   1 
HETATM 942 O O   . HOH D 2 .  ? -10.906 -5.304  -0.825  1.00 41.90  ? 145 HOH B O   1 
HETATM 943 O O   . HOH D 2 .  ? -9.514  -3.474  2.874   1.00 39.40  ? 146 HOH B O   1 
HETATM 944 O O   . HOH D 2 .  ? -17.300 -3.670  -10.037 1.00 45.79  ? 147 HOH B O   1 
HETATM 945 O O   . HOH D 2 .  ? -12.668 -3.598  -12.403 1.00 59.86  ? 148 HOH B O   1 
HETATM 946 O O   . HOH D 2 .  ? -7.373  -5.239  3.397   0.50 34.53  ? 149 HOH B O   1 
# 
